data_5ELF
#
_entry.id   5ELF
#
_cell.length_a   63.626
_cell.length_b   84.720
_cell.length_c   195.680
_cell.angle_alpha   90.00
_cell.angle_beta   90.00
_cell.angle_gamma   90.00
#
_symmetry.space_group_name_H-M   'P 21 21 21'
#
loop_
_entity.id
_entity.type
_entity.pdbx_description
1 polymer 'Cholera enterotoxin subunit B'
2 branched alpha-L-fucopyranose-(1-2)-[2-acetamido-2-deoxy-alpha-D-galactopyranose-(1-3)]beta-D-galactopyranose-(1-4)-[alpha-L-fucopyranose-(1-3)]alpha-D-glucopyranose
3 branched alpha-L-fucopyranose-(1-2)-[2-acetamido-2-deoxy-alpha-D-galactopyranose-(1-3)]beta-D-galactopyranose-(1-4)-[alpha-L-fucopyranose-(1-3)]beta-D-glucopyranose
4 non-polymer 'CALCIUM ION'
5 non-polymer BICINE
6 non-polymer alpha-L-fucopyranose
7 non-polymer alpha-D-glucopyranose
8 non-polymer 'TETRAETHYLENE GLYCOL'
9 water water
#
_entity_poly.entity_id   1
_entity_poly.type   'polypeptide(L)'
_entity_poly.pdbx_seq_one_letter_code
;TPQNITDLCAEYHNTQIYTLNDKIFSYTESLAGKREMAIITFKNGAIFQVEVPGSQHIDSQKKAIERMKDTLRIAYLTEA
KVEKLCVWNNKTPHAIAAISMAN
;
_entity_poly.pdbx_strand_id   A,B,C,D,E,F,G,H,I,J
#
loop_
_chem_comp.id
_chem_comp.type
_chem_comp.name
_chem_comp.formula
A2G D-saccharide, alpha linking 2-acetamido-2-deoxy-alpha-D-galactopyranose 'C8 H15 N O6'
BCN non-polymer BICINE 'C6 H13 N O4'
BGC D-saccharide, beta linking beta-D-glucopyranose 'C6 H12 O6'
CA non-polymer 'CALCIUM ION' 'Ca 2'
FUC L-saccharide, alpha linking alpha-L-fucopyranose 'C6 H12 O5'
GAL D-saccharide, beta linking beta-D-galactopyranose 'C6 H12 O6'
GLC D-saccharide, alpha linking alpha-D-glucopyranose 'C6 H12 O6'
PG4 non-polymer 'TETRAETHYLENE GLYCOL' 'C8 H18 O5'
#
# COMPACT_ATOMS: atom_id res chain seq x y z
N THR A 1 2.59 37.86 0.57
CA THR A 1 2.76 36.42 0.17
C THR A 1 1.45 35.85 -0.23
N PRO A 2 1.38 35.16 -1.37
CA PRO A 2 0.09 34.66 -1.83
C PRO A 2 -0.37 33.47 -0.95
N GLN A 3 -1.66 33.14 -0.99
CA GLN A 3 -2.22 32.06 -0.19
C GLN A 3 -2.65 30.88 -1.01
N ASN A 4 -2.48 30.95 -2.32
CA ASN A 4 -2.84 29.85 -3.18
C ASN A 4 -2.06 29.97 -4.50
N ILE A 5 -2.15 28.93 -5.29
CA ILE A 5 -1.41 28.83 -6.53
C ILE A 5 -1.84 29.85 -7.61
N THR A 6 -3.14 30.09 -7.71
CA THR A 6 -3.67 31.07 -8.69
C THR A 6 -3.12 32.47 -8.44
N ASP A 7 -3.15 32.94 -7.19
CA ASP A 7 -2.53 34.22 -6.83
C ASP A 7 -1.04 34.27 -7.01
N LEU A 8 -0.34 33.17 -6.73
CA LEU A 8 1.09 33.11 -6.91
C LEU A 8 1.37 33.25 -8.38
N CYS A 9 0.63 32.53 -9.21
CA CYS A 9 0.88 32.51 -10.63
C CYS A 9 0.74 33.92 -11.22
N ALA A 10 -0.29 34.61 -10.77
CA ALA A 10 -0.57 35.98 -11.22
C ALA A 10 0.50 37.04 -10.86
N GLU A 11 1.38 36.75 -9.91
CA GLU A 11 2.52 37.62 -9.65
C GLU A 11 3.64 37.57 -10.73
N TYR A 12 3.50 36.77 -11.79
CA TYR A 12 4.56 36.63 -12.80
C TYR A 12 4.02 36.93 -14.16
N HIS A 13 4.88 37.42 -15.05
CA HIS A 13 4.52 37.58 -16.46
C HIS A 13 4.65 36.24 -17.15
N ASN A 14 3.95 36.09 -18.27
CA ASN A 14 4.07 34.93 -19.15
C ASN A 14 3.72 33.62 -18.46
N THR A 15 2.83 33.70 -17.48
CA THR A 15 2.29 32.50 -16.81
C THR A 15 0.81 32.30 -17.03
N GLN A 16 0.39 31.07 -16.86
CA GLN A 16 -1.04 30.76 -16.78
CA GLN A 16 -1.03 30.68 -16.92
C GLN A 16 -1.23 29.49 -16.01
N ILE A 17 -2.42 29.39 -15.43
CA ILE A 17 -2.87 28.21 -14.71
C ILE A 17 -3.52 27.25 -15.66
N TYR A 18 -3.11 25.98 -15.59
CA TYR A 18 -3.85 24.90 -16.25
C TYR A 18 -4.49 24.12 -15.14
N THR A 19 -5.76 23.77 -15.29
CA THR A 19 -6.49 23.02 -14.29
C THR A 19 -6.64 21.64 -14.84
N LEU A 20 -5.91 20.70 -14.24
CA LEU A 20 -5.88 19.31 -14.71
C LEU A 20 -6.86 18.45 -13.97
N ASN A 21 -6.88 18.55 -12.64
CA ASN A 21 -7.67 17.66 -11.80
C ASN A 21 -7.57 16.19 -12.27
N ASP A 22 -6.32 15.74 -12.44
CA ASP A 22 -6.09 14.39 -12.95
C ASP A 22 -4.69 13.96 -12.53
N LYS A 23 -4.49 12.65 -12.45
CA LYS A 23 -3.13 12.15 -12.15
C LYS A 23 -2.21 12.35 -13.37
N ILE A 24 -0.89 12.29 -13.12
CA ILE A 24 0.11 12.34 -14.18
C ILE A 24 0.00 11.08 -15.01
N PHE A 25 -0.15 11.23 -16.32
CA PHE A 25 -0.20 10.07 -17.22
C PHE A 25 1.18 9.44 -17.50
N SER A 26 2.22 10.26 -17.70
CA SER A 26 3.58 9.78 -17.91
C SER A 26 4.61 10.68 -17.30
N TYR A 27 5.69 10.06 -16.85
CA TYR A 27 6.82 10.75 -16.27
C TYR A 27 8.07 10.38 -17.01
N THR A 28 8.83 11.40 -17.42
CA THR A 28 10.03 11.20 -18.20
C THR A 28 11.13 12.04 -17.56
N GLU A 29 12.29 11.44 -17.40
CA GLU A 29 13.43 12.07 -16.76
C GLU A 29 14.70 11.81 -17.59
N SER A 30 15.55 12.85 -17.73
CA SER A 30 16.78 12.74 -18.48
C SER A 30 17.99 13.28 -17.73
N LEU A 31 19.12 12.57 -17.84
CA LEU A 31 20.40 13.01 -17.32
C LEU A 31 21.39 13.44 -18.43
N ALA A 32 20.95 13.36 -19.69
CA ALA A 32 21.84 13.63 -20.85
C ALA A 32 22.27 15.08 -20.79
N GLY A 33 23.54 15.32 -21.11
CA GLY A 33 24.09 16.68 -21.01
C GLY A 33 23.32 17.72 -21.78
N LYS A 34 23.06 18.83 -21.10
CA LYS A 34 22.22 19.93 -21.61
C LYS A 34 20.72 19.62 -21.70
N ARG A 35 20.30 18.42 -21.28
CA ARG A 35 18.88 18.04 -21.23
C ARG A 35 18.55 17.40 -19.88
N GLU A 36 19.07 18.00 -18.80
CA GLU A 36 18.87 17.48 -17.43
C GLU A 36 17.50 18.05 -16.94
N MET A 37 16.44 17.33 -17.30
CA MET A 37 15.10 17.84 -17.23
C MET A 37 14.12 16.69 -16.98
N ALA A 38 12.88 17.09 -16.69
CA ALA A 38 11.78 16.14 -16.55
C ALA A 38 10.64 16.64 -17.41
N ILE A 39 9.83 15.72 -17.92
CA ILE A 39 8.70 15.98 -18.75
C ILE A 39 7.54 15.12 -18.17
N ILE A 40 6.40 15.77 -17.92
CA ILE A 40 5.18 15.04 -17.63
C ILE A 40 4.06 15.30 -18.61
N THR A 41 3.19 14.30 -18.73
CA THR A 41 2.07 14.36 -19.61
C THR A 41 0.81 14.04 -18.83
N PHE A 42 -0.32 14.47 -19.40
CA PHE A 42 -1.67 14.17 -18.87
C PHE A 42 -2.49 13.54 -19.94
N LYS A 43 -3.52 12.77 -19.53
CA LYS A 43 -4.35 12.04 -20.46
C LYS A 43 -4.92 12.94 -21.56
N ASN A 44 -5.18 14.17 -21.18
CA ASN A 44 -5.78 15.13 -22.08
C ASN A 44 -4.81 15.63 -23.15
N GLY A 45 -3.57 15.15 -23.15
CA GLY A 45 -2.57 15.59 -24.12
C GLY A 45 -1.65 16.71 -23.70
N ALA A 46 -1.90 17.32 -22.55
CA ALA A 46 -1.00 18.35 -22.07
C ALA A 46 0.40 17.75 -21.81
N ILE A 47 1.45 18.50 -22.16
CA ILE A 47 2.86 18.15 -21.90
C ILE A 47 3.48 19.31 -21.19
N PHE A 48 4.14 19.06 -20.06
CA PHE A 48 4.84 20.13 -19.36
C PHE A 48 6.26 19.74 -18.99
N GLN A 49 7.16 20.72 -18.82
CA GLN A 49 8.56 20.38 -18.47
C GLN A 49 8.91 20.99 -17.14
N VAL A 50 9.86 20.39 -16.43
CA VAL A 50 10.66 21.19 -15.49
C VAL A 50 11.92 21.55 -16.28
N GLU A 51 12.15 22.86 -16.45
CA GLU A 51 13.32 23.30 -17.25
C GLU A 51 14.69 22.80 -16.78
N VAL A 52 15.58 22.57 -17.73
CA VAL A 52 17.00 22.47 -17.41
C VAL A 52 17.37 23.76 -16.65
N PRO A 53 18.13 23.67 -15.55
CA PRO A 53 18.59 24.86 -14.87
C PRO A 53 19.53 25.67 -15.77
N GLY A 54 19.45 26.99 -15.68
CA GLY A 54 20.08 27.92 -16.62
C GLY A 54 20.11 29.33 -16.03
N SER A 55 20.58 30.27 -16.84
CA SER A 55 20.71 31.68 -16.41
C SER A 55 19.34 32.40 -16.13
N GLN A 56 18.24 31.87 -16.67
CA GLN A 56 16.89 32.34 -16.31
C GLN A 56 16.43 32.03 -14.87
N HIS A 57 17.21 31.22 -14.15
CA HIS A 57 16.95 30.84 -12.78
C HIS A 57 17.89 31.56 -11.85
N ILE A 58 17.39 32.06 -10.73
CA ILE A 58 18.28 32.54 -9.68
C ILE A 58 18.75 31.42 -8.76
N ASP A 59 19.84 31.65 -8.02
CA ASP A 59 20.38 30.67 -7.06
C ASP A 59 19.32 30.07 -6.14
N SER A 60 18.36 30.86 -5.65
CA SER A 60 17.35 30.33 -4.71
C SER A 60 16.40 29.35 -5.39
N GLN A 61 16.31 29.40 -6.70
CA GLN A 61 15.46 28.49 -7.44
C GLN A 61 16.08 27.10 -7.63
N LYS A 62 17.40 26.95 -7.41
CA LYS A 62 18.05 25.70 -7.80
C LYS A 62 17.52 24.51 -7.01
N LYS A 63 17.47 24.68 -5.68
CA LYS A 63 16.93 23.64 -4.82
C LYS A 63 15.48 23.39 -5.12
N ALA A 64 14.70 24.43 -5.41
CA ALA A 64 13.28 24.23 -5.67
C ALA A 64 13.07 23.47 -6.98
N ILE A 65 13.93 23.65 -7.97
CA ILE A 65 13.82 22.90 -9.21
C ILE A 65 14.05 21.41 -8.94
N GLU A 66 15.04 21.10 -8.14
CA GLU A 66 15.30 19.68 -7.75
C GLU A 66 14.08 19.12 -6.96
N ARG A 67 13.58 19.91 -6.01
CA ARG A 67 12.39 19.55 -5.27
C ARG A 67 11.20 19.24 -6.20
N MET A 68 10.94 20.10 -7.19
CA MET A 68 9.81 19.89 -8.08
C MET A 68 9.88 18.57 -8.82
N LYS A 69 11.04 18.25 -9.35
CA LYS A 69 11.25 16.94 -10.01
C LYS A 69 11.02 15.78 -9.05
N ASP A 70 11.45 15.92 -7.79
CA ASP A 70 11.15 14.92 -6.74
C ASP A 70 9.62 14.81 -6.57
N THR A 71 8.94 15.95 -6.54
CA THR A 71 7.48 15.98 -6.32
C THR A 71 6.76 15.30 -7.46
N LEU A 72 7.16 15.60 -8.67
CA LEU A 72 6.47 15.04 -9.81
C LEU A 72 6.62 13.55 -9.88
N ARG A 73 7.83 13.06 -9.62
CA ARG A 73 8.07 11.61 -9.60
C ARG A 73 7.16 10.90 -8.59
N ILE A 74 7.19 11.38 -7.35
CA ILE A 74 6.41 10.72 -6.31
C ILE A 74 4.91 10.92 -6.53
N ALA A 75 4.50 12.08 -7.06
CA ALA A 75 3.07 12.27 -7.42
C ALA A 75 2.68 11.21 -8.46
N TYR A 76 3.57 10.99 -9.42
CA TYR A 76 3.30 10.04 -10.50
C TYR A 76 3.17 8.63 -9.93
N LEU A 77 4.09 8.25 -9.02
CA LEU A 77 4.12 6.89 -8.50
C LEU A 77 2.95 6.58 -7.50
N THR A 78 2.43 7.61 -6.88
CA THR A 78 1.30 7.55 -5.96
C THR A 78 -0.02 7.79 -6.69
N GLU A 79 0.00 8.01 -8.01
CA GLU A 79 -1.20 8.39 -8.76
C GLU A 79 -1.97 9.55 -8.10
N ALA A 80 -1.20 10.54 -7.59
CA ALA A 80 -1.77 11.67 -6.90
C ALA A 80 -2.47 12.62 -7.91
N LYS A 81 -3.70 13.00 -7.60
CA LYS A 81 -4.42 13.99 -8.41
CA LYS A 81 -4.39 13.97 -8.45
C LYS A 81 -3.69 15.33 -8.40
N VAL A 82 -3.37 15.83 -9.57
CA VAL A 82 -2.80 17.19 -9.68
C VAL A 82 -3.98 18.11 -9.95
N GLU A 83 -4.15 19.12 -9.11
CA GLU A 83 -5.24 20.09 -9.22
C GLU A 83 -4.83 21.07 -10.35
N LYS A 84 -3.83 21.90 -10.05
CA LYS A 84 -3.37 22.94 -10.98
C LYS A 84 -1.87 22.96 -11.17
N LEU A 85 -1.46 23.49 -12.31
CA LEU A 85 -0.08 23.80 -12.59
C LEU A 85 -0.04 25.27 -13.00
N CYS A 86 0.86 26.01 -12.40
CA CYS A 86 1.23 27.34 -12.89
C CYS A 86 2.43 27.12 -13.81
N VAL A 87 2.31 27.55 -15.06
CA VAL A 87 3.32 27.31 -16.03
C VAL A 87 3.70 28.59 -16.79
N TRP A 88 4.96 28.62 -17.24
CA TRP A 88 5.42 29.65 -18.18
C TRP A 88 4.97 29.21 -19.56
N ASN A 89 4.19 30.06 -20.21
CA ASN A 89 3.68 29.71 -21.53
C ASN A 89 4.51 30.30 -22.68
N ASN A 90 5.66 30.86 -22.38
CA ASN A 90 6.61 31.29 -23.42
C ASN A 90 7.75 30.28 -23.59
N LYS A 91 7.50 29.01 -23.22
CA LYS A 91 8.43 27.91 -23.42
C LYS A 91 7.64 26.76 -23.97
N THR A 92 8.30 25.88 -24.73
CA THR A 92 7.68 24.72 -25.32
C THR A 92 8.53 23.48 -25.00
N PRO A 93 7.97 22.44 -24.36
CA PRO A 93 6.74 22.47 -23.54
C PRO A 93 6.64 23.58 -22.51
N HIS A 94 5.40 23.92 -22.10
CA HIS A 94 5.27 24.93 -21.07
C HIS A 94 5.98 24.44 -19.79
N ALA A 95 6.59 25.38 -19.11
CA ALA A 95 7.53 25.12 -18.04
C ALA A 95 6.89 25.34 -16.68
N ILE A 96 7.02 24.32 -15.83
CA ILE A 96 6.40 24.34 -14.52
C ILE A 96 7.04 25.32 -13.58
N ALA A 97 6.16 26.22 -13.05
CA ALA A 97 6.48 27.12 -11.95
C ALA A 97 6.00 26.68 -10.59
N ALA A 98 4.81 26.12 -10.55
CA ALA A 98 4.15 25.70 -9.30
C ALA A 98 3.12 24.62 -9.57
N ILE A 99 2.89 23.83 -8.54
CA ILE A 99 1.94 22.70 -8.58
C ILE A 99 1.09 22.72 -7.31
N SER A 100 -0.17 22.34 -7.49
CA SER A 100 -1.07 22.09 -6.38
C SER A 100 -1.68 20.70 -6.58
N MET A 101 -1.80 19.99 -5.47
CA MET A 101 -2.48 18.70 -5.39
C MET A 101 -3.58 18.74 -4.35
N ALA A 102 -4.68 18.08 -4.68
CA ALA A 102 -5.84 17.91 -3.80
C ALA A 102 -6.71 16.80 -4.41
N ASN A 103 -7.43 16.03 -3.60
CA ASN A 103 -8.33 15.02 -4.14
C ASN A 103 -9.46 14.73 -3.14
N THR B 1 15.41 21.99 26.88
CA THR B 1 14.85 21.43 25.61
C THR B 1 13.42 20.99 25.88
N PRO B 2 12.48 21.40 25.02
CA PRO B 2 11.07 21.05 25.25
C PRO B 2 10.78 19.59 24.96
N GLN B 3 9.68 19.06 25.47
CA GLN B 3 9.28 17.67 25.26
C GLN B 3 8.13 17.44 24.35
N ASN B 4 7.52 18.51 23.88
CA ASN B 4 6.39 18.43 22.97
C ASN B 4 6.20 19.76 22.22
N ILE B 5 5.39 19.71 21.16
CA ILE B 5 5.23 20.84 20.26
C ILE B 5 4.65 22.10 20.95
N THR B 6 3.75 21.86 21.87
CA THR B 6 3.08 22.93 22.62
C THR B 6 4.08 23.76 23.45
N ASP B 7 4.95 23.07 24.19
CA ASP B 7 6.02 23.72 24.94
C ASP B 7 7.07 24.36 24.06
N LEU B 8 7.44 23.72 22.96
CA LEU B 8 8.40 24.30 22.04
C LEU B 8 7.81 25.63 21.48
N CYS B 9 6.57 25.56 21.01
CA CYS B 9 5.88 26.74 20.47
C CYS B 9 5.86 27.90 21.47
N ALA B 10 5.57 27.59 22.72
CA ALA B 10 5.56 28.60 23.78
C ALA B 10 6.90 29.26 24.08
N GLU B 11 8.02 28.73 23.58
CA GLU B 11 9.31 29.38 23.68
C GLU B 11 9.53 30.55 22.68
N TYR B 12 8.56 30.87 21.82
CA TYR B 12 8.77 31.90 20.78
C TYR B 12 7.70 32.96 20.88
N HIS B 13 8.06 34.19 20.51
CA HIS B 13 7.04 35.25 20.37
C HIS B 13 6.28 35.07 19.05
N ASN B 14 5.03 35.53 19.05
CA ASN B 14 4.21 35.61 17.85
C ASN B 14 3.94 34.22 17.27
N THR B 15 3.66 33.25 18.15
CA THR B 15 3.29 31.90 17.77
C THR B 15 2.02 31.46 18.46
N GLN B 16 1.31 30.53 17.82
CA GLN B 16 0.19 29.88 18.44
C GLN B 16 0.11 28.43 17.92
N ILE B 17 -0.62 27.61 18.65
CA ILE B 17 -0.82 26.23 18.28
C ILE B 17 -2.18 26.15 17.60
N TYR B 18 -2.25 25.55 16.41
CA TYR B 18 -3.49 25.09 15.84
C TYR B 18 -3.54 23.59 16.04
N THR B 19 -4.72 23.06 16.36
CA THR B 19 -4.92 21.67 16.62
C THR B 19 -5.84 21.23 15.51
N LEU B 20 -5.31 20.50 14.52
CA LEU B 20 -6.11 20.13 13.36
C LEU B 20 -6.73 18.77 13.47
N ASN B 21 -5.95 17.78 13.91
CA ASN B 21 -6.43 16.40 13.92
C ASN B 21 -7.07 15.95 12.65
N ASP B 22 -6.37 16.25 11.58
CA ASP B 22 -6.86 15.92 10.25
C ASP B 22 -5.70 15.85 9.30
N LYS B 23 -5.95 15.20 8.18
CA LYS B 23 -4.97 15.13 7.11
C LYS B 23 -4.93 16.44 6.34
N ILE B 24 -3.85 16.67 5.63
CA ILE B 24 -3.73 17.85 4.77
C ILE B 24 -4.69 17.70 3.58
N PHE B 25 -5.48 18.76 3.34
CA PHE B 25 -6.41 18.76 2.22
C PHE B 25 -5.76 19.07 0.88
N SER B 26 -4.84 20.05 0.84
CA SER B 26 -4.10 20.33 -0.39
C SER B 26 -2.68 20.73 -0.07
N TYR B 27 -1.82 20.42 -1.00
CA TYR B 27 -0.39 20.72 -0.98
C TYR B 27 -0.05 21.47 -2.26
N THR B 28 0.60 22.62 -2.08
CA THR B 28 1.10 23.43 -3.15
C THR B 28 2.59 23.74 -2.93
N GLU B 29 3.40 23.64 -3.98
CA GLU B 29 4.78 24.11 -3.92
C GLU B 29 5.18 24.89 -5.17
N SER B 30 6.06 25.85 -4.96
CA SER B 30 6.51 26.72 -6.04
C SER B 30 8.01 26.77 -6.20
N LEU B 31 8.46 26.79 -7.44
CA LEU B 31 9.88 27.02 -7.74
C LEU B 31 10.14 28.43 -8.29
N ALA B 32 9.07 29.24 -8.47
CA ALA B 32 9.22 30.58 -9.07
C ALA B 32 10.11 31.49 -8.18
N GLY B 33 10.89 32.34 -8.84
CA GLY B 33 11.88 33.14 -8.17
C GLY B 33 11.30 34.05 -7.12
N LYS B 34 11.89 34.04 -5.93
CA LYS B 34 11.35 34.75 -4.77
C LYS B 34 10.11 34.15 -4.13
N ARG B 35 9.52 33.10 -4.74
CA ARG B 35 8.33 32.40 -4.16
C ARG B 35 8.60 30.88 -4.10
N GLU B 36 9.78 30.55 -3.62
CA GLU B 36 10.24 29.15 -3.50
C GLU B 36 9.72 28.73 -2.16
N MET B 37 8.46 28.31 -2.13
CA MET B 37 7.72 28.13 -0.89
C MET B 37 6.75 26.96 -1.05
N ALA B 38 6.18 26.51 0.07
CA ALA B 38 5.06 25.58 0.04
C ALA B 38 3.87 26.14 0.81
N ILE B 39 2.69 25.70 0.41
CA ILE B 39 1.43 26.04 1.05
C ILE B 39 0.58 24.82 1.29
N ILE B 40 0.06 24.70 2.50
CA ILE B 40 -0.91 23.64 2.81
C ILE B 40 -2.26 24.23 3.25
N THR B 41 -3.31 23.49 2.94
CA THR B 41 -4.66 23.76 3.42
C THR B 41 -5.27 22.52 4.05
N PHE B 42 -6.15 22.80 5.00
CA PHE B 42 -6.98 21.81 5.66
C PHE B 42 -8.44 22.03 5.28
N LYS B 43 -9.23 20.99 5.45
CA LYS B 43 -10.60 21.00 4.99
C LYS B 43 -11.45 22.05 5.72
N ASN B 44 -11.06 22.38 6.95
CA ASN B 44 -11.67 23.44 7.70
C ASN B 44 -11.34 24.86 7.20
N GLY B 45 -10.63 24.97 6.08
CA GLY B 45 -10.24 26.23 5.52
C GLY B 45 -8.98 26.86 6.03
N ALA B 46 -8.27 26.27 7.02
CA ALA B 46 -6.99 26.83 7.48
C ALA B 46 -5.93 26.68 6.39
N ILE B 47 -5.06 27.69 6.30
CA ILE B 47 -4.03 27.81 5.25
C ILE B 47 -2.72 28.12 5.94
N PHE B 48 -1.65 27.44 5.56
CA PHE B 48 -0.32 27.70 6.17
C PHE B 48 0.75 27.64 5.12
N GLN B 49 1.84 28.34 5.39
CA GLN B 49 2.99 28.33 4.50
C GLN B 49 4.25 27.79 5.20
N VAL B 50 5.15 27.25 4.39
CA VAL B 50 6.54 27.19 4.78
C VAL B 50 7.22 28.37 4.06
N GLU B 51 7.82 29.27 4.82
CA GLU B 51 8.38 30.52 4.27
C GLU B 51 9.50 30.33 3.29
N VAL B 52 9.56 31.25 2.32
CA VAL B 52 10.66 31.36 1.44
C VAL B 52 11.89 31.58 2.33
N PRO B 53 12.98 30.80 2.12
CA PRO B 53 14.17 31.04 2.98
C PRO B 53 14.72 32.47 2.82
N GLY B 54 15.18 33.07 3.91
CA GLY B 54 15.45 34.50 3.92
C GLY B 54 16.25 34.90 5.13
N SER B 55 16.58 36.19 5.20
CA SER B 55 17.45 36.73 6.26
C SER B 55 16.79 36.72 7.64
N GLN B 56 15.49 36.45 7.69
CA GLN B 56 14.84 36.13 8.95
C GLN B 56 15.13 34.70 9.52
N HIS B 57 15.88 33.89 8.78
CA HIS B 57 16.26 32.55 9.22
C HIS B 57 17.77 32.47 9.38
N ILE B 58 18.21 31.86 10.48
CA ILE B 58 19.63 31.55 10.72
C ILE B 58 20.02 30.31 9.94
N ASP B 59 21.31 30.13 9.70
CA ASP B 59 21.79 29.10 8.77
CA ASP B 59 21.74 29.11 8.74
C ASP B 59 21.28 27.70 9.17
N SER B 60 21.26 27.44 10.47
CA SER B 60 20.79 26.14 10.97
C SER B 60 19.35 25.83 10.60
N GLN B 61 18.54 26.85 10.29
CA GLN B 61 17.16 26.61 9.86
C GLN B 61 17.04 26.16 8.41
N LYS B 62 18.08 26.42 7.61
CA LYS B 62 18.02 26.20 6.16
CA LYS B 62 17.93 26.23 6.18
C LYS B 62 17.67 24.76 5.83
N LYS B 63 18.44 23.83 6.42
CA LYS B 63 18.16 22.38 6.22
C LYS B 63 16.79 21.98 6.78
N ALA B 64 16.41 22.56 7.92
CA ALA B 64 15.16 22.22 8.56
C ALA B 64 13.93 22.74 7.79
N ILE B 65 14.08 23.87 7.12
CA ILE B 65 13.05 24.32 6.22
C ILE B 65 12.88 23.30 5.07
N GLU B 66 13.98 22.82 4.52
CA GLU B 66 13.88 21.86 3.41
C GLU B 66 13.23 20.54 3.92
N ARG B 67 13.61 20.10 5.13
CA ARG B 67 13.00 18.91 5.73
C ARG B 67 11.50 19.13 5.91
N MET B 68 11.09 20.28 6.45
CA MET B 68 9.68 20.52 6.63
C MET B 68 8.84 20.35 5.34
N LYS B 69 9.31 20.90 4.23
CA LYS B 69 8.65 20.72 2.94
C LYS B 69 8.60 19.24 2.51
N ASP B 70 9.68 18.50 2.75
CA ASP B 70 9.68 17.04 2.52
C ASP B 70 8.59 16.41 3.40
N THR B 71 8.57 16.79 4.68
CA THR B 71 7.61 16.18 5.63
C THR B 71 6.14 16.47 5.21
N LEU B 72 5.88 17.69 4.80
CA LEU B 72 4.48 18.04 4.43
C LEU B 72 4.05 17.31 3.17
N ARG B 73 4.95 17.19 2.18
CA ARG B 73 4.63 16.46 0.93
C ARG B 73 4.27 14.97 1.24
N ILE B 74 5.14 14.30 2.02
CA ILE B 74 4.92 12.87 2.29
C ILE B 74 3.70 12.70 3.23
N ALA B 75 3.50 13.61 4.17
CA ALA B 75 2.26 13.58 4.98
C ALA B 75 1.02 13.68 4.10
N TYR B 76 1.04 14.61 3.15
CA TYR B 76 -0.07 14.79 2.21
C TYR B 76 -0.33 13.48 1.44
N LEU B 77 0.73 12.90 0.95
CA LEU B 77 0.62 11.75 0.03
C LEU B 77 0.22 10.45 0.73
N THR B 78 0.47 10.39 2.04
CA THR B 78 0.13 9.23 2.86
C THR B 78 -1.16 9.49 3.67
N GLU B 79 -1.77 10.66 3.50
CA GLU B 79 -2.92 11.08 4.26
C GLU B 79 -2.68 10.99 5.76
N ALA B 80 -1.47 11.39 6.23
CA ALA B 80 -1.16 11.28 7.66
C ALA B 80 -1.92 12.34 8.44
N LYS B 81 -2.51 11.95 9.56
CA LYS B 81 -3.18 12.91 10.42
C LYS B 81 -2.17 13.86 11.00
N VAL B 82 -2.37 15.15 10.78
CA VAL B 82 -1.63 16.16 11.47
C VAL B 82 -2.36 16.46 12.76
N GLU B 83 -1.67 16.34 13.86
CA GLU B 83 -2.23 16.69 15.14
C GLU B 83 -2.22 18.20 15.34
N LYS B 84 -1.06 18.77 15.55
CA LYS B 84 -0.88 20.23 15.76
C LYS B 84 0.15 20.83 14.82
N LEU B 85 -0.01 22.13 14.56
CA LEU B 85 1.03 22.94 13.95
C LEU B 85 1.27 24.07 14.90
N CYS B 86 2.54 24.33 15.19
CA CYS B 86 2.98 25.60 15.76
C CYS B 86 3.28 26.55 14.62
N VAL B 87 2.72 27.77 14.66
CA VAL B 87 2.90 28.72 13.54
C VAL B 87 3.16 30.13 14.02
N TRP B 88 3.89 30.90 13.20
CA TRP B 88 4.10 32.33 13.44
C TRP B 88 2.90 33.04 12.85
N ASN B 89 2.21 33.78 13.73
CA ASN B 89 0.97 34.48 13.42
C ASN B 89 1.15 35.95 13.00
N ASN B 90 2.40 36.39 12.93
CA ASN B 90 2.76 37.69 12.35
C ASN B 90 3.15 37.57 10.87
N LYS B 91 2.68 36.51 10.20
CA LYS B 91 2.86 36.33 8.77
C LYS B 91 1.56 35.91 8.18
N THR B 92 1.41 36.12 6.88
CA THR B 92 0.17 35.80 6.21
C THR B 92 0.48 35.10 4.87
N PRO B 93 -0.01 33.87 4.63
CA PRO B 93 -0.51 32.97 5.66
C PRO B 93 0.47 32.73 6.80
N HIS B 94 -0.09 32.29 7.93
CA HIS B 94 0.70 31.97 9.09
C HIS B 94 1.78 30.94 8.68
N ALA B 95 2.97 31.16 9.22
CA ALA B 95 4.15 30.43 8.80
C ALA B 95 4.42 29.24 9.76
N ILE B 96 4.63 28.08 9.20
CA ILE B 96 4.90 26.88 10.05
C ILE B 96 6.28 26.92 10.71
N ALA B 97 6.29 26.79 12.04
CA ALA B 97 7.50 26.54 12.83
C ALA B 97 7.71 25.05 13.19
N ALA B 98 6.64 24.29 13.35
CA ALA B 98 6.70 22.89 13.82
C ALA B 98 5.39 22.18 13.56
N ILE B 99 5.51 20.86 13.41
CA ILE B 99 4.39 19.97 13.16
C ILE B 99 4.49 18.73 14.09
N SER B 100 3.32 18.25 14.50
CA SER B 100 3.17 16.94 15.15
C SER B 100 2.16 16.12 14.42
N MET B 101 2.45 14.83 14.33
CA MET B 101 1.58 13.85 13.75
C MET B 101 1.37 12.72 14.75
N ALA B 102 0.14 12.27 14.85
CA ALA B 102 -0.28 11.27 15.81
C ALA B 102 -1.66 10.78 15.36
N ASN B 103 -1.96 9.52 15.65
CA ASN B 103 -3.17 8.84 15.16
C ASN B 103 -2.87 7.37 14.97
N THR C 1 34.53 -3.10 15.49
CA THR C 1 33.23 -2.47 15.16
C THR C 1 32.15 -3.35 15.83
N PRO C 2 31.19 -2.72 16.52
CA PRO C 2 30.09 -3.51 17.14
C PRO C 2 29.17 -4.13 16.08
N GLN C 3 28.52 -5.23 16.45
CA GLN C 3 27.65 -5.99 15.56
C GLN C 3 26.16 -5.85 15.83
N ASN C 4 25.83 -5.09 16.87
CA ASN C 4 24.44 -4.85 17.24
C ASN C 4 24.33 -3.61 18.08
N ILE C 5 23.07 -3.18 18.27
CA ILE C 5 22.83 -1.88 18.89
C ILE C 5 23.26 -1.85 20.33
N THR C 6 23.07 -2.97 21.03
CA THR C 6 23.46 -3.06 22.46
C THR C 6 24.97 -2.87 22.67
N ASP C 7 25.77 -3.56 21.86
CA ASP C 7 27.25 -3.43 21.95
C ASP C 7 27.71 -2.04 21.51
N LEU C 8 27.08 -1.48 20.49
CA LEU C 8 27.36 -0.11 20.09
C LEU C 8 27.10 0.86 21.22
N CYS C 9 25.96 0.70 21.86
CA CYS C 9 25.50 1.59 22.88
C CYS C 9 26.47 1.58 24.08
N ALA C 10 26.97 0.38 24.41
CA ALA C 10 27.96 0.18 25.49
C ALA C 10 29.32 0.90 25.25
N GLU C 11 29.64 1.26 24.01
CA GLU C 11 30.88 2.01 23.70
C GLU C 11 30.88 3.47 24.20
N TYR C 12 29.73 3.95 24.66
CA TYR C 12 29.60 5.34 25.06
C TYR C 12 29.25 5.47 26.52
N HIS C 13 29.69 6.56 27.14
CA HIS C 13 29.21 6.95 28.44
C HIS C 13 27.82 7.53 28.33
N ASN C 14 27.09 7.40 29.44
CA ASN C 14 25.82 8.09 29.67
C ASN C 14 24.76 7.62 28.70
N THR C 15 24.81 6.35 28.33
CA THR C 15 23.77 5.80 27.47
C THR C 15 23.09 4.67 28.17
N GLN C 16 21.90 4.36 27.68
CA GLN C 16 21.15 3.17 28.07
C GLN C 16 20.30 2.67 26.90
N ILE C 17 19.81 1.44 27.04
CA ILE C 17 18.95 0.80 26.08
C ILE C 17 17.49 0.84 26.55
N TYR C 18 16.56 1.11 25.63
CA TYR C 18 15.15 0.84 25.80
C TYR C 18 14.78 -0.20 24.78
N THR C 19 13.95 -1.13 25.16
CA THR C 19 13.40 -2.10 24.22
C THR C 19 11.92 -1.81 24.15
N LEU C 20 11.50 -1.18 23.04
CA LEU C 20 10.11 -0.75 22.85
C LEU C 20 9.24 -1.85 22.25
N ASN C 21 9.75 -2.54 21.25
CA ASN C 21 8.93 -3.48 20.46
C ASN C 21 7.59 -2.91 20.13
N ASP C 22 7.59 -1.73 19.53
CA ASP C 22 6.36 -1.03 19.24
C ASP C 22 6.64 0.07 18.19
N LYS C 23 5.58 0.42 17.49
CA LYS C 23 5.66 1.49 16.51
CA LYS C 23 5.61 1.49 16.51
C LYS C 23 5.71 2.82 17.23
N ILE C 24 6.12 3.85 16.50
CA ILE C 24 6.18 5.21 17.04
C ILE C 24 4.74 5.75 17.14
N PHE C 25 4.42 6.34 18.28
CA PHE C 25 3.07 6.84 18.56
C PHE C 25 2.85 8.23 17.99
N SER C 26 3.89 9.05 18.09
CA SER C 26 3.83 10.40 17.59
C SER C 26 5.18 10.86 17.10
N TYR C 27 5.14 11.66 16.04
CA TYR C 27 6.35 12.25 15.46
C TYR C 27 6.16 13.76 15.38
N THR C 28 7.14 14.50 15.90
CA THR C 28 7.17 15.97 15.89
C THR C 28 8.47 16.49 15.31
N GLU C 29 8.41 17.55 14.48
CA GLU C 29 9.64 18.20 14.08
C GLU C 29 9.46 19.69 14.02
N SER C 30 10.60 20.37 14.11
CA SER C 30 10.61 21.81 14.26
C SER C 30 11.72 22.42 13.43
N LEU C 31 11.38 23.51 12.76
CA LEU C 31 12.35 24.29 12.00
C LEU C 31 12.68 25.56 12.74
N ALA C 32 12.08 25.79 13.91
CA ALA C 32 12.36 27.06 14.60
C ALA C 32 13.82 27.25 15.04
N GLY C 33 14.28 28.50 15.03
CA GLY C 33 15.70 28.77 15.27
C GLY C 33 16.11 28.32 16.67
N LYS C 34 17.23 27.58 16.73
CA LYS C 34 17.77 26.95 17.95
CA LYS C 34 17.77 26.93 17.94
C LYS C 34 16.99 25.70 18.40
N ARG C 35 15.90 25.34 17.70
CA ARG C 35 15.10 24.14 18.03
C ARG C 35 14.87 23.29 16.75
N GLU C 36 15.90 23.13 15.94
CA GLU C 36 15.82 22.37 14.68
C GLU C 36 16.04 20.86 15.05
N MET C 37 14.96 20.22 15.47
CA MET C 37 14.99 18.90 16.12
C MET C 37 13.74 18.12 15.79
N ALA C 38 13.75 16.84 16.17
CA ALA C 38 12.61 15.99 16.14
C ALA C 38 12.41 15.39 17.52
N ILE C 39 11.16 15.07 17.82
CA ILE C 39 10.76 14.42 19.03
C ILE C 39 9.79 13.30 18.67
N ILE C 40 10.01 12.11 19.21
CA ILE C 40 9.12 10.96 19.04
C ILE C 40 8.62 10.48 20.36
N THR C 41 7.45 9.85 20.36
CA THR C 41 6.89 9.27 21.59
C THR C 41 6.39 7.90 21.31
N PHE C 42 6.31 7.09 22.36
CA PHE C 42 5.68 5.78 22.30
C PHE C 42 4.46 5.71 23.19
N LYS C 43 3.59 4.72 22.93
CA LYS C 43 2.34 4.56 23.67
C LYS C 43 2.56 4.40 25.16
N ASN C 44 3.65 3.75 25.53
CA ASN C 44 3.99 3.60 26.93
C ASN C 44 4.42 4.87 27.63
N GLY C 45 4.42 6.02 26.94
CA GLY C 45 4.81 7.29 27.52
C GLY C 45 6.23 7.74 27.31
N ALA C 46 7.13 6.89 26.80
CA ALA C 46 8.50 7.32 26.56
C ALA C 46 8.54 8.42 25.48
N ILE C 47 9.41 9.39 25.72
CA ILE C 47 9.65 10.55 24.86
C ILE C 47 11.14 10.67 24.58
N PHE C 48 11.51 10.77 23.30
CA PHE C 48 12.88 10.91 22.90
C PHE C 48 13.08 12.00 21.86
N GLN C 49 14.29 12.57 21.82
CA GLN C 49 14.66 13.60 20.85
C GLN C 49 15.78 13.17 19.93
N VAL C 50 15.82 13.76 18.74
CA VAL C 50 17.07 13.85 18.00
C VAL C 50 17.53 15.28 18.28
N GLU C 51 18.71 15.40 18.83
CA GLU C 51 19.18 16.71 19.27
C GLU C 51 19.38 17.71 18.15
N VAL C 52 19.20 18.96 18.53
CA VAL C 52 19.61 20.08 17.68
C VAL C 52 21.11 19.89 17.40
N PRO C 53 21.56 19.97 16.14
CA PRO C 53 23.00 19.85 15.87
C PRO C 53 23.81 20.96 16.52
N GLY C 54 25.02 20.64 16.97
CA GLY C 54 25.70 21.48 17.96
C GLY C 54 27.18 21.15 18.10
N SER C 55 27.85 21.88 19.00
CA SER C 55 29.29 21.74 19.26
C SER C 55 29.64 20.37 19.89
N GLN C 56 28.66 19.72 20.51
CA GLN C 56 28.85 18.36 21.05
C GLN C 56 28.93 17.28 19.95
N HIS C 57 28.67 17.67 18.71
CA HIS C 57 28.67 16.75 17.60
C HIS C 57 29.83 17.02 16.66
N ILE C 58 30.60 15.98 16.39
CA ILE C 58 31.68 16.07 15.40
C ILE C 58 31.06 16.13 14.00
N ASP C 59 31.80 16.69 13.04
CA ASP C 59 31.33 16.85 11.66
C ASP C 59 30.74 15.61 11.02
N SER C 60 31.34 14.43 11.29
CA SER C 60 30.84 13.16 10.76
C SER C 60 29.43 12.84 11.22
N GLN C 61 28.97 13.41 12.32
CA GLN C 61 27.66 13.14 12.87
C GLN C 61 26.57 13.98 12.20
N LYS C 62 26.94 15.08 11.56
CA LYS C 62 25.91 15.96 11.03
C LYS C 62 25.04 15.24 10.01
N LYS C 63 25.65 14.53 9.07
CA LYS C 63 24.89 13.78 8.09
C LYS C 63 24.04 12.71 8.77
N ALA C 64 24.55 12.12 9.85
CA ALA C 64 23.89 11.03 10.53
C ALA C 64 22.68 11.51 11.31
N ILE C 65 22.79 12.71 11.90
CA ILE C 65 21.67 13.33 12.54
C ILE C 65 20.52 13.55 11.54
N GLU C 66 20.85 14.03 10.35
CA GLU C 66 19.79 14.28 9.37
C GLU C 66 19.11 12.95 8.97
N ARG C 67 19.96 11.95 8.78
CA ARG C 67 19.46 10.63 8.38
C ARG C 67 18.53 10.06 9.41
N MET C 68 18.91 10.20 10.69
CA MET C 68 18.11 9.68 11.79
C MET C 68 16.72 10.28 11.75
N LYS C 69 16.64 11.60 11.57
CA LYS C 69 15.30 12.21 11.45
C LYS C 69 14.53 11.69 10.22
N ASP C 70 15.19 11.39 9.11
CA ASP C 70 14.55 10.78 7.94
C ASP C 70 14.01 9.40 8.32
N THR C 71 14.82 8.63 9.06
CA THR C 71 14.46 7.29 9.46
C THR C 71 13.26 7.31 10.37
N LEU C 72 13.26 8.20 11.35
CA LEU C 72 12.15 8.23 12.28
C LEU C 72 10.82 8.61 11.60
N ARG C 73 10.86 9.57 10.70
CA ARG C 73 9.69 10.00 9.99
C ARG C 73 9.14 8.84 9.18
N ILE C 74 9.98 8.13 8.42
CA ILE C 74 9.45 7.06 7.57
CA ILE C 74 9.47 7.05 7.57
C ILE C 74 9.02 5.84 8.42
N ALA C 75 9.73 5.58 9.53
CA ALA C 75 9.33 4.55 10.47
C ALA C 75 7.95 4.88 11.02
N TYR C 76 7.75 6.15 11.37
CA TYR C 76 6.40 6.57 11.87
C TYR C 76 5.32 6.35 10.80
N LEU C 77 5.59 6.82 9.57
CA LEU C 77 4.62 6.71 8.50
C LEU C 77 4.28 5.31 8.03
N THR C 78 5.20 4.38 8.19
CA THR C 78 4.94 3.02 7.83
C THR C 78 4.53 2.16 9.03
N GLU C 79 4.43 2.73 10.22
CA GLU C 79 4.12 1.98 11.42
C GLU C 79 5.11 0.84 11.70
N ALA C 80 6.39 1.14 11.45
CA ALA C 80 7.42 0.17 11.58
C ALA C 80 7.67 -0.06 13.04
N LYS C 81 7.82 -1.31 13.42
CA LYS C 81 8.15 -1.66 14.80
C LYS C 81 9.61 -1.27 15.15
N VAL C 82 9.75 -0.45 16.19
CA VAL C 82 11.04 -0.15 16.76
C VAL C 82 11.34 -1.23 17.80
N GLU C 83 12.49 -1.88 17.66
CA GLU C 83 12.94 -2.91 18.63
C GLU C 83 13.58 -2.21 19.79
N LYS C 84 14.75 -1.65 19.53
CA LYS C 84 15.48 -0.93 20.58
C LYS C 84 15.92 0.47 20.15
N LEU C 85 16.05 1.34 21.14
CA LEU C 85 16.79 2.58 21.06
C LEU C 85 17.95 2.64 22.02
N CYS C 86 19.08 3.15 21.55
CA CYS C 86 20.19 3.52 22.40
C CYS C 86 20.12 5.04 22.56
N VAL C 87 20.05 5.52 23.80
CA VAL C 87 19.86 6.91 24.03
C VAL C 87 20.86 7.39 25.07
N TRP C 88 21.20 8.68 24.95
CA TRP C 88 21.92 9.38 25.99
C TRP C 88 20.99 9.82 27.08
N ASN C 89 21.31 9.44 28.30
CA ASN C 89 20.47 9.67 29.45
C ASN C 89 20.90 10.91 30.25
N ASN C 90 21.95 11.57 29.80
CA ASN C 90 22.35 12.91 30.31
C ASN C 90 21.73 14.07 29.52
N LYS C 91 20.61 13.82 28.84
CA LYS C 91 19.82 14.85 28.17
C LYS C 91 18.35 14.65 28.46
N THR C 92 17.58 15.73 28.41
CA THR C 92 16.15 15.68 28.63
C THR C 92 15.40 16.39 27.49
N PRO C 93 14.47 15.70 26.81
CA PRO C 93 14.31 14.25 26.87
C PRO C 93 15.57 13.51 26.46
N HIS C 94 15.57 12.20 26.75
CA HIS C 94 16.69 11.36 26.39
C HIS C 94 16.93 11.41 24.89
N ALA C 95 18.18 11.45 24.50
CA ALA C 95 18.52 11.77 23.12
C ALA C 95 18.96 10.53 22.34
N ILE C 96 18.38 10.35 21.16
CA ILE C 96 18.64 9.13 20.39
C ILE C 96 20.07 9.09 19.87
N ALA C 97 20.76 7.94 20.09
CA ALA C 97 22.06 7.61 19.52
C ALA C 97 21.99 6.58 18.42
N ALA C 98 21.08 5.60 18.59
CA ALA C 98 20.92 4.60 17.56
C ALA C 98 19.53 3.98 17.72
N ILE C 99 19.10 3.28 16.67
CA ILE C 99 17.79 2.63 16.62
C ILE C 99 17.89 1.32 15.91
N SER C 100 17.07 0.35 16.34
CA SER C 100 16.94 -0.91 15.60
C SER C 100 15.50 -1.19 15.37
N MET C 101 15.23 -1.77 14.22
CA MET C 101 13.91 -2.15 13.83
C MET C 101 13.96 -3.59 13.39
N ALA C 102 12.93 -4.32 13.79
CA ALA C 102 12.78 -5.70 13.37
C ALA C 102 11.28 -6.08 13.51
N ASN C 103 10.78 -6.91 12.58
CA ASN C 103 9.31 -7.20 12.35
C ASN C 103 8.62 -7.69 13.60
N THR D 1 33.40 -2.39 -17.88
CA THR D 1 32.40 -2.24 -16.80
C THR D 1 31.66 -3.57 -16.63
N PRO D 2 31.51 -4.02 -15.37
CA PRO D 2 30.83 -5.31 -15.14
C PRO D 2 29.32 -5.27 -15.48
N GLN D 3 28.74 -6.43 -15.76
CA GLN D 3 27.30 -6.52 -16.03
C GLN D 3 26.44 -7.09 -14.91
N ASN D 4 27.05 -7.52 -13.81
CA ASN D 4 26.29 -7.97 -12.65
C ASN D 4 27.11 -7.90 -11.40
N ILE D 5 26.48 -8.19 -10.27
CA ILE D 5 27.09 -8.04 -9.00
C ILE D 5 28.26 -9.02 -8.81
N THR D 6 28.12 -10.20 -9.35
CA THR D 6 29.15 -11.22 -9.23
C THR D 6 30.47 -10.81 -9.91
N ASP D 7 30.35 -10.35 -11.15
CA ASP D 7 31.51 -9.88 -11.91
C ASP D 7 32.10 -8.63 -11.30
N LEU D 8 31.24 -7.77 -10.77
CA LEU D 8 31.71 -6.56 -10.15
C LEU D 8 32.56 -6.93 -8.93
N CYS D 9 32.01 -7.82 -8.11
CA CYS D 9 32.67 -8.28 -6.87
C CYS D 9 34.07 -8.81 -7.16
N ALA D 10 34.17 -9.55 -8.25
CA ALA D 10 35.42 -10.17 -8.68
C ALA D 10 36.52 -9.17 -9.11
N GLU D 11 36.18 -7.91 -9.32
CA GLU D 11 37.13 -6.86 -9.65
C GLU D 11 37.91 -6.35 -8.43
N TYR D 12 37.58 -6.78 -7.23
CA TYR D 12 38.19 -6.28 -5.99
C TYR D 12 38.89 -7.42 -5.26
N HIS D 13 39.91 -7.09 -4.49
N HIS D 13 39.89 -7.07 -4.47
CA HIS D 13 40.64 -8.03 -3.64
CA HIS D 13 40.57 -8.02 -3.61
C HIS D 13 39.89 -8.05 -2.29
C HIS D 13 39.84 -8.05 -2.28
N ASN D 14 39.87 -9.21 -1.62
CA ASN D 14 39.18 -9.38 -0.34
C ASN D 14 37.65 -9.24 -0.35
N THR D 15 37.02 -9.50 -1.47
CA THR D 15 35.58 -9.48 -1.45
C THR D 15 35.04 -10.86 -1.68
N GLN D 16 33.80 -11.03 -1.25
CA GLN D 16 33.08 -12.28 -1.38
C GLN D 16 31.61 -12.01 -1.64
N ILE D 17 31.02 -12.82 -2.49
CA ILE D 17 29.59 -12.85 -2.65
C ILE D 17 28.91 -13.73 -1.60
N TYR D 18 27.85 -13.20 -0.96
CA TYR D 18 26.91 -13.95 -0.14
C TYR D 18 25.57 -13.99 -0.87
N THR D 19 24.94 -15.17 -1.01
CA THR D 19 23.63 -15.26 -1.66
C THR D 19 22.63 -15.40 -0.52
N LEU D 20 21.69 -14.45 -0.39
CA LEU D 20 20.72 -14.46 0.72
C LEU D 20 19.35 -14.90 0.25
N ASN D 21 18.90 -14.43 -0.92
CA ASN D 21 17.56 -14.68 -1.41
C ASN D 21 16.48 -14.54 -0.31
N ASP D 22 16.56 -13.46 0.42
CA ASP D 22 15.72 -13.21 1.58
C ASP D 22 15.55 -11.74 1.86
N LYS D 23 14.46 -11.39 2.51
CA LYS D 23 14.29 -10.03 3.04
C LYS D 23 15.23 -9.75 4.19
N ILE D 24 15.52 -8.47 4.42
CA ILE D 24 16.26 -8.06 5.62
C ILE D 24 15.43 -8.26 6.88
N PHE D 25 16.03 -8.94 7.85
CA PHE D 25 15.40 -9.24 9.13
C PHE D 25 15.45 -8.11 10.10
N SER D 26 16.57 -7.36 10.16
CA SER D 26 16.64 -6.21 11.03
C SER D 26 17.51 -5.13 10.43
N TYR D 27 17.16 -3.89 10.72
CA TYR D 27 17.91 -2.71 10.24
C TYR D 27 18.27 -1.88 11.49
N THR D 28 19.54 -1.52 11.62
CA THR D 28 20.03 -0.76 12.74
C THR D 28 20.86 0.40 12.24
N GLU D 29 20.70 1.56 12.83
CA GLU D 29 21.38 2.75 12.39
C GLU D 29 21.81 3.57 13.58
N SER D 30 23.00 4.17 13.48
CA SER D 30 23.61 4.94 14.54
C SER D 30 24.13 6.27 14.07
N LEU D 31 23.88 7.31 14.87
CA LEU D 31 24.45 8.61 14.64
C LEU D 31 25.60 8.94 15.62
N ALA D 32 25.95 8.00 16.49
CA ALA D 32 26.95 8.25 17.56
C ALA D 32 28.33 8.49 16.92
N GLY D 33 29.10 9.40 17.51
CA GLY D 33 30.37 9.84 16.91
C GLY D 33 31.36 8.68 16.80
N LYS D 34 31.93 8.54 15.60
CA LYS D 34 32.85 7.51 15.19
C LYS D 34 32.12 6.17 14.91
N ARG D 35 30.80 6.16 15.10
CA ARG D 35 29.95 4.99 14.80
C ARG D 35 28.74 5.38 13.94
N GLU D 36 29.00 6.19 12.93
CA GLU D 36 27.97 6.64 11.99
C GLU D 36 27.79 5.59 10.92
N MET D 37 26.94 4.60 11.22
CA MET D 37 26.93 3.36 10.45
C MET D 37 25.55 2.76 10.46
N ALA D 38 25.36 1.76 9.59
CA ALA D 38 24.17 0.95 9.58
C ALA D 38 24.60 -0.50 9.63
N ILE D 39 23.71 -1.31 10.21
CA ILE D 39 23.91 -2.76 10.35
C ILE D 39 22.59 -3.42 10.01
N ILE D 40 22.67 -4.37 9.12
CA ILE D 40 21.55 -5.25 8.79
C ILE D 40 21.82 -6.71 9.18
N THR D 41 20.74 -7.46 9.42
CA THR D 41 20.83 -8.88 9.66
C THR D 41 19.82 -9.62 8.84
N PHE D 42 20.09 -10.90 8.67
CA PHE D 42 19.18 -11.82 7.99
C PHE D 42 18.82 -12.97 8.93
N LYS D 43 17.69 -13.58 8.64
CA LYS D 43 17.12 -14.71 9.42
C LYS D 43 18.14 -15.82 9.65
N ASN D 44 18.98 -16.08 8.66
CA ASN D 44 20.06 -17.09 8.78
C ASN D 44 21.23 -16.76 9.70
N GLY D 45 21.23 -15.57 10.31
CA GLY D 45 22.25 -15.14 11.22
C GLY D 45 23.27 -14.18 10.64
N ALA D 46 23.29 -14.01 9.32
CA ALA D 46 24.23 -13.07 8.70
C ALA D 46 24.01 -11.68 9.24
N ILE D 47 25.11 -11.00 9.49
CA ILE D 47 25.15 -9.62 9.93
C ILE D 47 26.11 -8.90 8.98
N PHE D 48 25.68 -7.74 8.44
CA PHE D 48 26.49 -6.94 7.51
C PHE D 48 26.44 -5.47 7.93
N GLN D 49 27.55 -4.77 7.73
CA GLN D 49 27.59 -3.31 8.03
C GLN D 49 27.70 -2.49 6.73
N VAL D 50 27.24 -1.24 6.74
CA VAL D 50 27.77 -0.23 5.84
C VAL D 50 28.77 0.53 6.72
N GLU D 51 30.03 0.60 6.29
CA GLU D 51 31.11 1.15 7.14
C GLU D 51 30.94 2.61 7.45
N VAL D 52 31.45 2.98 8.62
CA VAL D 52 31.69 4.39 8.95
C VAL D 52 32.61 4.97 7.83
N PRO D 53 32.25 6.12 7.25
CA PRO D 53 33.16 6.66 6.21
C PRO D 53 34.53 7.00 6.84
N GLY D 54 35.61 6.54 6.21
CA GLY D 54 36.94 7.02 6.54
C GLY D 54 37.92 6.90 5.40
N SER D 55 39.17 6.70 5.81
CA SER D 55 40.30 6.88 4.92
C SER D 55 40.40 5.70 3.96
N GLN D 56 39.70 4.60 4.24
CA GLN D 56 39.62 3.51 3.25
C GLN D 56 38.74 3.85 2.04
N HIS D 57 38.05 5.01 2.10
CA HIS D 57 37.11 5.45 1.07
C HIS D 57 37.51 6.71 0.29
N ILE D 58 37.50 6.59 -1.04
CA ILE D 58 37.77 7.75 -1.88
C ILE D 58 36.51 8.59 -1.94
N ASP D 59 36.66 9.87 -2.25
CA ASP D 59 35.56 10.80 -2.25
C ASP D 59 34.32 10.36 -3.00
N SER D 60 34.50 9.75 -4.17
CA SER D 60 33.37 9.25 -4.96
C SER D 60 32.54 8.19 -4.20
N GLN D 61 33.19 7.47 -3.30
CA GLN D 61 32.44 6.48 -2.49
C GLN D 61 31.53 7.11 -1.44
N LYS D 62 31.86 8.32 -0.98
CA LYS D 62 31.05 9.03 0.05
C LYS D 62 29.59 9.09 -0.26
N LYS D 63 29.19 9.65 -1.41
CA LYS D 63 27.78 9.69 -1.79
C LYS D 63 27.22 8.27 -1.88
N ALA D 64 27.99 7.37 -2.45
CA ALA D 64 27.55 5.99 -2.63
C ALA D 64 27.31 5.28 -1.32
N ILE D 65 28.08 5.58 -0.28
CA ILE D 65 27.81 5.07 1.07
C ILE D 65 26.47 5.55 1.60
N GLU D 66 26.21 6.85 1.48
CA GLU D 66 24.94 7.42 1.94
C GLU D 66 23.78 6.81 1.16
N ARG D 67 23.95 6.59 -0.15
CA ARG D 67 22.91 5.95 -0.94
C ARG D 67 22.65 4.53 -0.47
N MET D 68 23.70 3.80 -0.15
CA MET D 68 23.53 2.41 0.26
C MET D 68 22.70 2.33 1.53
N LYS D 69 22.95 3.23 2.48
CA LYS D 69 22.13 3.25 3.70
C LYS D 69 20.67 3.60 3.38
N ASP D 70 20.43 4.51 2.44
CA ASP D 70 19.05 4.80 2.02
C ASP D 70 18.42 3.52 1.47
N THR D 71 19.16 2.84 0.59
CA THR D 71 18.63 1.63 -0.09
C THR D 71 18.30 0.51 0.92
N LEU D 72 19.20 0.27 1.87
CA LEU D 72 18.98 -0.77 2.88
C LEU D 72 17.74 -0.45 3.75
N ARG D 73 17.59 0.82 4.13
CA ARG D 73 16.40 1.23 4.93
C ARG D 73 15.11 0.96 4.18
N ILE D 74 15.02 1.43 2.94
CA ILE D 74 13.78 1.27 2.18
C ILE D 74 13.57 -0.22 1.77
N ALA D 75 14.65 -0.91 1.45
CA ALA D 75 14.53 -2.37 1.21
C ALA D 75 13.94 -3.08 2.48
N TYR D 76 14.41 -2.71 3.66
CA TYR D 76 13.88 -3.23 4.91
C TYR D 76 12.38 -2.96 5.06
N LEU D 77 12.00 -1.70 4.88
CA LEU D 77 10.60 -1.26 5.09
C LEU D 77 9.65 -1.79 4.03
N THR D 78 10.15 -2.12 2.86
CA THR D 78 9.32 -2.72 1.80
C THR D 78 9.39 -4.26 1.80
N GLU D 79 10.12 -4.85 2.74
CA GLU D 79 10.32 -6.34 2.74
C GLU D 79 10.87 -6.84 1.42
N ALA D 80 11.77 -6.07 0.79
CA ALA D 80 12.24 -6.46 -0.53
C ALA D 80 13.23 -7.59 -0.43
N LYS D 81 13.12 -8.59 -1.30
N LYS D 81 13.13 -8.58 -1.32
CA LYS D 81 14.08 -9.68 -1.29
CA LYS D 81 14.06 -9.72 -1.35
C LYS D 81 15.46 -9.22 -1.78
C LYS D 81 15.45 -9.28 -1.81
N VAL D 82 16.46 -9.47 -0.95
CA VAL D 82 17.87 -9.29 -1.30
C VAL D 82 18.36 -10.59 -1.94
N GLU D 83 18.90 -10.48 -3.16
CA GLU D 83 19.48 -11.65 -3.88
C GLU D 83 20.89 -11.88 -3.36
N LYS D 84 21.84 -11.01 -3.70
CA LYS D 84 23.21 -11.16 -3.30
C LYS D 84 23.75 -9.88 -2.67
N LEU D 85 24.75 -10.04 -1.81
CA LEU D 85 25.58 -8.95 -1.34
C LEU D 85 27.04 -9.27 -1.69
N CYS D 86 27.78 -8.28 -2.16
CA CYS D 86 29.21 -8.36 -2.33
C CYS D 86 29.75 -7.61 -1.15
N VAL D 87 30.62 -8.27 -0.39
CA VAL D 87 31.12 -7.74 0.87
C VAL D 87 32.64 -7.84 1.00
N TRP D 88 33.23 -6.94 1.79
CA TRP D 88 34.60 -7.08 2.21
C TRP D 88 34.60 -7.96 3.45
N ASN D 89 35.22 -9.14 3.35
CA ASN D 89 35.23 -10.09 4.45
C ASN D 89 36.38 -9.89 5.44
N ASN D 90 37.19 -8.83 5.22
CA ASN D 90 38.23 -8.40 6.12
C ASN D 90 37.77 -7.47 7.23
N LYS D 91 36.46 -7.20 7.31
CA LYS D 91 35.88 -6.42 8.36
C LYS D 91 34.88 -7.28 9.08
N THR D 92 34.66 -6.96 10.33
CA THR D 92 33.67 -7.58 11.19
C THR D 92 32.72 -6.51 11.74
N PRO D 93 31.42 -6.60 11.48
CA PRO D 93 30.83 -7.50 10.50
C PRO D 93 31.31 -7.21 9.09
N HIS D 94 31.10 -8.16 8.18
CA HIS D 94 31.49 -7.98 6.82
C HIS D 94 30.82 -6.72 6.25
N ALA D 95 31.60 -5.97 5.46
CA ALA D 95 31.18 -4.66 4.98
C ALA D 95 30.61 -4.72 3.60
N ILE D 96 29.45 -4.10 3.41
CA ILE D 96 28.79 -4.14 2.11
C ILE D 96 29.52 -3.28 1.07
N ALA D 97 29.81 -3.88 -0.07
CA ALA D 97 30.25 -3.16 -1.26
C ALA D 97 29.17 -2.99 -2.33
N ALA D 98 28.27 -3.97 -2.48
CA ALA D 98 27.22 -3.89 -3.48
C ALA D 98 26.05 -4.78 -3.07
N ILE D 99 24.88 -4.52 -3.60
CA ILE D 99 23.68 -5.31 -3.30
C ILE D 99 22.93 -5.55 -4.58
N SER D 100 22.27 -6.70 -4.70
CA SER D 100 21.37 -6.95 -5.81
C SER D 100 20.04 -7.39 -5.21
N MET D 101 18.97 -6.94 -5.82
CA MET D 101 17.61 -7.23 -5.38
C MET D 101 16.91 -7.78 -6.58
N ALA D 102 16.27 -8.92 -6.37
CA ALA D 102 15.47 -9.57 -7.39
C ALA D 102 14.56 -10.62 -6.70
N ASN D 103 13.55 -11.08 -7.40
CA ASN D 103 12.98 -12.42 -7.09
C ASN D 103 13.28 -13.38 -8.22
N THR E 1 13.52 22.68 -27.21
CA THR E 1 13.43 21.63 -26.15
C THR E 1 12.54 20.50 -26.65
N PRO E 2 12.99 19.24 -26.56
CA PRO E 2 12.11 18.16 -26.98
C PRO E 2 10.89 17.96 -26.04
N GLN E 3 9.88 17.28 -26.52
CA GLN E 3 8.62 17.11 -25.77
C GLN E 3 8.35 15.68 -25.37
N ASN E 4 9.23 14.77 -25.78
CA ASN E 4 9.15 13.40 -25.39
C ASN E 4 10.52 12.74 -25.42
N ILE E 5 10.58 11.51 -24.85
CA ILE E 5 11.82 10.74 -24.75
C ILE E 5 12.40 10.41 -26.13
N THR E 6 11.56 10.02 -27.07
CA THR E 6 12.06 9.65 -28.37
C THR E 6 12.82 10.80 -29.06
N ASP E 7 12.27 12.02 -28.95
CA ASP E 7 12.83 13.19 -29.63
C ASP E 7 14.05 13.63 -28.90
N LEU E 8 14.02 13.51 -27.57
CA LEU E 8 15.18 13.81 -26.79
C LEU E 8 16.36 12.91 -27.17
N CYS E 9 16.09 11.62 -27.27
CA CYS E 9 17.13 10.65 -27.55
C CYS E 9 17.74 10.88 -28.92
N ALA E 10 16.89 11.24 -29.90
CA ALA E 10 17.33 11.54 -31.28
C ALA E 10 18.28 12.75 -31.36
N GLU E 11 18.36 13.59 -30.34
CA GLU E 11 19.33 14.65 -30.30
C GLU E 11 20.76 14.16 -30.11
N TYR E 12 20.96 12.90 -29.71
CA TYR E 12 22.29 12.40 -29.35
C TYR E 12 22.69 11.32 -30.32
N HIS E 13 23.95 11.34 -30.70
CA HIS E 13 24.50 10.26 -31.51
C HIS E 13 24.79 9.11 -30.51
N ASN E 14 24.92 7.90 -30.99
CA ASN E 14 25.23 6.78 -30.08
C ASN E 14 24.11 6.41 -29.07
N THR E 15 22.88 6.85 -29.32
CA THR E 15 21.73 6.55 -28.48
C THR E 15 20.74 5.75 -29.29
N GLN E 16 19.98 4.93 -28.58
CA GLN E 16 18.79 4.32 -29.12
C GLN E 16 17.79 4.18 -28.01
N ILE E 17 16.56 4.04 -28.47
CA ILE E 17 15.39 3.78 -27.65
C ILE E 17 15.16 2.29 -27.52
N TYR E 18 15.07 1.82 -26.29
CA TYR E 18 14.53 0.47 -26.02
C TYR E 18 13.16 0.65 -25.45
N THR E 19 12.21 -0.09 -26.01
CA THR E 19 10.81 -0.09 -25.56
C THR E 19 10.59 -1.37 -24.74
N LEU E 20 10.56 -1.19 -23.43
CA LEU E 20 10.44 -2.31 -22.47
C LEU E 20 8.99 -2.62 -22.11
N ASN E 21 8.20 -1.58 -21.83
CA ASN E 21 6.82 -1.80 -21.30
C ASN E 21 6.73 -2.88 -20.27
N ASP E 22 7.63 -2.80 -19.30
CA ASP E 22 7.77 -3.82 -18.27
C ASP E 22 8.37 -3.22 -17.00
N LYS E 23 8.07 -3.82 -15.87
CA LYS E 23 8.76 -3.47 -14.64
C LYS E 23 10.23 -3.93 -14.68
N ILE E 24 11.02 -3.36 -13.79
CA ILE E 24 12.42 -3.72 -13.66
C ILE E 24 12.49 -5.09 -12.93
N PHE E 25 13.30 -5.99 -13.47
CA PHE E 25 13.42 -7.36 -12.92
C PHE E 25 14.42 -7.46 -11.81
N SER E 26 15.54 -6.72 -11.90
CA SER E 26 16.46 -6.66 -10.79
C SER E 26 17.14 -5.33 -10.75
N TYR E 27 17.61 -4.98 -9.57
CA TYR E 27 18.24 -3.71 -9.31
C TYR E 27 19.48 -3.99 -8.51
N THR E 28 20.62 -3.49 -8.98
CA THR E 28 21.92 -3.70 -8.35
C THR E 28 22.56 -2.35 -8.17
N GLU E 29 23.14 -2.12 -7.01
CA GLU E 29 23.89 -0.89 -6.74
C GLU E 29 25.18 -1.19 -5.98
N SER E 30 26.22 -0.41 -6.30
CA SER E 30 27.57 -0.61 -5.80
C SER E 30 28.16 0.70 -5.28
N LEU E 31 28.79 0.62 -4.10
CA LEU E 31 29.56 1.73 -3.54
C LEU E 31 31.08 1.46 -3.67
N ALA E 32 31.50 0.37 -4.29
CA ALA E 32 32.94 0.03 -4.39
C ALA E 32 33.63 1.13 -5.20
N GLY E 33 34.86 1.44 -4.82
CA GLY E 33 35.61 2.54 -5.46
C GLY E 33 35.80 2.33 -6.93
N LYS E 34 35.45 3.37 -7.71
CA LYS E 34 35.47 3.41 -9.19
C LYS E 34 34.40 2.60 -9.83
N ARG E 35 33.51 2.02 -9.02
CA ARG E 35 32.34 1.32 -9.52
C ARG E 35 31.09 1.79 -8.76
N GLU E 36 30.99 3.09 -8.53
CA GLU E 36 29.84 3.65 -7.87
C GLU E 36 28.76 3.80 -8.96
N MET E 37 27.95 2.75 -9.10
CA MET E 37 27.04 2.63 -10.19
C MET E 37 25.79 1.82 -9.82
N ALA E 38 24.82 1.81 -10.75
CA ALA E 38 23.67 0.96 -10.65
C ALA E 38 23.54 0.19 -11.90
N ILE E 39 22.98 -1.03 -11.78
CA ILE E 39 22.70 -1.89 -12.93
C ILE E 39 21.28 -2.42 -12.78
N ILE E 40 20.46 -2.32 -13.82
CA ILE E 40 19.12 -2.89 -13.81
C ILE E 40 19.02 -3.90 -14.94
N THR E 41 18.14 -4.86 -14.76
CA THR E 41 17.81 -5.80 -15.81
C THR E 41 16.30 -5.91 -15.97
N PHE E 42 15.92 -6.45 -17.11
CA PHE E 42 14.55 -6.78 -17.43
C PHE E 42 14.47 -8.26 -17.75
N LYS E 43 13.24 -8.77 -17.68
CA LYS E 43 12.92 -10.18 -17.83
C LYS E 43 13.32 -10.66 -19.24
N ASN E 44 13.27 -9.77 -20.23
CA ASN E 44 13.74 -10.11 -21.56
C ASN E 44 15.27 -10.29 -21.76
N GLY E 45 16.05 -10.05 -20.72
CA GLY E 45 17.47 -10.19 -20.81
C GLY E 45 18.23 -8.88 -20.90
N ALA E 46 17.55 -7.75 -21.15
CA ALA E 46 18.24 -6.48 -21.27
C ALA E 46 18.90 -6.08 -19.96
N ILE E 47 20.10 -5.51 -20.04
CA ILE E 47 20.89 -5.07 -18.91
C ILE E 47 21.30 -3.66 -19.20
N PHE E 48 21.09 -2.77 -18.26
CA PHE E 48 21.50 -1.39 -18.44
C PHE E 48 22.20 -0.88 -17.20
N GLN E 49 23.07 0.09 -17.39
CA GLN E 49 23.75 0.73 -16.27
C GLN E 49 23.40 2.20 -16.20
N VAL E 50 23.57 2.73 -15.01
CA VAL E 50 23.80 4.18 -14.81
C VAL E 50 25.30 4.31 -14.55
N GLU E 51 25.97 5.06 -15.44
CA GLU E 51 27.42 5.14 -15.41
C GLU E 51 27.98 5.76 -14.16
N VAL E 52 29.16 5.26 -13.81
CA VAL E 52 30.01 5.87 -12.79
C VAL E 52 30.29 7.33 -13.22
N PRO E 53 30.10 8.29 -12.31
CA PRO E 53 30.31 9.67 -12.74
C PRO E 53 31.79 9.88 -13.06
N GLY E 54 32.05 10.68 -14.09
CA GLY E 54 33.36 10.67 -14.73
C GLY E 54 33.54 11.83 -15.68
N SER E 55 34.63 11.74 -16.43
CA SER E 55 35.07 12.79 -17.36
C SER E 55 34.20 12.91 -18.59
N GLN E 56 33.47 11.84 -18.91
CA GLN E 56 32.48 11.91 -19.97
C GLN E 56 31.25 12.76 -19.56
N HIS E 57 31.15 13.19 -18.30
CA HIS E 57 30.00 13.94 -17.81
C HIS E 57 30.34 15.40 -17.52
N ILE E 58 29.43 16.30 -17.90
CA ILE E 58 29.55 17.71 -17.50
C ILE E 58 29.00 17.90 -16.09
N ASP E 59 29.38 18.98 -15.41
CA ASP E 59 28.90 19.22 -14.04
C ASP E 59 27.37 19.25 -13.86
N SER E 60 26.63 19.74 -14.87
CA SER E 60 25.17 19.77 -14.84
C SER E 60 24.54 18.37 -14.72
N GLN E 61 25.31 17.32 -15.08
CA GLN E 61 24.84 15.97 -15.11
C GLN E 61 25.03 15.25 -13.81
N LYS E 62 25.81 15.80 -12.89
CA LYS E 62 26.16 15.05 -11.66
C LYS E 62 24.91 14.85 -10.77
N LYS E 63 24.14 15.90 -10.52
CA LYS E 63 22.88 15.75 -9.78
C LYS E 63 21.93 14.82 -10.52
N ALA E 64 21.93 14.88 -11.84
CA ALA E 64 20.95 14.11 -12.60
C ALA E 64 21.25 12.62 -12.54
N ILE E 65 22.55 12.28 -12.57
CA ILE E 65 22.98 10.90 -12.39
C ILE E 65 22.48 10.37 -11.04
N GLU E 66 22.64 11.15 -9.98
CA GLU E 66 22.16 10.74 -8.65
C GLU E 66 20.61 10.59 -8.63
N ARG E 67 19.93 11.53 -9.28
CA ARG E 67 18.47 11.42 -9.45
C ARG E 67 18.06 10.16 -10.20
N MET E 68 18.77 9.78 -11.26
CA MET E 68 18.36 8.62 -12.05
C MET E 68 18.45 7.34 -11.18
N LYS E 69 19.51 7.22 -10.38
CA LYS E 69 19.64 6.04 -9.52
C LYS E 69 18.50 6.00 -8.47
N ASP E 70 18.13 7.16 -7.96
CA ASP E 70 16.97 7.30 -7.04
C ASP E 70 15.71 6.82 -7.76
N THR E 71 15.52 7.28 -9.00
CA THR E 71 14.36 6.89 -9.79
C THR E 71 14.27 5.40 -10.04
N LEU E 72 15.39 4.80 -10.44
CA LEU E 72 15.39 3.37 -10.75
C LEU E 72 15.11 2.56 -9.50
N ARG E 73 15.67 2.97 -8.35
CA ARG E 73 15.41 2.23 -7.10
C ARG E 73 13.94 2.23 -6.74
N ILE E 74 13.33 3.42 -6.73
CA ILE E 74 11.92 3.53 -6.38
C ILE E 74 11.02 2.88 -7.45
N ALA E 75 11.43 2.92 -8.73
CA ALA E 75 10.65 2.22 -9.74
C ALA E 75 10.66 0.73 -9.50
N TYR E 76 11.85 0.22 -9.18
CA TYR E 76 12.02 -1.21 -8.91
C TYR E 76 11.09 -1.59 -7.75
N LEU E 77 11.19 -0.89 -6.66
CA LEU E 77 10.44 -1.24 -5.43
C LEU E 77 8.93 -1.05 -5.50
N THR E 78 8.44 -0.21 -6.40
CA THR E 78 6.99 -0.03 -6.63
C THR E 78 6.51 -0.85 -7.82
N GLU E 79 7.42 -1.62 -8.45
CA GLU E 79 7.06 -2.38 -9.65
C GLU E 79 6.50 -1.49 -10.75
N ALA E 80 7.07 -0.30 -10.90
CA ALA E 80 6.56 0.64 -11.88
C ALA E 80 6.93 0.20 -13.28
N LYS E 81 5.97 0.29 -14.19
CA LYS E 81 6.18 -0.03 -15.58
CA LYS E 81 6.21 -0.05 -15.57
C LYS E 81 7.13 0.98 -16.24
N VAL E 82 8.25 0.49 -16.76
CA VAL E 82 9.15 1.32 -17.57
C VAL E 82 8.65 1.19 -19.02
N GLU E 83 8.33 2.33 -19.62
CA GLU E 83 7.85 2.41 -21.00
C GLU E 83 9.08 2.31 -21.90
N LYS E 84 9.94 3.35 -21.88
CA LYS E 84 11.12 3.42 -22.76
C LYS E 84 12.34 3.81 -21.97
N LEU E 85 13.50 3.33 -22.44
CA LEU E 85 14.78 3.86 -22.00
C LEU E 85 15.52 4.38 -23.22
N CYS E 86 16.09 5.58 -23.08
CA CYS E 86 17.05 6.10 -24.05
C CYS E 86 18.41 5.74 -23.52
N VAL E 87 19.19 4.99 -24.32
CA VAL E 87 20.47 4.50 -23.83
C VAL E 87 21.62 4.75 -24.78
N TRP E 88 22.80 4.94 -24.22
CA TRP E 88 24.04 5.00 -25.05
C TRP E 88 24.47 3.61 -25.42
N ASN E 89 24.60 3.34 -26.73
CA ASN E 89 25.00 1.99 -27.14
C ASN E 89 26.51 1.84 -27.41
N ASN E 90 27.29 2.86 -27.02
CA ASN E 90 28.75 2.87 -27.14
C ASN E 90 29.36 2.59 -25.76
N LYS E 91 28.58 1.94 -24.88
CA LYS E 91 29.06 1.49 -23.57
C LYS E 91 28.43 0.10 -23.34
N THR E 92 29.11 -0.73 -22.57
CA THR E 92 28.62 -2.03 -22.22
C THR E 92 28.66 -2.13 -20.70
N PRO E 93 27.54 -2.39 -20.00
CA PRO E 93 26.23 -2.50 -20.54
C PRO E 93 25.81 -1.13 -21.09
N HIS E 94 24.80 -1.13 -21.94
CA HIS E 94 24.29 0.17 -22.46
C HIS E 94 23.93 1.09 -21.27
N ALA E 95 24.23 2.38 -21.42
CA ALA E 95 24.14 3.33 -20.31
C ALA E 95 22.90 4.23 -20.45
N ILE E 96 22.18 4.42 -19.36
CA ILE E 96 20.88 5.04 -19.40
C ILE E 96 21.10 6.57 -19.53
N ALA E 97 20.48 7.12 -20.57
CA ALA E 97 20.35 8.60 -20.69
C ALA E 97 19.02 9.18 -20.20
N ALA E 98 17.94 8.43 -20.41
CA ALA E 98 16.61 8.89 -20.05
C ALA E 98 15.68 7.72 -19.90
N ILE E 99 14.61 7.94 -19.13
CA ILE E 99 13.61 6.91 -18.85
C ILE E 99 12.22 7.54 -18.95
N SER E 100 11.28 6.81 -19.51
CA SER E 100 9.85 7.20 -19.44
C SER E 100 9.08 6.08 -18.75
N MET E 101 8.13 6.48 -17.91
CA MET E 101 7.19 5.58 -17.22
C MET E 101 5.74 5.94 -17.54
N ALA E 102 4.90 4.96 -17.81
CA ALA E 102 3.44 5.18 -17.97
C ALA E 102 2.70 3.91 -17.51
N ASN E 103 1.44 4.02 -17.04
CA ASN E 103 0.64 2.87 -16.45
C ASN E 103 0.55 1.71 -17.44
N THR F 1 -5.71 -34.55 -15.26
CA THR F 1 -6.00 -33.14 -14.83
C THR F 1 -4.87 -32.28 -15.45
N PRO F 2 -5.21 -31.14 -16.12
CA PRO F 2 -4.16 -30.33 -16.71
C PRO F 2 -3.32 -29.61 -15.66
N GLN F 3 -2.12 -29.24 -16.07
CA GLN F 3 -1.19 -28.60 -15.15
C GLN F 3 -0.93 -27.15 -15.43
N ASN F 4 -1.55 -26.61 -16.47
CA ASN F 4 -1.42 -25.17 -16.79
C ASN F 4 -2.62 -24.74 -17.67
N ILE F 5 -2.72 -23.43 -17.83
CA ILE F 5 -3.91 -22.84 -18.52
C ILE F 5 -4.01 -23.24 -20.01
N THR F 6 -2.89 -23.41 -20.68
CA THR F 6 -2.89 -23.73 -22.09
C THR F 6 -3.44 -25.12 -22.32
N ASP F 7 -2.97 -26.07 -21.54
CA ASP F 7 -3.48 -27.41 -21.62
C ASP F 7 -4.94 -27.54 -21.20
N LEU F 8 -5.31 -26.83 -20.13
CA LEU F 8 -6.71 -26.77 -19.71
C LEU F 8 -7.58 -26.25 -20.88
N CYS F 9 -7.14 -25.18 -21.51
CA CYS F 9 -7.92 -24.54 -22.57
C CYS F 9 -8.14 -25.49 -23.78
N ALA F 10 -7.10 -26.28 -24.07
CA ALA F 10 -7.18 -27.21 -25.17
C ALA F 10 -8.14 -28.41 -24.92
N GLU F 11 -8.65 -28.59 -23.70
CA GLU F 11 -9.62 -29.64 -23.44
C GLU F 11 -11.01 -29.24 -23.89
N TYR F 12 -11.17 -27.98 -24.37
CA TYR F 12 -12.47 -27.47 -24.80
C TYR F 12 -12.49 -27.04 -26.27
N HIS F 13 -13.68 -27.17 -26.88
CA HIS F 13 -13.93 -26.70 -28.22
C HIS F 13 -14.20 -25.21 -28.25
N ASN F 14 -13.74 -24.57 -29.32
CA ASN F 14 -14.02 -23.17 -29.58
C ASN F 14 -13.40 -22.30 -28.53
N THR F 15 -12.21 -22.71 -28.08
CA THR F 15 -11.43 -21.86 -27.18
C THR F 15 -10.14 -21.48 -27.77
N GLN F 16 -9.54 -20.47 -27.16
CA GLN F 16 -8.31 -19.94 -27.66
C GLN F 16 -7.58 -19.25 -26.48
N ILE F 17 -6.24 -19.36 -26.44
CA ILE F 17 -5.42 -18.62 -25.48
C ILE F 17 -5.10 -17.21 -26.04
N TYR F 18 -5.37 -16.15 -25.26
CA TYR F 18 -4.88 -14.78 -25.52
C TYR F 18 -3.78 -14.49 -24.52
N THR F 19 -2.63 -14.03 -25.00
CA THR F 19 -1.55 -13.70 -24.09
C THR F 19 -1.46 -12.18 -23.97
N LEU F 20 -1.87 -11.66 -22.82
CA LEU F 20 -1.97 -10.23 -22.62
C LEU F 20 -0.73 -9.69 -21.98
N ASN F 21 -0.20 -10.40 -20.98
CA ASN F 21 0.92 -9.89 -20.22
C ASN F 21 0.76 -8.40 -19.88
N ASP F 22 -0.42 -8.07 -19.31
CA ASP F 22 -0.73 -6.67 -19.03
C ASP F 22 -1.80 -6.65 -17.98
N LYS F 23 -1.87 -5.54 -17.29
CA LYS F 23 -2.94 -5.33 -16.33
C LYS F 23 -4.23 -5.01 -17.09
N ILE F 24 -5.35 -5.10 -16.38
CA ILE F 24 -6.65 -4.85 -16.95
C ILE F 24 -6.80 -3.35 -17.04
N PHE F 25 -7.24 -2.89 -18.21
CA PHE F 25 -7.42 -1.46 -18.46
C PHE F 25 -8.73 -0.90 -17.88
N SER F 26 -9.82 -1.69 -18.04
CA SER F 26 -11.10 -1.27 -17.47
C SER F 26 -11.89 -2.47 -17.01
N TYR F 27 -12.74 -2.21 -16.01
CA TYR F 27 -13.63 -3.22 -15.40
C TYR F 27 -15.03 -2.61 -15.34
N THR F 28 -16.00 -3.35 -15.88
CA THR F 28 -17.42 -2.98 -15.91
C THR F 28 -18.21 -4.14 -15.34
N GLU F 29 -19.16 -3.86 -14.46
CA GLU F 29 -20.13 -4.90 -14.08
C GLU F 29 -21.54 -4.34 -14.03
N SER F 30 -22.51 -5.23 -14.26
CA SER F 30 -23.92 -4.82 -14.32
C SER F 30 -24.75 -5.76 -13.44
N LEU F 31 -25.75 -5.18 -12.78
CA LEU F 31 -26.76 -5.91 -12.06
C LEU F 31 -28.08 -5.94 -12.78
N ALA F 32 -28.15 -5.36 -13.99
CA ALA F 32 -29.41 -5.18 -14.66
C ALA F 32 -29.91 -6.58 -15.05
N GLY F 33 -31.23 -6.76 -15.06
CA GLY F 33 -31.81 -8.04 -15.28
C GLY F 33 -31.55 -8.61 -16.64
N LYS F 34 -31.08 -9.83 -16.67
CA LYS F 34 -30.63 -10.52 -17.87
C LYS F 34 -29.23 -10.05 -18.39
N ARG F 35 -28.62 -9.10 -17.70
CA ARG F 35 -27.24 -8.70 -18.04
C ARG F 35 -26.40 -8.66 -16.79
N GLU F 36 -26.51 -9.71 -15.97
CA GLU F 36 -25.73 -9.81 -14.77
C GLU F 36 -24.37 -10.40 -15.17
N MET F 37 -23.45 -9.50 -15.50
CA MET F 37 -22.21 -9.84 -16.19
C MET F 37 -21.10 -8.85 -15.85
N ALA F 38 -19.88 -9.26 -16.16
CA ALA F 38 -18.72 -8.35 -16.09
C ALA F 38 -18.01 -8.31 -17.42
N ILE F 39 -17.36 -7.17 -17.69
CA ILE F 39 -16.66 -6.96 -18.95
C ILE F 39 -15.34 -6.28 -18.58
N ILE F 40 -14.25 -6.84 -19.07
CA ILE F 40 -12.94 -6.21 -18.93
C ILE F 40 -12.38 -5.86 -20.28
N THR F 41 -11.55 -4.84 -20.29
CA THR F 41 -10.74 -4.57 -21.49
C THR F 41 -9.25 -4.44 -21.19
N PHE F 42 -8.49 -4.49 -22.28
CA PHE F 42 -7.05 -4.26 -22.23
C PHE F 42 -6.67 -3.10 -23.10
N LYS F 43 -5.52 -2.48 -22.78
CA LYS F 43 -5.07 -1.27 -23.50
CA LYS F 43 -4.92 -1.32 -23.50
C LYS F 43 -4.95 -1.56 -25.01
N ASN F 44 -4.65 -2.80 -25.37
CA ASN F 44 -4.56 -3.16 -26.79
C ASN F 44 -5.89 -3.21 -27.57
N GLY F 45 -6.99 -3.05 -26.87
CA GLY F 45 -8.34 -3.03 -27.46
C GLY F 45 -9.14 -4.29 -27.22
N ALA F 46 -8.50 -5.32 -26.68
CA ALA F 46 -9.19 -6.59 -26.45
C ALA F 46 -10.30 -6.35 -25.40
N ILE F 47 -11.42 -7.02 -25.63
CA ILE F 47 -12.60 -6.97 -24.71
C ILE F 47 -13.02 -8.40 -24.38
N PHE F 48 -13.25 -8.67 -23.10
CA PHE F 48 -13.72 -10.02 -22.71
C PHE F 48 -14.81 -9.92 -21.67
N GLN F 49 -15.75 -10.87 -21.72
CA GLN F 49 -16.84 -10.95 -20.74
C GLN F 49 -16.70 -12.15 -19.78
N VAL F 50 -17.26 -12.01 -18.59
CA VAL F 50 -17.72 -13.21 -17.88
C VAL F 50 -19.22 -13.27 -18.17
N GLU F 51 -19.65 -14.36 -18.79
CA GLU F 51 -21.02 -14.46 -19.26
C GLU F 51 -22.07 -14.37 -18.14
N VAL F 52 -23.24 -13.90 -18.51
CA VAL F 52 -24.44 -14.08 -17.72
C VAL F 52 -24.69 -15.60 -17.52
N PRO F 53 -24.88 -16.03 -16.28
CA PRO F 53 -25.07 -17.47 -16.06
C PRO F 53 -26.23 -17.97 -16.90
N GLY F 54 -26.04 -19.09 -17.60
CA GLY F 54 -27.08 -19.62 -18.41
C GLY F 54 -26.90 -21.11 -18.66
N SER F 55 -27.72 -21.64 -19.56
CA SER F 55 -27.74 -23.10 -19.75
C SER F 55 -26.48 -23.65 -20.43
N GLN F 56 -25.67 -22.81 -21.04
CA GLN F 56 -24.35 -23.25 -21.56
C GLN F 56 -23.35 -23.56 -20.42
N HIS F 57 -23.69 -23.16 -19.20
CA HIS F 57 -22.96 -23.47 -18.00
C HIS F 57 -23.56 -24.58 -17.18
N ILE F 58 -22.83 -25.65 -16.93
CA ILE F 58 -23.34 -26.70 -16.06
C ILE F 58 -23.39 -26.12 -14.66
N ASP F 59 -24.25 -26.62 -13.81
CA ASP F 59 -24.49 -25.98 -12.55
C ASP F 59 -23.23 -25.73 -11.69
N SER F 60 -22.28 -26.69 -11.74
CA SER F 60 -21.01 -26.53 -11.03
C SER F 60 -20.23 -25.31 -11.42
N GLN F 61 -20.45 -24.82 -12.62
CA GLN F 61 -19.74 -23.62 -13.05
C GLN F 61 -20.19 -22.31 -12.41
N LYS F 62 -21.46 -22.25 -11.95
CA LYS F 62 -21.97 -21.00 -11.47
C LYS F 62 -21.15 -20.43 -10.29
N LYS F 63 -20.75 -21.26 -9.35
CA LYS F 63 -19.94 -20.79 -8.21
C LYS F 63 -18.58 -20.22 -8.70
N ALA F 64 -18.08 -20.82 -9.76
CA ALA F 64 -16.80 -20.44 -10.35
C ALA F 64 -16.93 -19.15 -11.17
N ILE F 65 -18.07 -18.95 -11.80
CA ILE F 65 -18.39 -17.66 -12.48
C ILE F 65 -18.34 -16.52 -11.51
N GLU F 66 -18.98 -16.71 -10.36
CA GLU F 66 -18.96 -15.68 -9.36
C GLU F 66 -17.51 -15.42 -8.87
N ARG F 67 -16.77 -16.49 -8.62
CA ARG F 67 -15.34 -16.35 -8.20
C ARG F 67 -14.56 -15.57 -9.31
N MET F 68 -14.78 -15.89 -10.57
CA MET F 68 -14.03 -15.21 -11.63
C MET F 68 -14.25 -13.71 -11.61
N LYS F 69 -15.50 -13.30 -11.37
CA LYS F 69 -15.81 -11.86 -11.28
C LYS F 69 -15.07 -11.24 -10.14
N ASP F 70 -14.99 -11.97 -9.01
CA ASP F 70 -14.31 -11.42 -7.84
C ASP F 70 -12.81 -11.30 -8.23
N THR F 71 -12.30 -12.29 -8.92
CA THR F 71 -10.86 -12.31 -9.27
C THR F 71 -10.52 -11.16 -10.23
N LEU F 72 -11.36 -10.97 -11.24
CA LEU F 72 -11.13 -9.86 -12.16
C LEU F 72 -11.19 -8.52 -11.48
N ARG F 73 -12.15 -8.32 -10.56
CA ARG F 73 -12.24 -7.07 -9.87
C ARG F 73 -10.98 -6.79 -9.06
N ILE F 74 -10.54 -7.78 -8.27
CA ILE F 74 -9.38 -7.53 -7.41
C ILE F 74 -8.07 -7.38 -8.24
N ALA F 75 -7.98 -8.14 -9.31
CA ALA F 75 -6.90 -7.99 -10.28
C ALA F 75 -6.86 -6.56 -10.86
N TYR F 76 -8.02 -6.06 -11.26
CA TYR F 76 -8.14 -4.69 -11.76
C TYR F 76 -7.64 -3.68 -10.71
N LEU F 77 -8.18 -3.77 -9.49
CA LEU F 77 -7.84 -2.83 -8.44
C LEU F 77 -6.42 -2.94 -7.91
N THR F 78 -5.79 -4.09 -8.07
CA THR F 78 -4.34 -4.26 -7.67
C THR F 78 -3.37 -4.03 -8.85
N GLU F 79 -3.92 -3.77 -10.03
CA GLU F 79 -3.12 -3.66 -11.26
C GLU F 79 -2.29 -4.90 -11.45
N ALA F 80 -2.83 -6.07 -11.12
CA ALA F 80 -2.13 -7.31 -11.26
C ALA F 80 -1.92 -7.68 -12.75
N LYS F 81 -0.73 -8.11 -13.13
CA LYS F 81 -0.54 -8.49 -14.54
C LYS F 81 -1.33 -9.75 -14.85
N VAL F 82 -2.16 -9.69 -15.90
CA VAL F 82 -2.78 -10.85 -16.47
C VAL F 82 -1.83 -11.46 -17.53
N GLU F 83 -1.45 -12.72 -17.32
CA GLU F 83 -0.58 -13.46 -18.25
C GLU F 83 -1.41 -13.92 -19.45
N LYS F 84 -2.28 -14.91 -19.27
CA LYS F 84 -3.13 -15.44 -20.35
C LYS F 84 -4.62 -15.51 -19.90
N LEU F 85 -5.48 -15.48 -20.92
CA LEU F 85 -6.87 -15.79 -20.77
C LEU F 85 -7.18 -16.91 -21.74
N CYS F 86 -7.87 -17.94 -21.23
CA CYS F 86 -8.55 -18.94 -22.06
C CYS F 86 -9.98 -18.46 -22.25
N VAL F 87 -10.37 -18.32 -23.50
CA VAL F 87 -11.65 -17.71 -23.83
C VAL F 87 -12.34 -18.54 -24.88
N TRP F 88 -13.66 -18.55 -24.79
CA TRP F 88 -14.51 -19.00 -25.89
C TRP F 88 -14.61 -17.93 -26.96
N ASN F 89 -14.21 -18.31 -28.18
CA ASN F 89 -14.18 -17.33 -29.29
C ASN F 89 -15.39 -17.42 -30.21
N ASN F 90 -16.37 -18.21 -29.80
CA ASN F 90 -17.69 -18.19 -30.43
C ASN F 90 -18.73 -17.34 -29.66
N LYS F 91 -18.28 -16.43 -28.78
CA LYS F 91 -19.14 -15.48 -28.13
C LYS F 91 -18.56 -14.10 -28.42
N THR F 92 -19.38 -13.08 -28.42
CA THR F 92 -18.96 -11.67 -28.60
C THR F 92 -19.49 -10.87 -27.40
N PRO F 93 -18.63 -10.24 -26.61
CA PRO F 93 -17.17 -10.41 -26.63
C PRO F 93 -16.77 -11.82 -26.28
N HIS F 94 -15.52 -12.15 -26.54
CA HIS F 94 -15.05 -13.54 -26.19
C HIS F 94 -15.23 -13.73 -24.70
N ALA F 95 -15.63 -14.93 -24.33
CA ALA F 95 -16.06 -15.24 -22.98
C ALA F 95 -14.96 -15.94 -22.20
N ILE F 96 -14.66 -15.47 -20.98
CA ILE F 96 -13.59 -16.03 -20.18
C ILE F 96 -13.99 -17.42 -19.64
N ALA F 97 -13.10 -18.38 -19.90
CA ALA F 97 -13.05 -19.71 -19.25
C ALA F 97 -12.02 -19.87 -18.12
N ALA F 98 -10.85 -19.21 -18.28
CA ALA F 98 -9.80 -19.30 -17.32
C ALA F 98 -8.85 -18.11 -17.42
N ILE F 99 -8.17 -17.86 -16.31
CA ILE F 99 -7.15 -16.77 -16.24
C ILE F 99 -5.88 -17.28 -15.56
N SER F 100 -4.73 -16.75 -15.97
CA SER F 100 -3.48 -16.97 -15.27
C SER F 100 -2.84 -15.60 -15.03
N MET F 101 -2.27 -15.47 -13.86
CA MET F 101 -1.58 -14.26 -13.44
C MET F 101 -0.18 -14.70 -13.01
N ALA F 102 0.80 -13.96 -13.48
CA ALA F 102 2.19 -14.19 -13.16
C ALA F 102 2.80 -12.80 -13.32
N ASN F 103 3.79 -12.45 -12.52
CA ASN F 103 4.59 -11.27 -12.85
C ASN F 103 6.01 -11.37 -12.36
N THR G 1 -6.62 -32.54 18.73
CA THR G 1 -6.47 -31.73 17.47
C THR G 1 -5.00 -31.42 17.17
N PRO G 2 -4.55 -31.58 15.90
CA PRO G 2 -3.15 -31.27 15.58
C PRO G 2 -2.88 -29.79 15.82
N GLN G 3 -1.64 -29.47 16.19
CA GLN G 3 -1.25 -28.10 16.45
C GLN G 3 -0.47 -27.40 15.37
N ASN G 4 -0.20 -28.11 14.28
CA ASN G 4 0.55 -27.56 13.17
C ASN G 4 0.25 -28.34 11.91
N ILE G 5 0.74 -27.81 10.82
CA ILE G 5 0.42 -28.36 9.50
C ILE G 5 1.03 -29.78 9.33
N THR G 6 2.25 -29.99 9.84
CA THR G 6 2.96 -31.29 9.71
C THR G 6 2.19 -32.38 10.42
N ASP G 7 1.79 -32.15 11.67
CA ASP G 7 1.00 -33.15 12.41
C ASP G 7 -0.36 -33.37 11.76
N LEU G 8 -0.97 -32.29 11.24
CA LEU G 8 -2.25 -32.45 10.58
C LEU G 8 -2.11 -33.35 9.33
N CYS G 9 -1.12 -33.06 8.53
CA CYS G 9 -0.80 -33.81 7.31
C CYS G 9 -0.60 -35.32 7.59
N ALA G 10 0.08 -35.59 8.70
CA ALA G 10 0.45 -36.94 9.14
C ALA G 10 -0.74 -37.81 9.58
N GLU G 11 -1.95 -37.24 9.76
CA GLU G 11 -3.11 -38.02 10.10
C GLU G 11 -3.66 -38.74 8.93
N TYR G 12 -3.24 -38.35 7.72
CA TYR G 12 -3.84 -38.85 6.47
C TYR G 12 -2.95 -39.86 5.75
N HIS G 13 -3.49 -40.48 4.72
CA HIS G 13 -2.71 -41.45 3.96
C HIS G 13 -2.37 -40.84 2.62
N ASN G 14 -1.16 -41.12 2.12
CA ASN G 14 -0.69 -40.60 0.83
C ASN G 14 -0.64 -39.08 0.81
N THR G 15 -0.34 -38.48 1.95
CA THR G 15 -0.10 -37.05 2.00
C THR G 15 1.37 -36.83 2.29
N GLN G 16 1.85 -35.61 2.02
CA GLN G 16 3.23 -35.27 2.13
C GLN G 16 3.31 -33.76 2.31
N ILE G 17 4.18 -33.34 3.20
CA ILE G 17 4.56 -31.92 3.29
C ILE G 17 5.59 -31.53 2.22
N TYR G 18 5.32 -30.41 1.51
CA TYR G 18 6.32 -29.71 0.66
C TYR G 18 6.71 -28.41 1.36
N THR G 19 8.01 -28.13 1.48
CA THR G 19 8.49 -26.91 2.10
C THR G 19 8.93 -26.03 0.94
N LEU G 20 8.21 -24.93 0.73
CA LEU G 20 8.50 -23.96 -0.33
C LEU G 20 9.28 -22.76 0.17
N ASN G 21 8.92 -22.22 1.32
CA ASN G 21 9.46 -20.96 1.77
C ASN G 21 9.64 -19.92 0.67
N ASP G 22 8.56 -19.67 -0.07
CA ASP G 22 8.58 -18.79 -1.19
C ASP G 22 7.16 -18.28 -1.56
N LYS G 23 7.09 -17.13 -2.20
N LYS G 23 7.07 -17.13 -2.18
CA LYS G 23 5.85 -16.60 -2.76
CA LYS G 23 5.80 -16.64 -2.72
C LYS G 23 5.38 -17.44 -3.92
C LYS G 23 5.37 -17.48 -3.89
N ILE G 24 4.10 -17.35 -4.23
CA ILE G 24 3.53 -18.08 -5.33
C ILE G 24 3.95 -17.38 -6.62
N PHE G 25 4.46 -18.15 -7.59
CA PHE G 25 4.94 -17.62 -8.82
C PHE G 25 3.81 -17.31 -9.80
N SER G 26 2.85 -18.23 -9.96
CA SER G 26 1.71 -17.94 -10.80
C SER G 26 0.44 -18.51 -10.14
N TYR G 27 -0.67 -17.88 -10.44
CA TYR G 27 -2.00 -18.26 -10.01
C TYR G 27 -2.89 -18.40 -11.23
N THR G 28 -3.49 -19.57 -11.38
CA THR G 28 -4.42 -19.85 -12.46
C THR G 28 -5.76 -20.33 -11.87
N GLU G 29 -6.89 -19.84 -12.43
CA GLU G 29 -8.19 -20.40 -12.07
C GLU G 29 -9.08 -20.51 -13.28
N SER G 30 -9.97 -21.48 -13.20
CA SER G 30 -10.83 -21.84 -14.32
C SER G 30 -12.28 -22.00 -13.87
N LEU G 31 -13.18 -21.53 -14.72
CA LEU G 31 -14.64 -21.68 -14.50
C LEU G 31 -15.22 -22.72 -15.44
N ALA G 32 -14.37 -23.33 -16.24
CA ALA G 32 -14.85 -24.20 -17.33
C ALA G 32 -15.43 -25.49 -16.74
N GLY G 33 -16.46 -26.03 -17.40
CA GLY G 33 -17.19 -27.16 -16.86
C GLY G 33 -16.33 -28.40 -16.63
N LYS G 34 -16.42 -28.98 -15.45
CA LYS G 34 -15.59 -30.11 -14.99
C LYS G 34 -14.12 -29.73 -14.70
N ARG G 35 -13.75 -28.45 -14.86
CA ARG G 35 -12.44 -27.94 -14.47
C ARG G 35 -12.53 -26.67 -13.63
N GLU G 36 -13.43 -26.70 -12.69
CA GLU G 36 -13.62 -25.61 -11.75
C GLU G 36 -12.58 -25.75 -10.64
N MET G 37 -11.40 -25.17 -10.92
CA MET G 37 -10.20 -25.45 -10.13
C MET G 37 -9.24 -24.29 -10.15
N ALA G 38 -8.26 -24.38 -9.27
CA ALA G 38 -7.14 -23.47 -9.28
C ALA G 38 -5.80 -24.24 -9.35
N ILE G 39 -4.78 -23.60 -9.91
CA ILE G 39 -3.45 -24.20 -10.04
C ILE G 39 -2.47 -23.10 -9.65
N ILE G 40 -1.53 -23.40 -8.76
CA ILE G 40 -0.45 -22.48 -8.41
C ILE G 40 0.89 -23.12 -8.79
N THR G 41 1.84 -22.27 -9.12
CA THR G 41 3.22 -22.72 -9.34
C THR G 41 4.19 -21.92 -8.53
N PHE G 42 5.34 -22.54 -8.31
CA PHE G 42 6.45 -21.89 -7.63
C PHE G 42 7.66 -21.79 -8.53
N LYS G 43 8.54 -20.82 -8.25
CA LYS G 43 9.70 -20.59 -9.10
C LYS G 43 10.59 -21.87 -9.32
N ASN G 44 10.65 -22.72 -8.30
CA ASN G 44 11.42 -23.98 -8.42
C ASN G 44 10.80 -25.02 -9.37
N GLY G 45 9.62 -24.75 -9.94
CA GLY G 45 8.92 -25.63 -10.86
C GLY G 45 7.77 -26.46 -10.28
N ALA G 46 7.56 -26.35 -8.98
CA ALA G 46 6.48 -27.07 -8.32
C ALA G 46 5.15 -26.50 -8.84
N ILE G 47 4.20 -27.41 -9.08
CA ILE G 47 2.88 -27.09 -9.50
C ILE G 47 1.95 -27.82 -8.55
N PHE G 48 0.92 -27.12 -8.08
CA PHE G 48 -0.10 -27.74 -7.23
C PHE G 48 -1.50 -27.26 -7.65
N GLN G 49 -2.49 -28.13 -7.41
CA GLN G 49 -3.88 -27.80 -7.63
C GLN G 49 -4.72 -27.75 -6.36
N VAL G 50 -5.82 -27.01 -6.46
CA VAL G 50 -7.00 -27.25 -5.63
C VAL G 50 -7.96 -28.00 -6.54
N GLU G 51 -8.32 -29.19 -6.08
CA GLU G 51 -9.09 -30.07 -6.87
C GLU G 51 -10.47 -29.52 -7.15
N VAL G 52 -10.98 -29.91 -8.31
CA VAL G 52 -12.38 -29.79 -8.65
C VAL G 52 -13.19 -30.52 -7.57
N PRO G 53 -14.20 -29.86 -6.99
CA PRO G 53 -15.00 -30.54 -5.96
C PRO G 53 -15.72 -31.75 -6.57
N GLY G 54 -15.78 -32.84 -5.82
CA GLY G 54 -16.20 -34.13 -6.39
C GLY G 54 -16.48 -35.19 -5.32
N SER G 55 -16.58 -36.45 -5.77
CA SER G 55 -17.02 -37.55 -4.89
C SER G 55 -15.97 -37.95 -3.85
N GLN G 56 -14.69 -37.72 -4.12
CA GLN G 56 -13.68 -37.81 -3.08
C GLN G 56 -13.84 -36.83 -1.86
N HIS G 57 -14.76 -35.85 -1.95
CA HIS G 57 -14.89 -34.83 -0.93
C HIS G 57 -16.18 -35.00 -0.17
N ILE G 58 -16.10 -34.92 1.15
CA ILE G 58 -17.26 -34.82 2.02
C ILE G 58 -17.78 -33.39 2.10
N ASP G 59 -19.02 -33.24 2.56
CA ASP G 59 -19.64 -31.93 2.46
C ASP G 59 -18.90 -30.81 3.19
N SER G 60 -18.32 -31.07 4.36
CA SER G 60 -17.53 -30.11 5.10
C SER G 60 -16.31 -29.61 4.32
N GLN G 61 -15.82 -30.42 3.40
CA GLN G 61 -14.69 -30.04 2.59
C GLN G 61 -15.05 -29.02 1.53
N LYS G 62 -16.34 -28.90 1.14
CA LYS G 62 -16.69 -28.03 0.02
C LYS G 62 -16.47 -26.60 0.36
N LYS G 63 -16.88 -26.16 1.55
CA LYS G 63 -16.63 -24.80 1.97
C LYS G 63 -15.15 -24.53 2.09
N ALA G 64 -14.40 -25.48 2.64
CA ALA G 64 -12.93 -25.32 2.80
C ALA G 64 -12.20 -25.26 1.46
N ILE G 65 -12.66 -25.99 0.46
CA ILE G 65 -12.11 -25.90 -0.86
C ILE G 65 -12.24 -24.48 -1.41
N GLU G 66 -13.46 -23.91 -1.24
CA GLU G 66 -13.66 -22.54 -1.68
C GLU G 66 -12.79 -21.55 -0.92
N ARG G 67 -12.70 -21.72 0.38
CA ARG G 67 -11.82 -20.90 1.15
C ARG G 67 -10.38 -21.00 0.65
N MET G 68 -9.94 -22.20 0.31
CA MET G 68 -8.51 -22.37 -0.09
C MET G 68 -8.20 -21.58 -1.38
N LYS G 69 -9.12 -21.59 -2.35
CA LYS G 69 -8.93 -20.81 -3.55
C LYS G 69 -8.90 -19.31 -3.25
N ASP G 70 -9.75 -18.89 -2.32
CA ASP G 70 -9.70 -17.50 -1.82
C ASP G 70 -8.27 -17.23 -1.24
N THR G 71 -7.86 -18.10 -0.36
CA THR G 71 -6.54 -17.96 0.28
C THR G 71 -5.38 -17.86 -0.73
N LEU G 72 -5.40 -18.74 -1.71
CA LEU G 72 -4.27 -18.74 -2.67
C LEU G 72 -4.25 -17.46 -3.52
N ARG G 73 -5.44 -17.01 -3.97
CA ARG G 73 -5.56 -15.77 -4.74
C ARG G 73 -4.97 -14.58 -3.96
N ILE G 74 -5.40 -14.39 -2.74
CA ILE G 74 -4.90 -13.27 -1.93
C ILE G 74 -3.43 -13.44 -1.50
N ALA G 75 -3.01 -14.67 -1.24
CA ALA G 75 -1.55 -14.87 -0.95
C ALA G 75 -0.76 -14.46 -2.23
N TYR G 76 -1.23 -14.90 -3.42
CA TYR G 76 -0.51 -14.52 -4.61
C TYR G 76 -0.41 -12.98 -4.76
N LEU G 77 -1.53 -12.28 -4.56
CA LEU G 77 -1.61 -10.85 -4.79
C LEU G 77 -0.87 -10.07 -3.71
N THR G 78 -0.65 -10.62 -2.55
CA THR G 78 0.09 -9.92 -1.50
C THR G 78 1.55 -10.37 -1.49
N GLU G 79 1.96 -11.22 -2.46
CA GLU G 79 3.33 -11.80 -2.46
C GLU G 79 3.70 -12.41 -1.09
N ALA G 80 2.71 -13.05 -0.48
CA ALA G 80 2.91 -13.71 0.81
C ALA G 80 3.75 -14.98 0.65
N LYS G 81 4.74 -15.13 1.51
CA LYS G 81 5.56 -16.34 1.53
C LYS G 81 4.76 -17.53 2.02
N VAL G 82 4.67 -18.53 1.16
CA VAL G 82 4.13 -19.82 1.60
C VAL G 82 5.26 -20.61 2.28
N GLU G 83 5.01 -21.10 3.49
CA GLU G 83 5.99 -21.94 4.21
C GLU G 83 5.87 -23.35 3.69
N LYS G 84 4.74 -23.99 3.97
CA LYS G 84 4.56 -25.37 3.61
C LYS G 84 3.21 -25.60 3.03
N LEU G 85 3.16 -26.67 2.23
CA LEU G 85 1.88 -27.21 1.78
C LEU G 85 1.80 -28.68 2.16
N CYS G 86 0.63 -29.13 2.61
CA CYS G 86 0.33 -30.58 2.78
C CYS G 86 -0.45 -30.95 1.56
N VAL G 87 0.04 -31.93 0.81
CA VAL G 87 -0.57 -32.31 -0.44
C VAL G 87 -0.80 -33.84 -0.51
N TRP G 88 -1.78 -34.19 -1.33
CA TRP G 88 -2.04 -35.55 -1.76
C TRP G 88 -1.11 -35.74 -2.96
N ASN G 89 -0.11 -36.59 -2.77
CA ASN G 89 0.92 -36.83 -3.77
C ASN G 89 0.58 -37.95 -4.72
N ASN G 90 -0.64 -38.48 -4.65
CA ASN G 90 -1.18 -39.44 -5.63
C ASN G 90 -2.12 -38.80 -6.62
N LYS G 91 -1.99 -37.47 -6.78
CA LYS G 91 -2.74 -36.72 -7.78
C LYS G 91 -1.67 -35.97 -8.60
N THR G 92 -1.97 -35.72 -9.87
CA THR G 92 -1.11 -34.92 -10.76
C THR G 92 -1.91 -33.77 -11.30
N PRO G 93 -1.52 -32.53 -11.04
CA PRO G 93 -0.51 -32.14 -10.03
C PRO G 93 -0.91 -32.48 -8.63
N HIS G 94 0.04 -32.45 -7.69
CA HIS G 94 -0.30 -32.79 -6.32
C HIS G 94 -1.39 -31.83 -5.81
N ALA G 95 -2.34 -32.40 -5.04
CA ALA G 95 -3.51 -31.66 -4.56
C ALA G 95 -3.35 -31.11 -3.18
N ILE G 96 -3.69 -29.84 -3.02
CA ILE G 96 -3.49 -29.20 -1.74
C ILE G 96 -4.53 -29.63 -0.72
N ALA G 97 -4.06 -29.98 0.50
CA ALA G 97 -4.85 -30.30 1.66
C ALA G 97 -4.77 -29.21 2.72
N ALA G 98 -3.62 -28.54 2.80
CA ALA G 98 -3.40 -27.51 3.78
C ALA G 98 -2.26 -26.59 3.37
N ILE G 99 -2.25 -25.40 3.94
CA ILE G 99 -1.23 -24.41 3.64
C ILE G 99 -0.86 -23.73 4.94
N SER G 100 0.41 -23.36 5.04
CA SER G 100 0.93 -22.55 6.14
C SER G 100 1.71 -21.39 5.55
N MET G 101 1.53 -20.22 6.15
CA MET G 101 2.24 -18.98 5.78
C MET G 101 2.94 -18.46 7.03
N ALA G 102 4.18 -18.05 6.87
CA ALA G 102 4.95 -17.44 7.93
C ALA G 102 6.04 -16.59 7.28
N ASN G 103 6.44 -15.49 7.93
CA ASN G 103 7.61 -14.74 7.41
C ASN G 103 8.31 -13.80 8.40
N THR H 1 -25.83 -6.95 27.10
CA THR H 1 -24.86 -7.26 25.97
C THR H 1 -23.50 -6.76 26.40
N PRO H 2 -22.43 -7.54 26.12
CA PRO H 2 -21.12 -7.15 26.58
C PRO H 2 -20.64 -5.93 25.80
N GLN H 3 -19.86 -5.09 26.45
CA GLN H 3 -19.27 -3.91 25.77
C GLN H 3 -17.81 -4.05 25.44
N ASN H 4 -17.23 -5.22 25.68
CA ASN H 4 -15.78 -5.39 25.47
C ASN H 4 -15.54 -6.90 25.42
N ILE H 5 -14.46 -7.29 24.80
CA ILE H 5 -14.12 -8.73 24.75
C ILE H 5 -14.00 -9.36 26.13
N THR H 6 -13.45 -8.64 27.11
CA THR H 6 -13.29 -9.22 28.47
C THR H 6 -14.68 -9.56 29.09
N ASP H 7 -15.66 -8.65 28.91
CA ASP H 7 -17.04 -8.92 29.40
C ASP H 7 -17.66 -10.11 28.72
N LEU H 8 -17.49 -10.18 27.40
CA LEU H 8 -18.02 -11.29 26.63
C LEU H 8 -17.37 -12.59 27.07
N CYS H 9 -16.07 -12.57 27.29
CA CYS H 9 -15.32 -13.80 27.66
C CYS H 9 -15.78 -14.38 28.99
N ALA H 10 -16.14 -13.48 29.89
CA ALA H 10 -16.57 -13.85 31.25
C ALA H 10 -17.94 -14.53 31.24
N GLU H 11 -18.68 -14.47 30.12
CA GLU H 11 -19.98 -15.13 30.04
C GLU H 11 -19.91 -16.64 29.84
N TYR H 12 -18.74 -17.18 29.58
CA TYR H 12 -18.62 -18.61 29.23
C TYR H 12 -17.76 -19.32 30.22
N HIS H 13 -18.10 -20.59 30.43
CA HIS H 13 -17.19 -21.49 31.12
C HIS H 13 -16.06 -21.93 30.24
N ASN H 14 -14.94 -22.22 30.90
CA ASN H 14 -13.75 -22.80 30.31
C ASN H 14 -13.10 -21.81 29.32
N THR H 15 -13.21 -20.50 29.59
CA THR H 15 -12.55 -19.50 28.75
C THR H 15 -11.57 -18.69 29.52
N GLN H 16 -10.71 -18.00 28.78
CA GLN H 16 -9.64 -17.20 29.31
C GLN H 16 -9.27 -16.20 28.23
N ILE H 17 -8.85 -15.03 28.70
CA ILE H 17 -8.31 -13.96 27.86
C ILE H 17 -6.81 -14.11 27.79
N TYR H 18 -6.26 -14.19 26.58
CA TYR H 18 -4.85 -14.01 26.35
C TYR H 18 -4.64 -12.60 25.81
N THR H 19 -3.63 -11.92 26.32
CA THR H 19 -3.26 -10.60 25.81
C THR H 19 -2.02 -10.80 24.99
N LEU H 20 -2.13 -10.60 23.68
CA LEU H 20 -1.00 -10.74 22.77
C LEU H 20 -0.31 -9.43 22.46
N ASN H 21 -1.10 -8.43 22.06
CA ASN H 21 -0.56 -7.18 21.56
C ASN H 21 0.56 -7.40 20.56
N ASP H 22 0.28 -8.26 19.59
CA ASP H 22 1.24 -8.61 18.57
C ASP H 22 0.53 -9.09 17.30
N LYS H 23 1.20 -8.94 16.16
CA LYS H 23 0.70 -9.52 14.91
C LYS H 23 0.76 -11.04 14.96
N ILE H 24 -0.02 -11.68 14.11
CA ILE H 24 0.02 -13.13 13.93
C ILE H 24 1.35 -13.53 13.25
N PHE H 25 2.06 -14.47 13.85
CA PHE H 25 3.33 -14.98 13.31
C PHE H 25 3.12 -15.98 12.15
N SER H 26 2.11 -16.82 12.23
CA SER H 26 1.83 -17.79 11.17
C SER H 26 0.37 -18.11 11.12
N TYR H 27 -0.08 -18.43 9.92
CA TYR H 27 -1.47 -18.75 9.62
C TYR H 27 -1.45 -20.02 8.79
N THR H 28 -2.24 -21.00 9.25
CA THR H 28 -2.38 -22.29 8.64
C THR H 28 -3.88 -22.60 8.44
N GLU H 29 -4.23 -23.09 7.27
CA GLU H 29 -5.55 -23.64 7.09
C GLU H 29 -5.56 -24.89 6.29
N SER H 30 -6.60 -25.68 6.53
CA SER H 30 -6.72 -27.05 6.01
C SER H 30 -8.09 -27.27 5.49
N LEU H 31 -8.17 -27.96 4.36
CA LEU H 31 -9.37 -28.51 3.82
C LEU H 31 -9.48 -30.03 3.92
N ALA H 32 -8.53 -30.66 4.59
CA ALA H 32 -8.58 -32.14 4.74
C ALA H 32 -9.82 -32.51 5.53
N GLY H 33 -10.44 -33.61 5.13
CA GLY H 33 -11.71 -34.04 5.69
C GLY H 33 -11.70 -34.24 7.18
N LYS H 34 -12.65 -33.61 7.84
CA LYS H 34 -12.71 -33.53 9.33
C LYS H 34 -11.61 -32.78 10.06
N ARG H 35 -10.75 -32.04 9.31
CA ARG H 35 -9.79 -31.14 9.91
C ARG H 35 -9.88 -29.80 9.13
N GLU H 36 -11.10 -29.38 8.83
CA GLU H 36 -11.34 -28.11 8.09
C GLU H 36 -11.30 -26.99 9.15
N MET H 37 -10.11 -26.47 9.40
CA MET H 37 -9.78 -25.63 10.54
C MET H 37 -8.71 -24.64 10.15
N ALA H 38 -8.40 -23.72 11.07
CA ALA H 38 -7.27 -22.81 10.94
C ALA H 38 -6.50 -22.82 12.23
N ILE H 39 -5.22 -22.52 12.16
CA ILE H 39 -4.35 -22.45 13.29
C ILE H 39 -3.51 -21.21 13.12
N ILE H 40 -3.37 -20.43 14.18
CA ILE H 40 -2.47 -19.32 14.19
C ILE H 40 -1.47 -19.46 15.29
N THR H 41 -0.32 -18.85 15.12
CA THR H 41 0.67 -18.79 16.18
C THR H 41 1.17 -17.38 16.34
N PHE H 42 1.75 -17.10 17.49
CA PHE H 42 2.43 -15.86 17.76
C PHE H 42 3.91 -16.13 18.15
N LYS H 43 4.73 -15.09 18.07
CA LYS H 43 6.19 -15.13 18.19
C LYS H 43 6.55 -15.66 19.59
N ASN H 44 5.70 -15.41 20.56
CA ASN H 44 5.85 -15.93 21.94
C ASN H 44 5.56 -17.44 22.12
N GLY H 45 5.21 -18.15 21.05
CA GLY H 45 4.98 -19.61 21.07
C GLY H 45 3.53 -20.05 21.26
N ALA H 46 2.63 -19.10 21.51
CA ALA H 46 1.25 -19.42 21.64
C ALA H 46 0.65 -19.94 20.31
N ILE H 47 -0.23 -20.92 20.44
CA ILE H 47 -0.88 -21.55 19.32
C ILE H 47 -2.36 -21.59 19.61
N PHE H 48 -3.18 -21.21 18.62
CA PHE H 48 -4.66 -21.18 18.74
C PHE H 48 -5.33 -21.73 17.49
N GLN H 49 -6.46 -22.36 17.65
CA GLN H 49 -7.21 -22.86 16.56
C GLN H 49 -8.57 -22.13 16.37
N VAL H 50 -9.11 -22.17 15.17
CA VAL H 50 -10.52 -22.03 14.91
C VAL H 50 -10.99 -23.45 14.66
N GLU H 51 -11.85 -23.92 15.56
CA GLU H 51 -12.31 -25.33 15.53
C GLU H 51 -13.04 -25.71 14.28
N VAL H 52 -12.93 -26.98 13.92
CA VAL H 52 -13.72 -27.57 12.88
C VAL H 52 -15.18 -27.45 13.33
N PRO H 53 -16.10 -27.04 12.43
CA PRO H 53 -17.53 -26.91 12.82
C PRO H 53 -18.10 -28.30 13.18
N GLY H 54 -18.85 -28.40 14.27
CA GLY H 54 -19.21 -29.71 14.86
C GLY H 54 -20.39 -29.59 15.81
N SER H 55 -20.58 -30.65 16.58
CA SER H 55 -21.71 -30.82 17.49
C SER H 55 -21.80 -29.77 18.57
N GLN H 56 -20.64 -29.29 19.03
CA GLN H 56 -20.56 -28.26 20.08
C GLN H 56 -20.96 -26.84 19.65
N HIS H 57 -21.31 -26.68 18.38
CA HIS H 57 -21.61 -25.40 17.77
C HIS H 57 -23.06 -25.38 17.41
N ILE H 58 -23.72 -24.24 17.65
CA ILE H 58 -25.12 -24.08 17.27
C ILE H 58 -25.13 -23.42 15.91
N ASP H 59 -26.28 -23.45 15.25
CA ASP H 59 -26.36 -23.03 13.87
C ASP H 59 -25.92 -21.55 13.69
N SER H 60 -26.28 -20.68 14.64
CA SER H 60 -25.87 -19.27 14.58
C SER H 60 -24.37 -19.13 14.50
N GLN H 61 -23.63 -20.10 15.03
CA GLN H 61 -22.17 -20.02 15.06
C GLN H 61 -21.53 -20.37 13.71
N LYS H 62 -22.25 -21.03 12.79
CA LYS H 62 -21.59 -21.52 11.55
C LYS H 62 -21.01 -20.37 10.74
N LYS H 63 -21.80 -19.33 10.53
CA LYS H 63 -21.30 -18.18 9.81
C LYS H 63 -20.20 -17.46 10.53
N ALA H 64 -20.29 -17.36 11.86
CA ALA H 64 -19.28 -16.66 12.63
C ALA H 64 -17.94 -17.38 12.61
N ILE H 65 -17.98 -18.72 12.53
CA ILE H 65 -16.77 -19.51 12.43
C ILE H 65 -16.08 -19.15 11.09
N GLU H 66 -16.87 -19.13 10.03
CA GLU H 66 -16.34 -18.79 8.74
C GLU H 66 -15.77 -17.34 8.71
N ARG H 67 -16.47 -16.40 9.31
CA ARG H 67 -15.97 -15.03 9.42
C ARG H 67 -14.63 -14.98 10.16
N MET H 68 -14.53 -15.73 11.27
CA MET H 68 -13.36 -15.67 12.10
C MET H 68 -12.11 -16.08 11.29
N LYS H 69 -12.26 -17.13 10.46
CA LYS H 69 -11.15 -17.55 9.61
C LYS H 69 -10.79 -16.45 8.60
N ASP H 70 -11.80 -15.80 8.05
CA ASP H 70 -11.63 -14.65 7.10
C ASP H 70 -10.86 -13.58 7.84
N THR H 71 -11.24 -13.34 9.11
CA THR H 71 -10.61 -12.27 9.89
C THR H 71 -9.15 -12.59 10.21
N LEU H 72 -8.86 -13.84 10.57
CA LEU H 72 -7.49 -14.21 10.86
C LEU H 72 -6.59 -14.12 9.64
N ARG H 73 -7.09 -14.60 8.53
CA ARG H 73 -6.32 -14.53 7.29
C ARG H 73 -5.93 -13.09 6.92
N ILE H 74 -6.90 -12.17 6.94
CA ILE H 74 -6.63 -10.77 6.57
C ILE H 74 -5.82 -10.05 7.63
N ALA H 75 -6.03 -10.39 8.92
CA ALA H 75 -5.17 -9.83 9.97
C ALA H 75 -3.69 -10.24 9.73
N TYR H 76 -3.50 -11.54 9.42
CA TYR H 76 -2.14 -12.05 9.17
C TYR H 76 -1.48 -11.30 7.99
N LEU H 77 -2.22 -11.14 6.88
CA LEU H 77 -1.68 -10.57 5.66
C LEU H 77 -1.49 -9.08 5.72
N THR H 78 -2.18 -8.41 6.65
CA THR H 78 -2.00 -6.96 6.86
C THR H 78 -1.08 -6.66 8.05
N GLU H 79 -0.56 -7.69 8.70
CA GLU H 79 0.25 -7.54 9.91
C GLU H 79 -0.48 -6.77 10.99
N ALA H 80 -1.78 -7.03 11.11
CA ALA H 80 -2.58 -6.31 12.10
C ALA H 80 -2.28 -6.75 13.53
N LYS H 81 -2.11 -5.80 14.45
CA LYS H 81 -1.88 -6.13 15.87
C LYS H 81 -3.12 -6.76 16.44
N VAL H 82 -2.96 -7.97 17.01
CA VAL H 82 -4.01 -8.60 17.79
C VAL H 82 -3.83 -8.18 19.22
N GLU H 83 -4.87 -7.57 19.78
CA GLU H 83 -4.87 -7.13 21.18
C GLU H 83 -5.11 -8.32 22.10
N LYS H 84 -6.33 -8.87 22.09
CA LYS H 84 -6.66 -9.99 22.94
C LYS H 84 -7.37 -11.09 22.19
N LEU H 85 -7.22 -12.31 22.67
CA LEU H 85 -8.08 -13.39 22.28
C LEU H 85 -8.84 -13.91 23.49
N CYS H 86 -10.09 -14.27 23.28
CA CYS H 86 -10.83 -15.01 24.27
C CYS H 86 -10.84 -16.39 23.72
N VAL H 87 -10.39 -17.37 24.51
CA VAL H 87 -10.25 -18.72 24.02
C VAL H 87 -10.82 -19.74 25.03
N TRP H 88 -11.41 -20.81 24.51
CA TRP H 88 -11.68 -21.98 25.34
C TRP H 88 -10.37 -22.72 25.69
N ASN H 89 -10.06 -22.84 27.00
CA ASN H 89 -8.83 -23.49 27.49
C ASN H 89 -8.92 -25.01 27.77
N ASN H 90 -10.05 -25.63 27.49
CA ASN H 90 -10.23 -27.08 27.59
C ASN H 90 -10.16 -27.76 26.22
N LYS H 91 -9.61 -27.05 25.23
CA LYS H 91 -9.28 -27.62 23.92
C LYS H 91 -7.79 -27.40 23.68
N THR H 92 -7.23 -28.22 22.82
CA THR H 92 -5.81 -28.20 22.46
C THR H 92 -5.68 -28.26 20.94
N PRO H 93 -5.07 -27.25 20.30
CA PRO H 93 -4.75 -25.96 20.87
C PRO H 93 -6.00 -25.24 21.41
N HIS H 94 -5.80 -24.23 22.24
CA HIS H 94 -6.91 -23.45 22.78
C HIS H 94 -7.67 -22.88 21.63
N ALA H 95 -9.00 -22.89 21.76
CA ALA H 95 -9.92 -22.56 20.65
C ALA H 95 -10.45 -21.13 20.70
N ILE H 96 -10.41 -20.44 19.56
CA ILE H 96 -10.72 -19.03 19.57
C ILE H 96 -12.26 -18.84 19.64
N ALA H 97 -12.69 -18.03 20.62
CA ALA H 97 -14.07 -17.58 20.76
C ALA H 97 -14.26 -16.13 20.27
N ALA H 98 -13.28 -15.28 20.51
CA ALA H 98 -13.38 -13.90 20.11
C ALA H 98 -11.99 -13.28 19.99
N ILE H 99 -11.92 -12.20 19.20
CA ILE H 99 -10.69 -11.49 18.96
C ILE H 99 -10.94 -9.99 19.06
N SER H 100 -9.98 -9.30 19.61
CA SER H 100 -9.94 -7.83 19.53
C SER H 100 -8.64 -7.36 18.88
N MET H 101 -8.76 -6.29 18.07
CA MET H 101 -7.65 -5.67 17.33
C MET H 101 -7.65 -4.18 17.68
N ALA H 102 -6.49 -3.66 18.03
CA ALA H 102 -6.31 -2.25 18.30
C ALA H 102 -4.85 -1.94 18.05
N ASN H 103 -4.55 -0.76 17.54
CA ASN H 103 -3.13 -0.37 17.50
C ASN H 103 -2.86 1.11 17.69
N THR I 1 -37.51 7.15 -0.96
CA THR I 1 -36.20 6.54 -0.59
C THR I 1 -35.32 7.68 -0.11
N PRO I 2 -34.64 7.50 1.01
CA PRO I 2 -33.78 8.55 1.53
C PRO I 2 -32.52 8.69 0.68
N GLN I 3 -31.93 9.87 0.71
CA GLN I 3 -30.74 10.18 -0.09
C GLN I 3 -29.44 10.30 0.70
N ASN I 4 -29.51 10.23 2.03
CA ASN I 4 -28.33 10.26 2.85
C ASN I 4 -28.65 9.54 4.16
N ILE I 5 -27.59 9.26 4.92
CA ILE I 5 -27.69 8.50 6.17
C ILE I 5 -28.58 9.22 7.22
N THR I 6 -28.53 10.54 7.25
CA THR I 6 -29.23 11.31 8.28
C THR I 6 -30.74 11.19 8.07
N ASP I 7 -31.15 11.27 6.83
CA ASP I 7 -32.52 11.14 6.51
C ASP I 7 -33.04 9.71 6.66
N LEU I 8 -32.23 8.74 6.27
CA LEU I 8 -32.55 7.33 6.47
C LEU I 8 -32.76 7.06 7.95
N CYS I 9 -31.87 7.56 8.77
CA CYS I 9 -31.92 7.36 10.23
C CYS I 9 -33.20 7.90 10.84
N ALA I 10 -33.62 9.06 10.35
CA ALA I 10 -34.83 9.74 10.81
C ALA I 10 -36.14 9.00 10.44
N GLU I 11 -36.08 7.98 9.58
CA GLU I 11 -37.24 7.13 9.30
C GLU I 11 -37.59 6.08 10.36
N TYR I 12 -36.76 5.98 11.40
CA TYR I 12 -36.85 4.98 12.44
C TYR I 12 -36.99 5.60 13.82
N HIS I 13 -37.77 4.95 14.67
CA HIS I 13 -37.83 5.33 16.08
C HIS I 13 -36.59 4.90 16.84
N ASN I 14 -36.30 5.67 17.89
CA ASN I 14 -35.26 5.36 18.84
C ASN I 14 -33.90 5.22 18.12
N THR I 15 -33.64 6.09 17.16
CA THR I 15 -32.30 6.20 16.56
C THR I 15 -31.78 7.59 16.70
N GLN I 16 -30.46 7.71 16.56
CA GLN I 16 -29.82 8.99 16.39
C GLN I 16 -28.61 8.83 15.47
N ILE I 17 -28.19 9.95 14.88
CA ILE I 17 -26.89 10.03 14.21
C ILE I 17 -25.77 10.29 15.24
N TYR I 18 -24.71 9.49 15.16
CA TYR I 18 -23.51 9.74 15.89
C TYR I 18 -22.47 10.18 14.87
N THR I 19 -21.93 11.40 15.02
CA THR I 19 -20.94 11.91 14.10
C THR I 19 -19.58 11.71 14.71
N LEU I 20 -18.78 10.87 14.07
CA LEU I 20 -17.44 10.52 14.59
C LEU I 20 -16.35 11.24 13.88
N ASN I 21 -16.45 11.33 12.55
CA ASN I 21 -15.38 11.84 11.74
C ASN I 21 -14.00 11.33 12.18
N ASP I 22 -13.87 10.03 12.38
CA ASP I 22 -12.63 9.44 12.88
C ASP I 22 -12.56 8.01 12.45
N LYS I 23 -11.36 7.44 12.44
CA LYS I 23 -11.22 6.02 12.13
C LYS I 23 -11.64 5.20 13.35
N ILE I 24 -11.84 3.91 13.11
CA ILE I 24 -12.15 2.96 14.18
C ILE I 24 -10.88 2.71 15.01
N PHE I 25 -11.03 2.80 16.34
CA PHE I 25 -9.95 2.57 17.27
C PHE I 25 -9.70 1.08 17.55
N SER I 26 -10.78 0.32 17.71
CA SER I 26 -10.66 -1.11 17.93
C SER I 26 -11.83 -1.81 17.29
N TYR I 27 -11.54 -3.01 16.81
CA TYR I 27 -12.50 -3.94 16.23
C TYR I 27 -12.44 -5.27 16.95
N THR I 28 -13.61 -5.71 17.45
CA THR I 28 -13.77 -6.98 18.13
C THR I 28 -14.84 -7.80 17.44
N GLU I 29 -14.63 -9.11 17.24
CA GLU I 29 -15.72 -9.98 16.83
C GLU I 29 -15.67 -11.32 17.57
N SER I 30 -16.85 -11.90 17.70
CA SER I 30 -17.04 -13.10 18.51
C SER I 30 -17.81 -14.12 17.73
N LEU I 31 -17.39 -15.38 17.85
CA LEU I 31 -18.15 -16.48 17.32
C LEU I 31 -18.85 -17.29 18.40
N ALA I 32 -18.68 -16.86 19.67
CA ALA I 32 -19.26 -17.57 20.83
C ALA I 32 -20.80 -17.65 20.74
N GLY I 33 -21.39 -18.80 21.05
CA GLY I 33 -22.82 -18.99 20.90
C GLY I 33 -23.67 -17.98 21.64
N LYS I 34 -24.66 -17.44 20.94
CA LYS I 34 -25.54 -16.32 21.33
C LYS I 34 -24.86 -14.96 21.43
N ARG I 35 -23.58 -14.89 21.06
CA ARG I 35 -22.81 -13.65 21.06
C ARG I 35 -22.07 -13.51 19.72
N GLU I 36 -22.72 -13.88 18.64
CA GLU I 36 -22.14 -13.82 17.31
C GLU I 36 -22.29 -12.34 16.84
N MET I 37 -21.37 -11.48 17.25
CA MET I 37 -21.55 -10.03 17.12
C MET I 37 -20.21 -9.38 16.79
N ALA I 38 -20.24 -8.08 16.53
CA ALA I 38 -19.00 -7.28 16.45
C ALA I 38 -19.15 -6.08 17.33
N ILE I 39 -18.04 -5.60 17.87
CA ILE I 39 -18.05 -4.38 18.66
C ILE I 39 -16.92 -3.50 18.20
N ILE I 40 -17.23 -2.21 17.97
CA ILE I 40 -16.18 -1.25 17.62
C ILE I 40 -16.09 -0.16 18.63
N THR I 41 -14.93 0.44 18.72
CA THR I 41 -14.76 1.60 19.59
C THR I 41 -14.07 2.69 18.80
N PHE I 42 -14.22 3.91 19.32
CA PHE I 42 -13.54 5.10 18.87
C PHE I 42 -12.65 5.67 19.96
N LYS I 43 -11.64 6.42 19.55
CA LYS I 43 -10.68 7.01 20.47
C LYS I 43 -11.35 7.85 21.57
N ASN I 44 -12.45 8.52 21.23
CA ASN I 44 -13.24 9.29 22.25
C ASN I 44 -13.93 8.47 23.35
N GLY I 45 -13.93 7.15 23.20
CA GLY I 45 -14.52 6.26 24.16
C GLY I 45 -15.86 5.69 23.73
N ALA I 46 -16.40 6.15 22.60
CA ALA I 46 -17.63 5.59 22.08
C ALA I 46 -17.52 4.11 21.73
N ILE I 47 -18.56 3.33 22.02
CA ILE I 47 -18.64 1.89 21.78
C ILE I 47 -19.90 1.63 21.00
N PHE I 48 -19.82 0.83 19.94
CA PHE I 48 -20.97 0.43 19.18
C PHE I 48 -20.93 -1.04 18.87
N GLN I 49 -22.10 -1.61 18.67
CA GLN I 49 -22.21 -3.02 18.29
C GLN I 49 -22.88 -3.19 16.97
N VAL I 50 -22.62 -4.34 16.30
CA VAL I 50 -23.56 -4.93 15.36
C VAL I 50 -24.21 -6.07 16.13
N GLU I 51 -25.53 -5.98 16.27
CA GLU I 51 -26.24 -6.89 17.15
C GLU I 51 -26.15 -8.32 16.62
N VAL I 52 -26.18 -9.23 17.58
CA VAL I 52 -26.46 -10.64 17.29
C VAL I 52 -27.77 -10.75 16.52
N PRO I 53 -27.81 -11.51 15.42
CA PRO I 53 -29.08 -11.63 14.72
C PRO I 53 -30.16 -12.27 15.62
N GLY I 54 -31.38 -11.73 15.53
CA GLY I 54 -32.41 -11.94 16.52
C GLY I 54 -33.80 -11.58 16.00
N SER I 55 -34.74 -11.50 16.93
CA SER I 55 -36.19 -11.40 16.60
C SER I 55 -36.55 -10.00 16.16
N GLN I 56 -35.72 -9.03 16.57
CA GLN I 56 -35.88 -7.64 16.10
C GLN I 56 -35.45 -7.44 14.65
N HIS I 57 -34.97 -8.50 14.00
CA HIS I 57 -34.51 -8.41 12.59
C HIS I 57 -35.42 -9.20 11.67
N ILE I 58 -35.77 -8.61 10.54
CA ILE I 58 -36.51 -9.31 9.49
C ILE I 58 -35.54 -9.99 8.54
N ASP I 59 -36.04 -10.89 7.72
CA ASP I 59 -35.17 -11.76 6.90
C ASP I 59 -34.22 -11.01 5.98
N SER I 60 -34.74 -9.99 5.35
CA SER I 60 -33.96 -9.12 4.49
C SER I 60 -32.77 -8.50 5.21
N GLN I 61 -32.82 -8.32 6.53
CA GLN I 61 -31.71 -7.70 7.26
C GLN I 61 -30.52 -8.66 7.49
N LYS I 62 -30.75 -9.98 7.38
CA LYS I 62 -29.69 -10.93 7.73
C LYS I 62 -28.43 -10.76 6.86
N LYS I 63 -28.54 -10.70 5.53
CA LYS I 63 -27.40 -10.48 4.66
C LYS I 63 -26.77 -9.14 4.97
N ALA I 64 -27.57 -8.12 5.29
CA ALA I 64 -27.05 -6.79 5.54
C ALA I 64 -26.30 -6.73 6.82
N ILE I 65 -26.68 -7.51 7.82
CA ILE I 65 -25.93 -7.54 9.09
C ILE I 65 -24.51 -8.15 8.83
N GLU I 66 -24.48 -9.20 8.03
CA GLU I 66 -23.21 -9.86 7.67
C GLU I 66 -22.32 -8.86 6.88
N ARG I 67 -22.92 -8.11 5.96
CA ARG I 67 -22.19 -7.14 5.17
C ARG I 67 -21.66 -6.06 6.08
N MET I 68 -22.45 -5.61 7.05
CA MET I 68 -21.97 -4.53 7.93
C MET I 68 -20.71 -4.96 8.70
N LYS I 69 -20.69 -6.19 9.20
CA LYS I 69 -19.50 -6.70 9.87
C LYS I 69 -18.28 -6.77 8.96
N ASP I 70 -18.51 -7.15 7.70
CA ASP I 70 -17.47 -7.09 6.68
C ASP I 70 -16.95 -5.65 6.52
N THR I 71 -17.87 -4.69 6.46
CA THR I 71 -17.52 -3.29 6.21
C THR I 71 -16.71 -2.76 7.36
N LEU I 72 -17.15 -3.04 8.59
CA LEU I 72 -16.43 -2.52 9.76
C LEU I 72 -15.00 -3.11 9.86
N ARG I 73 -14.86 -4.38 9.59
CA ARG I 73 -13.51 -5.01 9.62
C ARG I 73 -12.59 -4.30 8.59
N ILE I 74 -13.04 -4.16 7.35
CA ILE I 74 -12.18 -3.57 6.32
C ILE I 74 -11.94 -2.08 6.54
N ALA I 75 -12.95 -1.37 7.07
CA ALA I 75 -12.77 0.02 7.49
C ALA I 75 -11.71 0.11 8.57
N TYR I 76 -11.81 -0.72 9.60
CA TYR I 76 -10.76 -0.75 10.64
C TYR I 76 -9.32 -0.96 10.04
N LEU I 77 -9.18 -2.00 9.23
CA LEU I 77 -7.89 -2.35 8.68
C LEU I 77 -7.30 -1.35 7.66
N THR I 78 -8.17 -0.57 7.01
CA THR I 78 -7.75 0.49 6.09
C THR I 78 -7.67 1.85 6.77
N GLU I 79 -7.94 1.92 8.08
CA GLU I 79 -8.00 3.19 8.77
C GLU I 79 -8.92 4.17 8.08
N ALA I 80 -10.04 3.64 7.58
CA ALA I 80 -11.01 4.48 6.88
C ALA I 80 -11.74 5.41 7.83
N LYS I 81 -11.82 6.69 7.47
CA LYS I 81 -12.55 7.64 8.32
C LYS I 81 -14.06 7.30 8.32
N VAL I 82 -14.62 7.09 9.50
CA VAL I 82 -16.08 6.93 9.63
C VAL I 82 -16.67 8.31 9.84
N GLU I 83 -17.57 8.72 8.95
CA GLU I 83 -18.21 10.00 9.11
C GLU I 83 -19.30 9.93 10.16
N LYS I 84 -20.36 9.18 9.84
CA LYS I 84 -21.50 9.01 10.75
C LYS I 84 -21.91 7.55 10.92
N LEU I 85 -22.46 7.27 12.12
CA LEU I 85 -23.25 6.07 12.32
C LEU I 85 -24.67 6.48 12.62
N CYS I 86 -25.63 5.77 12.02
CA CYS I 86 -26.99 5.73 12.52
C CYS I 86 -27.11 4.56 13.48
N VAL I 87 -27.51 4.86 14.72
CA VAL I 87 -27.57 3.87 15.77
C VAL I 87 -28.91 3.88 16.53
N TRP I 88 -29.33 2.70 16.94
CA TRP I 88 -30.40 2.48 17.90
C TRP I 88 -29.84 2.78 19.30
N ASN I 89 -30.27 3.92 19.85
CA ASN I 89 -29.64 4.44 21.09
C ASN I 89 -30.33 3.97 22.34
N ASN I 90 -31.28 3.05 22.20
CA ASN I 90 -31.82 2.33 23.34
C ASN I 90 -30.97 1.11 23.73
N LYS I 91 -30.11 0.65 22.83
CA LYS I 91 -29.25 -0.51 23.05
C LYS I 91 -27.96 -0.10 23.69
N THR I 92 -27.34 -1.01 24.45
CA THR I 92 -26.09 -0.78 25.09
C THR I 92 -25.13 -1.94 24.72
N PRO I 93 -24.02 -1.70 24.05
CA PRO I 93 -23.70 -0.47 23.37
C PRO I 93 -24.77 -0.13 22.33
N HIS I 94 -24.78 1.14 21.89
CA HIS I 94 -25.65 1.53 20.81
C HIS I 94 -25.41 0.67 19.57
N ALA I 95 -26.51 0.27 18.93
CA ALA I 95 -26.43 -0.73 17.86
C ALA I 95 -26.48 -0.07 16.51
N ILE I 96 -25.56 -0.50 15.64
CA ILE I 96 -25.42 0.09 14.30
C ILE I 96 -26.56 -0.27 13.34
N ALA I 97 -27.19 0.74 12.75
CA ALA I 97 -28.18 0.59 11.67
C ALA I 97 -27.60 0.96 10.30
N ALA I 98 -26.73 1.99 10.28
CA ALA I 98 -26.04 2.39 9.06
C ALA I 98 -24.76 3.10 9.35
N ILE I 99 -23.92 3.11 8.30
CA ILE I 99 -22.62 3.78 8.36
C ILE I 99 -22.42 4.66 7.12
N SER I 100 -21.74 5.80 7.31
CA SER I 100 -21.21 6.56 6.19
C SER I 100 -19.70 6.77 6.39
N MET I 101 -18.97 6.69 5.28
CA MET I 101 -17.53 6.95 5.25
C MET I 101 -17.24 8.03 4.23
N ALA I 102 -16.42 9.01 4.60
CA ALA I 102 -15.96 10.00 3.64
C ALA I 102 -14.65 10.55 4.15
N ASN I 103 -13.78 11.02 3.25
CA ASN I 103 -12.56 11.62 3.78
C ASN I 103 -11.97 12.61 2.85
N THR J 1 -25.02 -9.84 -27.12
CA THR J 1 -24.50 -9.40 -25.81
C THR J 1 -23.76 -8.07 -25.99
N PRO J 2 -24.03 -7.10 -25.13
CA PRO J 2 -23.34 -5.85 -25.24
C PRO J 2 -21.84 -5.94 -24.92
N GLN J 3 -21.02 -5.04 -25.50
CA GLN J 3 -19.56 -5.04 -25.28
C GLN J 3 -19.05 -3.99 -24.37
N ASN J 4 -19.98 -3.17 -23.87
CA ASN J 4 -19.65 -2.06 -23.02
C ASN J 4 -20.85 -1.49 -22.30
N ILE J 5 -20.60 -0.66 -21.32
CA ILE J 5 -21.63 -0.12 -20.45
C ILE J 5 -22.65 0.74 -21.22
N THR J 6 -22.21 1.41 -22.25
CA THR J 6 -23.12 2.30 -23.03
C THR J 6 -24.18 1.47 -23.77
N ASP J 7 -23.72 0.46 -24.49
CA ASP J 7 -24.61 -0.44 -25.19
C ASP J 7 -25.52 -1.21 -24.25
N LEU J 8 -24.98 -1.60 -23.09
CA LEU J 8 -25.80 -2.33 -22.13
C LEU J 8 -26.89 -1.40 -21.60
N CYS J 9 -26.52 -0.17 -21.25
CA CYS J 9 -27.47 0.78 -20.66
C CYS J 9 -28.67 1.04 -21.57
N ALA J 10 -28.38 1.06 -22.88
CA ALA J 10 -29.39 1.38 -23.93
C ALA J 10 -30.35 0.25 -24.17
N GLU J 11 -30.10 -0.93 -23.58
CA GLU J 11 -31.08 -2.01 -23.72
C GLU J 11 -32.28 -1.79 -22.80
N TYR J 12 -32.19 -0.87 -21.82
CA TYR J 12 -33.20 -0.71 -20.78
C TYR J 12 -34.01 0.59 -20.95
N HIS J 13 -35.29 0.60 -20.56
CA HIS J 13 -36.00 1.88 -20.53
C HIS J 13 -35.65 2.61 -19.25
N ASN J 14 -35.83 3.91 -19.30
CA ASN J 14 -35.62 4.74 -18.11
C ASN J 14 -34.22 4.67 -17.54
N THR J 15 -33.22 4.51 -18.39
CA THR J 15 -31.83 4.60 -17.95
C THR J 15 -31.09 5.73 -18.63
N GLN J 16 -29.97 6.09 -18.04
CA GLN J 16 -29.07 7.10 -18.57
C GLN J 16 -27.67 6.82 -18.09
N ILE J 17 -26.68 7.15 -18.95
CA ILE J 17 -25.30 7.14 -18.57
C ILE J 17 -24.92 8.46 -17.89
N TYR J 18 -24.29 8.37 -16.73
CA TYR J 18 -23.69 9.46 -16.03
C TYR J 18 -22.18 9.29 -16.09
N THR J 19 -21.47 10.32 -16.54
CA THR J 19 -20.04 10.27 -16.72
C THR J 19 -19.43 11.00 -15.57
N LEU J 20 -18.76 10.29 -14.68
CA LEU J 20 -18.23 10.90 -13.45
C LEU J 20 -16.73 11.16 -13.57
N ASN J 21 -16.00 10.18 -14.10
CA ASN J 21 -14.54 10.26 -14.11
C ASN J 21 -13.96 10.76 -12.81
N ASP J 22 -14.37 10.15 -11.71
CA ASP J 22 -13.97 10.62 -10.37
C ASP J 22 -14.09 9.45 -9.41
N LYS J 23 -13.32 9.51 -8.32
CA LYS J 23 -13.52 8.62 -7.18
C LYS J 23 -14.81 8.91 -6.44
N ILE J 24 -15.27 7.88 -5.75
CA ILE J 24 -16.44 8.02 -4.88
C ILE J 24 -16.04 8.94 -3.70
N PHE J 25 -16.84 9.96 -3.41
CA PHE J 25 -16.62 10.91 -2.31
C PHE J 25 -17.09 10.30 -1.00
N SER J 26 -18.25 9.63 -0.98
CA SER J 26 -18.76 8.99 0.26
C SER J 26 -19.50 7.73 -0.04
N TYR J 27 -19.38 6.77 0.86
CA TYR J 27 -20.00 5.47 0.78
C TYR J 27 -20.84 5.30 2.05
N THR J 28 -22.08 4.91 1.84
CA THR J 28 -23.05 4.74 2.93
C THR J 28 -23.70 3.38 2.74
N GLU J 29 -23.88 2.65 3.84
CA GLU J 29 -24.72 1.46 3.75
C GLU J 29 -25.54 1.27 5.02
N SER J 30 -26.66 0.58 4.83
CA SER J 30 -27.66 0.45 5.88
C SER J 30 -28.12 -0.98 5.96
N LEU J 31 -28.24 -1.46 7.18
CA LEU J 31 -28.88 -2.77 7.48
C LEU J 31 -30.29 -2.61 8.11
N ALA J 32 -30.79 -1.40 8.19
CA ALA J 32 -32.14 -1.14 8.81
C ALA J 32 -33.24 -1.76 7.93
N GLY J 33 -34.30 -2.28 8.57
CA GLY J 33 -35.31 -3.06 7.87
C GLY J 33 -36.02 -2.22 6.82
N LYS J 34 -36.15 -2.79 5.65
CA LYS J 34 -36.69 -2.16 4.47
C LYS J 34 -35.79 -1.08 3.87
N ARG J 35 -34.58 -0.93 4.40
CA ARG J 35 -33.63 0.07 3.86
C ARG J 35 -32.22 -0.56 3.76
N GLU J 36 -32.19 -1.80 3.32
CA GLU J 36 -30.96 -2.58 3.21
C GLU J 36 -30.42 -2.22 1.83
N MET J 37 -29.68 -1.12 1.81
CA MET J 37 -29.28 -0.41 0.58
C MET J 37 -27.93 0.24 0.78
N ALA J 38 -27.34 0.68 -0.35
CA ALA J 38 -26.16 1.52 -0.29
C ALA J 38 -26.42 2.82 -1.04
N ILE J 39 -25.69 3.88 -0.63
CA ILE J 39 -25.75 5.16 -1.30
C ILE J 39 -24.31 5.65 -1.47
N ILE J 40 -23.98 6.07 -2.69
CA ILE J 40 -22.64 6.69 -2.96
C ILE J 40 -22.86 8.14 -3.37
N THR J 41 -21.92 9.02 -3.00
CA THR J 41 -21.98 10.37 -3.54
C THR J 41 -20.67 10.72 -4.25
N PHE J 42 -20.73 11.74 -5.11
CA PHE J 42 -19.54 12.27 -5.70
C PHE J 42 -19.37 13.73 -5.31
N LYS J 43 -18.14 14.22 -5.45
CA LYS J 43 -17.76 15.59 -5.14
C LYS J 43 -18.70 16.66 -5.75
N ASN J 44 -19.13 16.42 -6.96
CA ASN J 44 -20.03 17.29 -7.69
C ASN J 44 -21.49 17.30 -7.16
N GLY J 45 -21.83 16.43 -6.22
CA GLY J 45 -23.09 16.42 -5.54
C GLY J 45 -23.96 15.29 -6.06
N ALA J 46 -23.51 14.53 -7.08
CA ALA J 46 -24.36 13.42 -7.56
C ALA J 46 -24.47 12.39 -6.47
N ILE J 47 -25.69 11.86 -6.30
CA ILE J 47 -25.99 10.83 -5.32
C ILE J 47 -26.59 9.68 -6.09
N PHE J 48 -26.16 8.46 -5.80
CA PHE J 48 -26.76 7.31 -6.41
C PHE J 48 -26.99 6.22 -5.36
N GLN J 49 -27.92 5.34 -5.66
CA GLN J 49 -28.20 4.22 -4.77
C GLN J 49 -28.02 2.86 -5.44
N VAL J 50 -27.74 1.83 -4.60
CA VAL J 50 -28.09 0.47 -5.00
C VAL J 50 -29.41 0.15 -4.29
N GLU J 51 -30.46 -0.17 -5.07
CA GLU J 51 -31.81 -0.39 -4.51
C GLU J 51 -31.86 -1.52 -3.49
N VAL J 52 -32.76 -1.34 -2.53
CA VAL J 52 -33.17 -2.43 -1.68
C VAL J 52 -33.69 -3.54 -2.60
N PRO J 53 -33.31 -4.81 -2.39
CA PRO J 53 -33.82 -5.89 -3.23
C PRO J 53 -35.34 -6.00 -3.01
N GLY J 54 -36.11 -6.22 -4.06
CA GLY J 54 -37.57 -6.12 -4.04
C GLY J 54 -38.15 -6.55 -5.39
N SER J 55 -39.29 -5.97 -5.78
CA SER J 55 -40.18 -6.60 -6.79
C SER J 55 -39.89 -6.16 -8.21
N GLN J 56 -39.29 -4.99 -8.35
CA GLN J 56 -38.63 -4.61 -9.58
C GLN J 56 -37.45 -5.57 -9.98
N HIS J 57 -37.08 -6.54 -9.12
CA HIS J 57 -35.92 -7.47 -9.37
C HIS J 57 -36.26 -8.94 -9.59
N ILE J 58 -35.52 -9.58 -10.50
CA ILE J 58 -35.65 -11.00 -10.81
C ILE J 58 -34.63 -11.77 -10.03
N ASP J 59 -34.81 -13.09 -9.92
CA ASP J 59 -33.93 -13.96 -9.10
C ASP J 59 -32.45 -13.81 -9.44
N SER J 60 -32.16 -13.69 -10.74
CA SER J 60 -30.79 -13.64 -11.21
C SER J 60 -30.09 -12.36 -10.79
N GLN J 61 -30.84 -11.34 -10.39
CA GLN J 61 -30.24 -10.12 -9.90
C GLN J 61 -29.78 -10.18 -8.45
N LYS J 62 -30.23 -11.18 -7.68
CA LYS J 62 -29.97 -11.12 -6.24
CA LYS J 62 -29.97 -11.20 -6.23
C LYS J 62 -28.47 -11.16 -5.95
N LYS J 63 -27.74 -12.07 -6.57
CA LYS J 63 -26.29 -12.13 -6.32
C LYS J 63 -25.62 -10.88 -6.87
N ALA J 64 -26.11 -10.37 -7.99
CA ALA J 64 -25.48 -9.17 -8.63
C ALA J 64 -25.64 -7.90 -7.82
N ILE J 65 -26.77 -7.74 -7.13
CA ILE J 65 -27.02 -6.61 -6.32
C ILE J 65 -26.03 -6.65 -5.17
N GLU J 66 -25.84 -7.84 -4.60
CA GLU J 66 -24.87 -7.98 -3.50
C GLU J 66 -23.42 -7.72 -4.00
N ARG J 67 -23.08 -8.22 -5.16
CA ARG J 67 -21.79 -7.93 -5.74
C ARG J 67 -21.60 -6.44 -5.97
N MET J 68 -22.63 -5.73 -6.45
CA MET J 68 -22.47 -4.31 -6.71
C MET J 68 -22.11 -3.54 -5.43
N LYS J 69 -22.79 -3.85 -4.34
CA LYS J 69 -22.41 -3.21 -3.03
C LYS J 69 -21.00 -3.54 -2.59
N ASP J 70 -20.56 -4.77 -2.81
CA ASP J 70 -19.14 -5.17 -2.56
C ASP J 70 -18.21 -4.28 -3.43
N THR J 71 -18.56 -4.16 -4.73
CA THR J 71 -17.73 -3.39 -5.68
C THR J 71 -17.65 -1.94 -5.29
N LEU J 72 -18.80 -1.34 -4.94
CA LEU J 72 -18.75 0.05 -4.54
C LEU J 72 -17.94 0.31 -3.26
N ARG J 73 -18.08 -0.59 -2.27
CA ARG J 73 -17.29 -0.43 -1.03
C ARG J 73 -15.77 -0.47 -1.30
N ILE J 74 -15.34 -1.45 -2.06
CA ILE J 74 -13.88 -1.59 -2.33
C ILE J 74 -13.39 -0.47 -3.28
N ALA J 75 -14.23 -0.05 -4.24
CA ALA J 75 -13.90 1.06 -5.11
C ALA J 75 -13.69 2.28 -4.24
N TYR J 76 -14.60 2.53 -3.32
CA TYR J 76 -14.47 3.65 -2.39
C TYR J 76 -13.16 3.58 -1.60
N LEU J 77 -12.88 2.44 -0.99
CA LEU J 77 -11.69 2.29 -0.12
C LEU J 77 -10.35 2.32 -0.90
N THR J 78 -10.38 2.07 -2.21
CA THR J 78 -9.15 2.09 -3.01
C THR J 78 -9.04 3.40 -3.78
N GLU J 79 -10.01 4.33 -3.55
CA GLU J 79 -10.11 5.56 -4.31
C GLU J 79 -10.09 5.32 -5.83
N ALA J 80 -10.72 4.24 -6.24
CA ALA J 80 -10.77 3.92 -7.65
C ALA J 80 -11.60 4.91 -8.48
N LYS J 81 -11.08 5.31 -9.64
CA LYS J 81 -11.84 6.23 -10.49
CA LYS J 81 -11.79 6.21 -10.55
C LYS J 81 -13.02 5.50 -11.09
N VAL J 82 -14.22 6.08 -10.91
CA VAL J 82 -15.41 5.58 -11.58
C VAL J 82 -15.51 6.37 -12.88
N GLU J 83 -15.58 5.65 -14.00
CA GLU J 83 -15.74 6.30 -15.29
C GLU J 83 -17.22 6.64 -15.48
N LYS J 84 -18.06 5.64 -15.70
CA LYS J 84 -19.47 5.85 -15.93
C LYS J 84 -20.35 5.00 -15.00
N LEU J 85 -21.57 5.50 -14.78
CA LEU J 85 -22.70 4.73 -14.17
C LEU J 85 -23.83 4.68 -15.15
N CYS J 86 -24.41 3.49 -15.32
CA CYS J 86 -25.71 3.37 -15.96
C CYS J 86 -26.70 3.39 -14.82
N VAL J 87 -27.65 4.33 -14.83
CA VAL J 87 -28.61 4.46 -13.72
C VAL J 87 -30.09 4.52 -14.24
N TRP J 88 -31.02 4.05 -13.42
CA TRP J 88 -32.44 4.30 -13.66
C TRP J 88 -32.72 5.69 -13.12
N ASN J 89 -33.11 6.60 -14.02
CA ASN J 89 -33.33 7.98 -13.63
C ASN J 89 -34.74 8.38 -13.23
N ASN J 90 -35.61 7.38 -13.12
CA ASN J 90 -36.95 7.58 -12.52
C ASN J 90 -36.99 7.28 -11.02
N LYS J 91 -35.83 6.96 -10.42
CA LYS J 91 -35.74 6.77 -8.99
C LYS J 91 -35.03 7.95 -8.37
N THR J 92 -35.21 8.16 -7.10
CA THR J 92 -34.53 9.20 -6.36
C THR J 92 -33.95 8.61 -5.07
N PRO J 93 -32.63 8.55 -4.87
CA PRO J 93 -31.57 8.89 -5.83
C PRO J 93 -31.63 8.00 -7.04
N HIS J 94 -31.03 8.38 -8.16
CA HIS J 94 -30.98 7.47 -9.26
C HIS J 94 -30.30 6.13 -8.88
N ALA J 95 -30.81 5.07 -9.44
CA ALA J 95 -30.49 3.73 -8.99
C ALA J 95 -29.46 3.12 -9.95
N ILE J 96 -28.38 2.57 -9.39
CA ILE J 96 -27.31 1.95 -10.19
C ILE J 96 -27.75 0.68 -10.86
N ALA J 97 -27.62 0.64 -12.20
CA ALA J 97 -27.66 -0.60 -13.00
C ALA J 97 -26.27 -1.18 -13.35
N ALA J 98 -25.29 -0.34 -13.60
CA ALA J 98 -23.97 -0.84 -13.99
C ALA J 98 -22.96 0.23 -13.75
N ILE J 99 -21.71 -0.24 -13.60
CA ILE J 99 -20.57 0.66 -13.31
C ILE J 99 -19.41 0.30 -14.21
N SER J 100 -18.67 1.33 -14.61
CA SER J 100 -17.38 1.15 -15.27
C SER J 100 -16.29 1.90 -14.56
N MET J 101 -15.14 1.23 -14.46
CA MET J 101 -13.94 1.83 -13.87
C MET J 101 -12.78 1.73 -14.85
N ALA J 102 -12.02 2.83 -14.94
CA ALA J 102 -10.85 2.91 -15.79
C ALA J 102 -9.97 4.04 -15.21
N ASN J 103 -8.63 3.85 -15.30
CA ASN J 103 -7.53 4.54 -14.47
C ASN J 103 -7.47 6.02 -14.65
C1 GLC K . -1.21 18.26 -28.02
C2 GLC K . -0.03 18.96 -27.37
C3 GLC K . -0.44 20.05 -26.42
C4 GLC K . -1.48 21.02 -26.99
C5 GLC K . -2.69 20.18 -27.50
C6 GLC K . -3.80 21.05 -28.11
O1 GLC K . -1.78 17.35 -27.11
O2 GLC K . 0.72 18.01 -26.65
O3 GLC K . 0.69 20.83 -26.26
O4 GLC K . -1.89 21.92 -25.93
O5 GLC K . -2.22 19.22 -28.46
O6 GLC K . -3.17 21.84 -29.14
C1 GAL K . -2.15 23.30 -26.28
C2 GAL K . -3.06 23.95 -25.23
C3 GAL K . -3.07 25.43 -25.38
C4 GAL K . -1.66 26.01 -25.45
C5 GAL K . -0.93 25.27 -26.58
C6 GAL K . 0.54 25.54 -26.72
O2 GAL K . -4.38 23.52 -25.48
O3 GAL K . -3.76 25.98 -24.24
O4 GAL K . -1.01 25.82 -24.19
O5 GAL K . -0.90 23.90 -26.29
O6 GAL K . 0.65 26.95 -26.94
C1 FUC K . -5.21 23.25 -24.32
C2 FUC K . -6.66 23.01 -24.77
C3 FUC K . -6.73 21.66 -25.51
C4 FUC K . -6.25 20.57 -24.57
C5 FUC K . -4.79 20.85 -24.30
C6 FUC K . -4.17 19.73 -23.46
O2 FUC K . -7.08 24.10 -25.64
O3 FUC K . -8.04 21.38 -25.92
O4 FUC K . -6.96 20.64 -23.34
O5 FUC K . -4.67 22.08 -23.59
O5 A2G K . -4.45 27.75 -25.74
C1 A2G K . -4.17 27.37 -24.36
C2 A2G K . -5.40 27.67 -23.46
N2 A2G K . -5.22 27.03 -22.13
C3 A2G K . -6.69 27.12 -24.13
O3 A2G K . -7.82 27.57 -23.37
C4 A2G K . -6.86 27.63 -25.56
O4 A2G K . -6.89 29.08 -25.51
C5 A2G K . -5.69 27.23 -26.40
C6 A2G K . -5.66 28.03 -27.67
O6 A2G K . -4.54 27.50 -28.40
C7 A2G K . -5.51 27.56 -20.92
O7 A2G K . -5.31 26.95 -19.87
C8 A2G K . -6.09 29.01 -20.85
C1 FUC K . 1.43 20.58 -25.09
C2 FUC K . 2.71 21.32 -25.29
C3 FUC K . 2.53 22.79 -25.17
C4 FUC K . 1.91 23.11 -23.85
C5 FUC K . 0.58 22.30 -23.68
C6 FUC K . -0.15 22.56 -22.37
O2 FUC K . 3.10 21.00 -26.59
O3 FUC K . 3.85 23.37 -25.26
O4 FUC K . 2.88 22.79 -22.83
O5 FUC K . 0.80 20.91 -23.81
C2 BGC L . 27.23 -14.80 13.15
C3 BGC L . 27.62 -14.88 11.68
C4 BGC L . 28.33 -16.21 11.40
C5 BGC L . 27.35 -17.35 11.85
C6 BGC L . 28.01 -18.70 11.82
C1 BGC L . 26.31 -15.96 13.42
O1 BGC L . 25.95 -15.94 14.76
O2 BGC L . 26.51 -13.57 13.48
O3 BGC L . 28.58 -13.86 11.32
O4 BGC L . 28.61 -16.26 10.00
O5 BGC L . 26.98 -17.18 13.23
O6 BGC L . 26.87 -19.59 11.81
C1 GAL L . 29.91 -16.60 9.53
C1 GAL L . 29.61 -16.69 9.44
C2 GAL L . 29.74 -17.03 8.08
C2 GAL L . 29.69 -17.10 8.00
C3 GAL L . 31.10 -17.41 7.41
C3 GAL L . 31.15 -17.30 7.55
C4 GAL L . 32.07 -16.27 7.53
C4 GAL L . 31.96 -16.04 7.81
C5 GAL L . 32.22 -15.97 9.03
C5 GAL L . 31.85 -15.83 9.34
C6 GAL L . 33.36 -15.01 9.14
C6 GAL L . 32.71 -14.69 9.78
O2 GAL L . 28.80 -18.14 8.03
O2 GAL L . 28.98 -18.36 7.77
O3 GAL L . 30.88 -17.70 6.02
O3 GAL L . 31.07 -17.60 6.16
O4 GAL L . 31.56 -15.11 6.76
O4 GAL L . 31.44 -14.91 7.04
O5 GAL L . 30.92 -15.56 9.64
O5 GAL L . 30.46 -15.58 9.74
O6 GAL L . 33.15 -14.39 10.39
O6 GAL L . 32.85 -14.80 11.20
C1 FUC L . 28.26 -18.39 6.76
C1 FUC L . 27.95 -18.37 6.79
C2 FUC L . 27.77 -19.85 6.67
C2 FUC L . 27.40 -19.81 6.70
C3 FUC L . 26.64 -20.09 7.66
C3 FUC L . 26.51 -20.13 7.89
C4 FUC L . 25.55 -18.99 7.52
C4 FUC L . 25.41 -19.05 8.00
C5 FUC L . 26.22 -17.63 7.63
C5 FUC L . 26.11 -17.69 8.19
C6 FUC L . 25.17 -16.52 7.54
C6 FUC L . 25.14 -16.55 8.38
O2 FUC L . 28.89 -20.75 6.97
O2 FUC L . 28.55 -20.71 6.68
O3 FUC L . 26.05 -21.40 7.44
O3 FUC L . 25.93 -21.44 7.67
O4 FUC L . 24.83 -19.08 6.29
O4 FUC L . 24.61 -19.07 6.80
O5 FUC L . 27.15 -17.51 6.57
O5 FUC L . 26.88 -17.45 7.02
O5 A2G L . 32.81 -19.07 6.21
O5 A2G L . 33.21 -18.56 6.32
C1 A2G L . 32.09 -18.14 5.36
C1 A2G L . 32.31 -17.85 5.48
C2 A2G L . 31.81 -18.77 4.00
C2 A2G L . 32.06 -18.65 4.24
N2 A2G L . 30.81 -18.03 3.18
N2 A2G L . 31.06 -18.01 3.37
C3 A2G L . 31.24 -20.19 4.13
C3 A2G L . 31.48 -19.99 4.64
O3 A2G L . 31.30 -20.79 2.85
O3 A2G L . 31.04 -20.72 3.46
C4 A2G L . 32.02 -21.06 5.09
C4 A2G L . 32.54 -20.69 5.40
O4 A2G L . 33.26 -21.42 4.46
O4 A2G L . 33.82 -20.70 4.64
C5 A2G L . 32.21 -20.35 6.41
C5 A2G L . 32.72 -19.88 6.64
C6 A2G L . 33.18 -21.12 7.33
C6 A2G L . 33.79 -20.52 7.53
O6 A2G L . 32.39 -22.17 7.94
O6 A2G L . 33.80 -19.79 8.74
C7 A2G L . 31.15 -17.54 1.97
C7 A2G L . 31.46 -17.20 2.37
O7 A2G L . 32.30 -17.56 1.53
O7 A2G L . 32.64 -16.93 2.15
C8 A2G L . 30.04 -16.82 1.17
C8 A2G L . 30.31 -16.65 1.49
C1 FUC L . 28.09 -12.59 10.93
C1 FUC L . 27.90 -12.66 11.33
C2 FUC L . 29.17 -11.57 11.08
C2 FUC L . 28.99 -11.68 11.65
C3 FUC L . 30.33 -11.87 10.15
C3 FUC L . 30.22 -11.96 10.80
C4 FUC L . 29.83 -11.97 8.71
C4 FUC L . 29.85 -11.85 9.35
C5 FUC L . 28.68 -12.98 8.65
C5 FUC L . 28.69 -12.85 9.09
C6 FUC L . 28.03 -13.02 7.28
C6 FUC L . 28.23 -12.86 7.64
O2 FUC L . 29.63 -11.59 12.43
O2 FUC L . 29.34 -11.78 13.04
O3 FUC L . 31.31 -10.83 10.27
O3 FUC L . 31.22 -10.99 11.13
O4 FUC L . 29.43 -10.64 8.15
O4 FUC L . 29.52 -10.45 9.05
O5 FUC L . 27.66 -12.65 9.57
O5 FUC L . 27.57 -12.57 9.93
C1 GLC M . 21.33 -10.96 -23.35
C2 GLC M . 22.20 -9.74 -22.96
C3 GLC M . 21.72 -8.49 -23.71
C4 GLC M . 21.62 -8.73 -25.20
C5 GLC M . 20.79 -9.99 -25.53
C6 GLC M . 20.84 -10.25 -27.02
O1 GLC M . 20.00 -10.71 -23.00
O2 GLC M . 22.12 -9.47 -21.57
O3 GLC M . 22.71 -7.49 -23.53
O4 GLC M . 20.99 -7.57 -25.72
O5 GLC M . 21.34 -11.13 -24.78
O6 GLC M . 19.99 -11.41 -27.20
C1 GAL M . 21.54 -7.04 -26.94
C2 GAL M . 20.44 -6.16 -27.54
C3 GAL M . 20.98 -5.35 -28.71
C4 GAL M . 22.26 -4.62 -28.37
C5 GAL M . 23.26 -5.65 -27.90
C6 GAL M . 24.53 -4.95 -27.50
O2 GAL M . 19.41 -7.08 -28.00
O3 GAL M . 19.92 -4.43 -29.21
O4 GAL M . 21.99 -3.66 -27.32
O5 GAL M . 22.75 -6.27 -26.70
O6 GAL M . 25.38 -6.05 -27.14
C1 FUC M . 18.07 -6.55 -27.83
C2 FUC M . 17.07 -7.37 -28.66
C3 FUC M . 16.93 -8.78 -28.07
C4 FUC M . 16.67 -8.75 -26.59
C5 FUC M . 17.71 -7.90 -25.91
C6 FUC M . 17.44 -7.83 -24.43
O2 FUC M . 17.48 -7.47 -30.06
O3 FUC M . 15.76 -9.32 -28.64
O4 FUC M . 15.40 -8.16 -26.42
O5 FUC M . 17.66 -6.54 -26.44
O5 A2G M . 21.02 -4.46 -31.31
C1 A2G M . 20.13 -3.70 -30.45
C2 A2G M . 18.83 -3.36 -31.30
N2 A2G M . 17.98 -2.26 -30.73
C3 A2G M . 18.15 -4.64 -31.80
O3 A2G M . 17.07 -4.26 -32.65
C4 A2G M . 19.22 -5.41 -32.63
O4 A2G M . 19.63 -4.62 -33.77
C5 A2G M . 20.43 -5.72 -31.77
C6 A2G M . 21.60 -6.38 -32.47
O6 A2G M . 21.08 -7.62 -32.93
C7 A2G M . 16.86 -2.14 -29.95
O7 A2G M . 16.41 -1.00 -29.70
C8 A2G M . 16.17 -3.41 -29.39
C1 FUC M . 22.53 -6.61 -22.46
C2 FUC M . 23.89 -5.84 -22.30
C3 FUC M . 24.10 -4.93 -23.47
C4 FUC M . 22.98 -3.98 -23.56
C5 FUC M . 21.63 -4.75 -23.72
C6 FUC M . 20.42 -3.87 -23.89
O2 FUC M . 24.96 -6.75 -22.18
O3 FUC M . 25.28 -4.21 -23.29
O4 FUC M . 23.07 -3.20 -22.45
O5 FUC M . 21.41 -5.73 -22.66
C2 BGC N . -11.83 -4.70 -30.63
C3 BGC N . -11.33 -6.19 -30.54
C4 BGC N . -10.66 -6.63 -31.83
C5 BGC N . -9.64 -5.54 -32.36
C6 BGC N . -9.12 -5.77 -33.80
C1 BGC N . -10.67 -3.85 -31.08
O1 BGC N . -11.14 -2.52 -31.08
O2 BGC N . -12.32 -4.17 -29.36
O3 BGC N . -12.48 -7.10 -30.34
O4 BGC N . -9.94 -7.78 -31.54
O5 BGC N . -10.28 -4.27 -32.44
O6 BGC N . -10.34 -5.79 -34.58
C1 GAL N . -10.05 -8.85 -32.48
C2 GAL N . -8.87 -9.78 -32.19
C3 GAL N . -9.00 -11.06 -32.99
C4 GAL N . -10.43 -11.67 -32.82
C5 GAL N . -11.47 -10.58 -33.17
C6 GAL N . -12.87 -10.93 -32.83
O2 GAL N . -7.71 -9.13 -32.58
O3 GAL N . -7.92 -11.99 -32.55
O4 GAL N . -10.53 -12.04 -31.44
O5 GAL N . -11.28 -9.51 -32.26
O6 GAL N . -13.28 -12.03 -33.68
C1 FUC N . -6.47 -9.42 -31.87
C2 FUC N . -5.27 -8.92 -32.69
C3 FUC N . -5.35 -7.40 -32.82
C4 FUC N . -5.50 -6.72 -31.45
C5 FUC N . -6.77 -7.27 -30.81
C6 FUC N . -7.09 -6.60 -29.46
O2 FUC N . -5.32 -9.50 -34.03
O3 FUC N . -4.20 -6.90 -33.46
O4 FUC N . -4.35 -6.95 -30.64
O5 FUC N . -6.63 -8.69 -30.64
O5 A2G N . -8.19 -12.96 -34.82
C1 A2G N . -7.87 -13.22 -33.39
C2 A2G N . -6.51 -13.88 -33.30
N2 A2G N . -6.01 -13.98 -31.92
C3 A2G N . -5.43 -13.08 -34.10
O3 A2G N . -4.15 -13.70 -33.90
C4 A2G N . -5.82 -12.99 -35.59
O4 A2G N . -5.96 -14.27 -36.22
C5 A2G N . -7.21 -12.25 -35.61
C6 A2G N . -7.77 -12.11 -37.03
O6 A2G N . -8.95 -11.26 -36.88
C7 A2G N . -5.97 -15.14 -31.25
O7 A2G N . -6.47 -16.20 -31.64
C8 A2G N . -5.32 -15.07 -29.84
C1 FUC N . -12.84 -7.28 -28.94
C2 FUC N . -14.23 -8.00 -28.97
C3 FUC N . -14.07 -9.44 -29.59
C4 FUC N . -12.99 -10.21 -28.86
C5 FUC N . -11.64 -9.37 -28.81
C6 FUC N . -10.53 -10.09 -28.03
O2 FUC N . -15.15 -7.27 -29.77
O3 FUC N . -15.36 -10.20 -29.50
O4 FUC N . -13.47 -10.48 -27.49
O5 FUC N . -11.84 -8.09 -28.23
C2 BGC O . 7.56 -30.60 -12.34
C3 BGC O . 7.48 -31.01 -10.88
C4 BGC O . 8.61 -31.99 -10.45
C5 BGC O . 9.96 -31.54 -11.06
C6 BGC O . 11.16 -32.41 -10.66
C1 BGC O . 9.02 -30.36 -12.71
O1 BGC O . 9.17 -29.94 -14.07
O2 BGC O . 6.80 -29.39 -12.50
O3 BGC O . 6.21 -31.66 -10.60
O4 BGC O . 8.69 -31.98 -9.02
O5 BGC O . 9.82 -31.54 -12.46
O6 BGC O . 10.85 -33.79 -10.96
C1 GAL O . 8.60 -33.37 -8.75
C1 GAL O . 8.70 -33.28 -8.55
C2 GAL O . 8.93 -33.29 -7.27
C2 GAL O . 9.01 -33.25 -7.11
C3 GAL O . 8.83 -34.72 -6.62
C3 GAL O . 8.84 -34.68 -6.56
C4 GAL O . 7.42 -35.31 -6.90
C4 GAL O . 7.42 -35.17 -6.90
C5 GAL O . 7.23 -35.32 -8.41
C5 GAL O . 7.32 -35.15 -8.36
C6 GAL O . 5.89 -35.91 -8.76
C6 GAL O . 6.03 -35.79 -8.88
O2 GAL O . 10.26 -32.77 -7.16
O2 GAL O . 10.36 -32.79 -6.97
O3 GAL O . 9.18 -34.71 -5.22
O3 GAL O . 9.06 -34.71 -5.19
O4 GAL O . 6.37 -34.57 -6.20
O4 GAL O . 6.43 -34.27 -6.32
O5 GAL O . 7.34 -34.01 -8.98
O5 GAL O . 7.39 -33.80 -8.78
O6 GAL O . 5.87 -35.98 -10.20
O6 GAL O . 5.84 -37.13 -8.35
C1 FUC O . 10.47 -31.92 -6.01
C1 FUC O . 10.43 -31.75 -5.98
C2 FUC O . 12.00 -31.80 -5.80
C2 FUC O . 11.90 -31.51 -5.59
C3 FUC O . 12.66 -31.02 -6.98
C3 FUC O . 12.70 -31.10 -6.79
C4 FUC O . 11.95 -29.67 -7.18
C4 FUC O . 12.11 -29.84 -7.48
C5 FUC O . 10.49 -29.98 -7.41
C5 FUC O . 10.64 -30.15 -7.76
C6 FUC O . 9.66 -28.73 -7.70
C6 FUC O . 9.97 -28.96 -8.43
O2 FUC O . 12.51 -33.14 -5.74
O2 FUC O . 12.50 -32.70 -5.02
O3 FUC O . 14.09 -30.83 -6.77
O3 FUC O . 14.06 -30.87 -6.39
O4 FUC O . 12.15 -28.90 -6.02
O4 FUC O . 12.28 -28.69 -6.69
O5 FUC O . 9.95 -30.61 -6.22
O5 FUC O . 9.95 -30.50 -6.55
O5 A2G O . 9.26 -37.27 -4.91
O5 A2G O . 9.42 -37.02 -5.60
C1 A2G O . 9.03 -35.93 -4.38
C1 A2G O . 8.78 -36.06 -4.76
C2 A2G O . 9.91 -35.82 -3.15
C2 A2G O . 9.28 -36.22 -3.35
N2 A2G O . 9.65 -34.60 -2.35
N2 A2G O . 8.70 -35.22 -2.54
C3 A2G O . 11.39 -35.83 -3.51
C3 A2G O . 10.74 -35.95 -3.23
O3 A2G O . 12.13 -35.74 -2.22
O3 A2G O . 11.17 -35.84 -1.72
C4 A2G O . 11.72 -37.14 -4.26
C4 A2G O . 11.34 -37.04 -4.06
O4 A2G O . 11.81 -38.23 -3.32
O4 A2G O . 10.79 -38.29 -3.65
C5 A2G O . 10.65 -37.47 -5.39
C5 A2G O . 10.86 -36.83 -5.51
C6 A2G O . 10.79 -38.90 -5.87
C6 A2G O . 11.44 -37.91 -6.42
O6 A2G O . 10.73 -38.87 -7.32
O6 A2G O . 10.90 -37.77 -7.75
C7 A2G O . 8.70 -34.65 -1.40
C7 A2G O . 8.38 -35.60 -1.33
O7 A2G O . 8.00 -35.66 -1.22
O7 A2G O . 7.95 -34.82 -0.49
C8 A2G O . 8.51 -33.38 -0.60
C8 A2G O . 8.66 -37.07 -1.04
C1 FUC O . 5.05 -30.72 -10.41
C1 FUC O . 5.16 -30.70 -10.79
C2 FUC O . 3.83 -31.62 -10.54
C2 FUC O . 3.93 -31.45 -11.19
C3 FUC O . 3.87 -32.76 -9.58
C3 FUC O . 3.87 -32.66 -10.35
C4 FUC O . 4.02 -32.27 -8.17
C4 FUC O . 3.81 -32.18 -8.91
C5 FUC O . 5.24 -31.37 -8.09
C5 FUC O . 5.06 -31.32 -8.69
C6 FUC O . 5.26 -30.71 -6.75
C6 FUC O . 5.14 -30.92 -7.23
O2 FUC O . 3.85 -32.13 -11.88
O2 FUC O . 4.04 -31.83 -12.52
O3 FUC O . 2.63 -33.48 -9.68
O3 FUC O . 2.73 -33.44 -10.70
O4 FUC O . 2.80 -31.57 -7.69
O4 FUC O . 2.56 -31.44 -8.61
O5 FUC O . 5.22 -30.35 -9.07
O5 FUC O . 5.04 -30.18 -9.51
C1 GLC P . -17.56 5.78 28.14
C2 GLC P . -18.67 4.89 27.57
C3 GLC P . -19.54 5.66 26.52
C4 GLC P . -19.99 7.00 27.13
C5 GLC P . -18.84 7.73 27.84
C6 GLC P . -19.28 8.93 28.66
O1 GLC P . -16.66 6.39 27.14
O2 GLC P . -18.12 3.64 27.00
O3 GLC P . -20.74 4.96 26.18
O4 GLC P . -20.48 7.80 26.06
O5 GLC P . -18.22 6.84 28.79
O6 GLC P . -20.16 8.45 29.63
C1 GAL P . -21.67 8.49 26.22
C2 GAL P . -21.72 9.73 25.34
C3 GAL P . -23.11 10.30 25.45
C4 GAL P . -24.18 9.23 25.16
C5 GAL P . -23.99 8.08 26.12
C6 GAL P . -25.10 7.09 25.96
O2 GAL P . -20.82 10.65 25.97
O3 GAL P . -23.21 11.39 24.45
O4 GAL P . -24.08 8.80 23.80
O5 GAL P . -22.67 7.52 25.94
O6 GAL P . -24.82 6.05 26.92
C1 FUC P . -20.18 11.57 25.07
C2 FUC P . -19.24 12.40 25.93
C3 FUC P . -18.05 11.58 26.33
C4 FUC P . -17.40 10.94 25.11
C5 FUC P . -18.44 10.03 24.49
C6 FUC P . -17.90 9.22 23.34
O2 FUC P . -19.92 12.71 27.13
O3 FUC P . -17.14 12.43 26.96
O4 FUC P . -17.07 11.99 24.20
O5 FUC P . -19.50 10.84 24.01
O5 A2G P . -24.91 12.47 25.75
C1 A2G P . -24.49 12.10 24.41
C2 A2G P . -24.29 13.32 23.54
N2 A2G P . -23.78 12.93 22.20
C3 A2G P . -23.26 14.29 24.23
O3 A2G P . -23.05 15.46 23.44
C4 A2G P . -23.74 14.68 25.62
O4 A2G P . -24.93 15.41 25.47
C5 A2G P . -23.93 13.39 26.42
C6 A2G P . -24.21 13.71 27.88
O6 A2G P . -24.94 12.59 28.41
C7 A2G P . -24.53 12.38 21.24
O7 A2G P . -25.70 12.07 21.35
C8 A2G P . -23.80 12.16 19.89
C1 FUC P . -20.64 3.93 25.18
C2 FUC P . -21.77 2.92 25.33
C3 FUC P . -23.09 3.59 25.02
C4 FUC P . -23.05 4.23 23.65
C5 FUC P . -21.84 5.19 23.54
C6 FUC P . -21.76 5.90 22.14
O2 FUC P . -21.71 2.38 26.68
O3 FUC P . -24.19 2.59 25.02
O4 FUC P . -22.98 3.23 22.65
O5 FUC P . -20.63 4.51 23.85
C1 GLC Q . -28.07 18.22 -5.75
C1 GLC Q . -27.35 18.23 -6.00
C2 GLC Q . -28.60 16.80 -5.87
C2 GLC Q . -28.19 16.97 -5.87
C3 GLC Q . -28.33 16.20 -7.28
C3 GLC Q . -28.25 16.21 -7.19
C4 GLC Q . -28.68 17.16 -8.41
C4 GLC Q . -28.63 17.15 -8.36
C5 GLC Q . -27.98 18.46 -8.14
C5 GLC Q . -27.96 18.55 -8.29
C6 GLC Q . -28.33 19.52 -9.17
C6 GLC Q . -28.84 19.70 -8.82
O1 GLC Q . -26.62 18.20 -5.56
O1 GLC Q . -25.99 17.97 -6.33
O2 GLC Q . -27.93 16.04 -4.85
O2 GLC Q . -27.64 16.20 -4.80
O3 GLC Q . -29.18 15.12 -7.49
O3 GLC Q . -29.24 15.19 -7.14
O4 GLC Q . -28.23 16.60 -9.66
O4 GLC Q . -28.19 16.53 -9.56
O5 GLC Q . -28.49 18.98 -6.89
O5 GLC Q . -27.88 19.07 -7.00
O6 GLC Q . -27.38 19.35 -10.25
O6 GLC Q . -27.88 20.76 -8.97
C1 GAL Q . -29.30 16.54 -10.65
C1 GAL Q . -29.15 16.62 -10.60
C2 GAL Q . -28.71 16.15 -12.01
C2 GAL Q . -28.42 16.36 -11.92
C3 GAL Q . -29.76 15.94 -13.04
C3 GAL Q . -29.41 16.24 -13.04
C4 GAL Q . -30.89 15.01 -12.53
C4 GAL Q . -30.38 15.15 -12.72
C5 GAL Q . -31.36 15.55 -11.21
C5 GAL Q . -31.10 15.56 -11.47
C6 GAL Q . -32.40 14.62 -10.67
C6 GAL Q . -32.18 14.54 -11.11
O2 GAL Q . -27.93 17.24 -12.50
O2 GAL Q . -27.56 17.48 -12.18
O3 GAL Q . -29.12 15.42 -14.19
O3 GAL Q . -28.71 16.00 -14.27
O4 GAL Q . -30.44 13.64 -12.36
O4 GAL Q . -29.71 13.88 -12.50
O5 GAL Q . -30.28 15.65 -10.23
O5 GAL Q . -30.15 15.69 -10.38
O6 GAL Q . -33.37 14.61 -11.72
O6 GAL Q . -32.95 15.03 -9.99
C1 FUC Q . -26.66 16.88 -13.12
C1 FUC Q . -26.29 17.02 -12.77
C2 FUC Q . -26.05 18.18 -13.69
C2 FUC Q . -25.50 18.16 -13.42
C3 FUC Q . -25.60 19.06 -12.54
C3 FUC Q . -25.11 19.22 -12.38
C4 FUC Q . -24.58 18.28 -11.73
C4 FUC Q . -24.49 18.58 -11.16
C5 FUC Q . -25.35 17.15 -11.13
C5 FUC Q . -25.21 17.27 -10.73
C6 FUC Q . -24.45 16.42 -10.13
C6 FUC Q . -24.26 16.49 -9.85
O2 FUC Q . -27.02 18.84 -14.46
O2 FUC Q . -26.32 18.72 -14.45
O3 FUC Q . -25.04 20.31 -13.03
O3 FUC Q . -24.11 20.12 -12.96
O4 FUC Q . -23.45 17.75 -12.53
O4 FUC Q . -23.10 18.38 -11.45
O5 FUC Q . -25.72 16.28 -12.22
O5 FUC Q . -25.50 16.44 -11.84
O5 A2G Q . -30.70 16.74 -15.60
O5 A2G Q . -30.78 16.49 -15.47
C1 A2G Q . -29.80 15.56 -15.49
C1 A2G Q . -29.64 15.59 -15.30
C2 A2G Q . -28.76 15.63 -16.63
C2 A2G Q . -28.93 15.52 -16.66
N2 A2G Q . -27.75 14.53 -16.64
N2 A2G Q . -27.75 14.65 -16.69
C3 A2G Q . -27.99 16.99 -16.56
C3 A2G Q . -28.45 16.92 -17.11
O3 A2G Q . -26.98 17.12 -17.60
O3 A2G Q . -27.85 16.77 -18.41
C4 A2G Q . -29.01 18.09 -16.71
C4 A2G Q . -29.63 17.87 -17.14
O4 A2G Q . -29.74 17.93 -17.97
O4 A2G Q . -30.58 17.45 -18.17
C5 A2G Q . -29.97 18.01 -15.51
C5 A2G Q . -30.26 17.84 -15.75
C6 A2G Q . -30.84 19.26 -15.48
C6 A2G Q . -31.39 18.89 -15.64
O6 A2G Q . -31.46 19.27 -14.17
O6 A2G Q . -32.49 18.39 -14.86
C7 A2G Q . -27.81 13.55 -17.56
C7 A2G Q . -27.89 13.43 -17.20
O7 A2G Q . -28.70 13.43 -18.39
O7 A2G Q . -28.99 12.98 -17.50
C8 A2G Q . -26.63 12.55 -17.54
C8 A2G Q . -26.59 12.60 -17.30
C1 FUC Q . -28.74 13.95 -6.78
C1 FUC Q . -28.73 13.80 -6.87
C2 FUC Q . -30.01 13.19 -6.39
C2 FUC Q . -29.97 12.92 -6.69
C3 FUC Q . -30.80 12.85 -7.61
C3 FUC Q . -30.65 12.64 -8.04
C4 FUC Q . -29.91 12.12 -8.64
C4 FUC Q . -29.65 12.07 -9.08
C5 FUC Q . -28.60 12.96 -8.88
C5 FUC Q . -28.40 12.96 -9.13
C6 FUC Q . -27.68 12.27 -9.85
C6 FUC Q . -27.34 12.41 -10.02
O2 FUC Q . -30.85 13.98 -5.48
O2 FUC Q . -30.86 13.57 -5.78
O3 FUC Q . -31.92 12.07 -7.19
O3 FUC Q . -31.72 11.71 -7.91
O4 FUC Q . -29.58 10.80 -8.18
O4 FUC Q . -29.29 10.71 -8.77
O5 FUC Q . -27.91 13.17 -7.65
O5 FUC Q . -27.83 13.18 -7.82
CA CA R . -4.34 2.93 -10.77
N1 BCN S . -6.41 1.73 -9.51
C1 BCN S . -7.46 2.75 -9.21
C2 BCN S . -7.47 3.86 -10.21
O21 BCN S . -8.56 4.45 -10.43
O22 BCN S . -6.38 4.15 -10.75
C3 BCN S . -5.89 1.24 -8.23
C4 BCN S . -4.80 2.08 -7.67
O4 BCN S . -3.98 2.52 -8.76
C5 BCN S . -6.88 0.62 -10.37
C6 BCN S . -6.66 0.87 -11.81
O6 BCN S . -5.42 1.60 -12.07
CA CA T . -0.51 2.42 -11.69
N1 BCN U . 2.32 3.20 -10.55
C1 BCN U . 3.08 2.42 -11.51
C2 BCN U . 2.57 1.69 -12.72
O21 BCN U . 1.36 1.53 -12.86
O22 BCN U . 3.44 1.23 -13.50
C3 BCN U . 1.70 4.48 -10.88
C4 BCN U . 1.54 4.86 -12.31
O4 BCN U . 0.18 4.65 -12.66
C5 BCN U . 2.13 2.67 -9.18
C6 BCN U . 0.76 2.64 -8.62
O6 BCN U . 0.00 1.90 -9.58
N1 BCN V . -3.15 10.25 -2.33
C1 BCN V . -3.61 10.62 -3.73
C2 BCN V . -4.85 11.39 -4.14
O21 BCN V . -5.89 11.14 -3.54
O22 BCN V . -4.80 12.22 -5.12
C3 BCN V . -3.03 11.18 -1.20
C4 BCN V . -3.86 12.42 -1.14
O4 BCN V . -5.13 12.01 -0.71
C5 BCN V . -2.91 8.79 -2.10
C6 BCN V . -3.76 8.12 -1.09
O6 BCN V . -5.05 8.22 -1.68
CA CA W . -8.29 8.36 1.42
C1 FUC X . -5.91 31.26 6.89
C2 FUC X . -4.80 32.29 6.59
C3 FUC X . -4.42 33.00 7.88
C4 FUC X . -3.96 31.94 8.86
C5 FUC X . -5.14 30.99 9.17
C6 FUC X . -4.82 29.93 10.22
O1 FUC X . -7.18 31.93 7.14
O2 FUC X . -5.10 33.29 5.62
O3 FUC X . -3.38 33.97 7.66
O4 FUC X . -2.81 31.33 8.25
O5 FUC X . -5.58 30.33 7.98
N1 BCN Y . -9.21 5.88 2.24
C1 BCN Y . -9.64 5.99 3.65
C2 BCN Y . -9.90 7.39 4.10
O21 BCN Y . -10.61 7.57 5.13
O22 BCN Y . -9.39 8.34 3.50
C3 BCN Y . -8.11 4.91 2.09
C4 BCN Y . -7.14 5.47 1.07
O4 BCN Y . -6.66 6.74 1.58
C5 BCN Y . -10.32 5.55 1.32
C6 BCN Y . -11.22 6.75 1.06
O6 BCN Y . -10.46 7.90 0.69
CA CA Z . -6.17 10.04 -1.47
CA CA AA . -2.44 0.96 11.81
N1 BCN BA . -0.15 6.40 9.47
C1 BCN BA . -0.78 7.74 9.28
C2 BCN BA . -1.94 8.00 10.23
O21 BCN BA . -2.60 7.06 10.76
O22 BCN BA . -2.22 9.19 10.49
C3 BCN BA . 0.08 5.73 8.19
C4 BCN BA . -1.13 5.04 7.70
O4 BCN BA . -1.60 4.28 8.80
C5 BCN BA . 1.08 6.48 10.24
C6 BCN BA . 0.82 6.62 11.69
O6 BCN BA . -0.10 5.63 12.17
N1 BCN CA . -3.75 -1.23 10.94
C1 BCN CA . -3.40 -2.41 11.76
C2 BCN CA . -2.55 -2.09 12.94
O21 BCN CA . -2.35 -3.06 13.70
O22 BCN CA . -2.05 -0.95 13.08
C3 BCN CA . -3.39 -1.50 9.54
C4 BCN CA . -2.89 -0.25 8.93
O4 BCN CA . -2.04 0.40 9.89
C5 BCN CA . -5.15 -0.87 11.03
C6 BCN CA . -5.50 -0.25 12.35
O6 BCN CA . -4.59 0.79 12.70
CA CA DA . -1.88 4.78 10.86
CA CA EA . 5.33 -9.29 5.96
N1 BCN FA . 7.80 -3.88 8.04
C1 BCN FA . 7.52 -3.08 9.25
C2 BCN FA . 7.29 -3.97 10.42
O21 BCN FA . 6.85 -5.13 10.23
O22 BCN FA . 7.54 -3.46 11.51
C3 BCN FA . 7.19 -3.25 6.87
C4 BCN FA . 5.70 -3.36 6.82
O4 BCN FA . 5.37 -4.77 6.88
C5 BCN FA . 9.22 -4.07 7.77
C6 BCN FA . 9.79 -5.32 8.34
O6 BCN FA . 8.91 -6.42 8.17
N1 BCN GA . 3.23 -10.36 4.72
C1 BCN GA . 3.54 -11.50 3.82
C2 BCN GA . 4.94 -12.04 4.07
O21 BCN GA . 5.21 -13.17 3.62
O22 BCN GA . 5.72 -11.32 4.72
C3 BCN GA . 2.53 -9.34 3.90
C4 BCN GA . 2.85 -7.96 4.37
O4 BCN GA . 4.24 -7.89 4.60
C5 BCN GA . 2.35 -10.77 5.83
C6 BCN GA . 3.02 -11.58 6.90
O6 BCN GA . 4.11 -10.81 7.46
CA CA HA . 6.54 -6.23 8.19
C1 GLC IA . 26.15 -16.52 13.12
C2 GLC IA . 26.95 -15.22 12.98
C3 GLC IA . 27.42 -15.05 11.58
C4 GLC IA . 28.11 -16.34 11.09
C5 GLC IA . 27.22 -17.59 11.40
C6 GLC IA . 27.97 -18.81 10.93
O1 GLC IA . 25.01 -16.46 12.25
O2 GLC IA . 26.12 -14.13 13.32
O3 GLC IA . 28.39 -13.97 11.58
O4 GLC IA . 28.31 -16.28 9.70
O5 GLC IA . 26.98 -17.61 12.81
O6 GLC IA . 27.00 -19.88 11.06
N1 BCN JA . 9.03 -5.60 -4.28
C1 BCN JA . 9.88 -6.54 -3.49
C2 BCN JA . 10.04 -7.99 -3.82
O21 BCN JA . 9.15 -8.60 -4.39
O22 BCN JA . 11.08 -8.54 -3.41
C3 BCN JA . 9.40 -5.15 -5.63
C4 BCN JA . 10.18 -6.01 -6.57
O4 BCN JA . 9.24 -6.92 -7.17
C5 BCN JA . 7.81 -5.05 -3.63
C6 BCN JA . 6.54 -5.84 -3.42
O6 BCN JA . 6.29 -6.57 -4.60
CA CA KA . 4.22 -8.12 -7.92
N1 BCN LA . 1.12 -8.73 -7.81
C1 BCN LA . 1.10 -7.85 -8.98
C2 BCN LA . 1.91 -8.20 -10.18
O21 BCN LA . 3.13 -8.22 -9.95
O22 BCN LA . 1.31 -8.39 -11.27
C3 BCN LA . 1.37 -10.18 -8.07
C4 BCN LA . 2.51 -10.92 -7.50
O4 BCN LA . 3.76 -10.40 -7.90
C5 BCN LA . 1.28 -8.13 -6.50
C6 BCN LA . 1.54 -6.67 -6.39
O6 BCN LA . 2.93 -6.48 -6.71
CA CA MA . 7.41 -7.75 -5.63
O1 PG4 NA . -35.57 -10.90 -24.06
C1 PG4 NA . -36.58 -10.29 -24.87
C2 PG4 NA . -37.65 -9.75 -23.93
O2 PG4 NA . -37.38 -8.37 -23.67
C3 PG4 NA . -37.95 -7.84 -22.50
C4 PG4 NA . -37.37 -6.46 -22.30
O3 PG4 NA . -35.96 -6.53 -22.13
C5 PG4 NA . -35.46 -5.95 -20.93
C6 PG4 NA . -34.04 -5.47 -21.12
O4 PG4 NA . -33.36 -6.37 -21.96
C7 PG4 NA . -32.08 -6.72 -21.50
C8 PG4 NA . -31.44 -7.65 -22.49
O5 PG4 NA . -32.07 -8.89 -22.63
C1 GLC OA . 9.08 -29.84 -12.78
C2 GLC OA . 7.62 -30.28 -12.57
C3 GLC OA . 7.44 -30.75 -11.13
C4 GLC OA . 8.55 -31.83 -10.72
C5 GLC OA . 9.97 -31.34 -11.09
C6 GLC OA . 11.07 -32.42 -11.06
O1 GLC OA . 9.40 -28.69 -11.97
O2 GLC OA . 6.74 -29.12 -12.89
O3 GLC OA . 6.19 -31.46 -10.96
O4 GLC OA . 8.47 -32.07 -9.28
O5 GLC OA . 10.02 -30.91 -12.44
O6 GLC OA . 10.61 -33.56 -11.83
C1 FUC PA . 0.24 -23.82 22.97
C2 FUC PA . -0.83 -24.93 22.75
C3 FUC PA . -1.85 -24.91 23.86
C4 FUC PA . -2.46 -23.53 23.92
C5 FUC PA . -1.40 -22.43 24.10
C6 FUC PA . -1.98 -21.03 24.06
O1 FUC PA . 1.09 -24.13 24.10
O2 FUC PA . -0.29 -26.25 22.74
O3 FUC PA . -2.83 -25.95 23.60
O4 FUC PA . -3.17 -23.41 22.70
O5 FUC PA . -0.41 -22.51 23.09
#